data_6FN1
#
_entry.id   6FN1
#
_cell.length_a   1.0
_cell.length_b   1.0
_cell.length_c   1.0
_cell.angle_alpha   90.00
_cell.angle_beta   90.00
_cell.angle_gamma   90.00
#
_symmetry.space_group_name_H-M   'P 1'
#
loop_
_entity.id
_entity.type
_entity.pdbx_description
1 polymer 'Human-mouse chimeric ABCB1 (ABCBHM)'
2 polymer 'UIC2 Antigen Binding Fragment Light chain'
3 polymer 'UIC2 Antigen Binding Fragment Heavy Chain'
4 non-polymer 2-acetamido-2-deoxy-beta-D-glucopyranose
5 non-polymer Zosuquidar
#
loop_
_entity_poly.entity_id
_entity_poly.type
_entity_poly.pdbx_seq_one_letter_code
_entity_poly.pdbx_strand_id
1 'polypeptide(L)'
;PAVSVLTMFRYAGWLDRLYMLVGTLAAIIHGVALPLMMLIFGEMTDIFANAGNLEDLMSNITNRSDINDTGFFMNLEEDM
TTYAYYYTGIGAGVLIVAYIQVSFWLLAAGRQIHKIRQKFFHAIMNQEIGWFDVHDVGELNTRLTDDVSKINEGIGDKIG
MFFQAMATFFGGFIIGFTRGWKLTLVILAISPVLGLSAGIWAKILSSFTDKELHAYAKAGAVAEEVLAAIRTVIAFGGQK
KELERYNNNLEEAKRLGIKKAITANISMGAAFLLIYASYALAFWYGTTLVLSGEYSIGQVLTVFFSVLIGAFSVGQASPN
IEAFANARGAAYEVFKIIDNKPSIDSFSKSGHKPDNIQGNLEFKNIHFSYPSRKEVQILKGLNLKVKSGQTVALVGNSGA
GKSTTVQLMQRLYDPLDGMVSIDGQDIRTINVRYLREIIGVVSQEPVLFATTIAENIRYGREDVTMDEIEKAVKEANAYD
FIMKLPHQFDTLVGERGAQLSGGQKQRIAIARALVRNPKILLLDEATCALDTESEAVVQAALDKAREGRTTIVIAHRLST
VRNADVIAGFDGGVIVEQGNHDELMREKGIYFKLVMTQTAGNEIELGNEAAKSKDEIDNLDMSSKDSGSSLIRRRSTRKS
IAGPHDQDRKLSTKEALDEDVPPASFWRILKLNSTEWPYFVVGIFVAIINGGLQPAFSVIFSKIIGVFTRIDDPETKRQN
SNLFSLLFLILGIISFITFFLQGFTFGKAGEILTKRLRYMVFKSMLRQDVSWFDDPKNTTGALTTRLANDAAQVKGATGS
RLAVIFQNIANLGTGIIISFIYGWQLTLLLLAIVPIIAIAGVVEMKMLSGQALKDKKELEGSGKIATEAIENFRTVVSLT
REQKFETMYAQSLQIPYRNAMKKAHVFGITFSFTQAMMYFSYAAAFRFGAYLVAHKLMSFEDVLLVFSAIVFGAMAVGQV
SSFAPDYAKATVSASHIIRIIEKTPEIDSYSTQGLKPNMLEGNVQFSGVVFNYPTRPSIPVLQGLSLEVKKGQTLALVGS
SGAGKSTVVQLLERFYDPMAGSVFLDGKEIKQLNVQWLRAQLGIVSQEPILFDTSIAENIAYGDNSRVVSYEEIVRAAKE
ANIHQFIDSLPDKYNTRVGDKGTQLSGGQKQRIAIARALVRQPHILLLDEATCALDTESEKVVQEALDKAREGRTTIVIA
HRLSTIQNADLIVVIQNGKVKEHGTHQQLLAQKGIYFSMVSVQAGAKRS
;
A
2 'polypeptide(L)'
;QVVMTQSPLSLPVSLGDQASISCRSSQSLLHSNGNTYLHWYLQKPGQSPKLLIYKVSNRFSGVPDRFSGSGSGTDFTLKI
SRVEAEDLGVYFCSQSTHIPPWTFGGGTKLDIKRADAAPTVSIFPPSSEQLTSGGLSVVCFLNNFYPKDINVKWKIDGSE
RQNGVLNSWTDQDSKDSTYSMSSTLTLTKDEYERHNSYTCEATHKTSTSPIVKSFNRNEC
;
B
3 'polypeptide(L)'
;EVQLQESGPELVKTGASVKISCKASGYSFSNYYIHWVKQSHGKSLEWIGFISCYNGATFYNQKFKGKATFTVDNSSSTAY
MKFNSLTFEDSAVYYCARLPIQFGNFYPMDYWGQGTTVTVSSAKTTAPSVYPLAPVCGDTTGSSVTLGCLVKGYFPEPVT
LTWNSGSLSSGVHTFPAVLQSDLYTLSSSVTVTSSTWPSQSITCNVAHPASSTKVDKKIEPRGPT
;
C
#
# COMPACT_ATOMS: atom_id res chain seq x y z
N PRO A 1 26.28 -6.86 -9.71
CA PRO A 1 25.84 -6.53 -8.35
C PRO A 1 24.50 -7.16 -7.98
N ALA A 2 24.47 -8.49 -7.90
CA ALA A 2 23.22 -9.19 -7.57
C ALA A 2 23.57 -10.54 -6.98
N VAL A 3 23.25 -10.72 -5.70
CA VAL A 3 23.33 -12.03 -5.08
C VAL A 3 22.20 -12.90 -5.65
N SER A 4 22.46 -14.19 -5.79
CA SER A 4 21.37 -15.10 -6.09
C SER A 4 20.53 -15.28 -4.82
N VAL A 5 19.29 -15.72 -5.01
CA VAL A 5 18.34 -15.76 -3.89
C VAL A 5 18.81 -16.75 -2.83
N LEU A 6 19.37 -17.88 -3.26
CA LEU A 6 19.84 -18.89 -2.33
C LEU A 6 21.15 -18.48 -1.66
N THR A 7 22.01 -17.75 -2.36
CA THR A 7 23.24 -17.25 -1.76
C THR A 7 22.95 -16.21 -0.70
N MET A 8 21.87 -15.44 -0.90
CA MET A 8 21.45 -14.47 0.12
C MET A 8 20.96 -15.16 1.40
N PHE A 9 20.23 -16.25 1.28
CA PHE A 9 19.77 -17.01 2.44
C PHE A 9 20.86 -17.97 2.91
N ARG A 10 21.99 -17.41 3.33
CA ARG A 10 23.13 -18.22 3.73
C ARG A 10 23.34 -18.23 5.23
N TYR A 11 22.83 -17.24 5.95
CA TYR A 11 23.05 -17.14 7.39
C TYR A 11 21.84 -17.57 8.21
N ALA A 12 20.96 -18.38 7.63
CA ALA A 12 19.80 -18.92 8.34
C ALA A 12 20.10 -20.33 8.79
N GLY A 13 19.88 -20.60 10.07
CA GLY A 13 20.04 -21.93 10.62
C GLY A 13 18.88 -22.83 10.26
N TRP A 14 18.72 -23.89 11.05
CA TRP A 14 17.58 -24.77 10.85
C TRP A 14 16.30 -24.19 11.42
N LEU A 15 16.42 -23.22 12.34
CA LEU A 15 15.24 -22.66 12.99
C LEU A 15 14.57 -21.60 12.12
N ASP A 16 15.36 -20.67 11.58
CA ASP A 16 14.80 -19.54 10.84
C ASP A 16 14.18 -19.97 9.53
N ARG A 17 14.63 -21.10 8.96
CA ARG A 17 13.94 -21.64 7.80
C ARG A 17 12.58 -22.18 8.18
N LEU A 18 12.44 -22.67 9.41
CA LEU A 18 11.12 -23.09 9.88
C LEU A 18 10.25 -21.88 10.18
N TYR A 19 10.83 -20.80 10.71
CA TYR A 19 10.07 -19.58 10.93
C TYR A 19 9.55 -19.00 9.63
N MET A 20 10.40 -18.90 8.62
CA MET A 20 9.91 -18.35 7.36
C MET A 20 9.04 -19.33 6.60
N LEU A 21 9.12 -20.64 6.89
CA LEU A 21 8.20 -21.57 6.25
C LEU A 21 6.81 -21.46 6.85
N VAL A 22 6.73 -21.45 8.18
CA VAL A 22 5.42 -21.37 8.84
C VAL A 22 4.81 -19.99 8.64
N GLY A 23 5.64 -18.93 8.74
CA GLY A 23 5.17 -17.60 8.40
C GLY A 23 4.81 -17.43 6.94
N THR A 24 5.41 -18.22 6.04
CA THR A 24 4.97 -18.20 4.65
C THR A 24 3.59 -18.80 4.51
N LEU A 25 3.37 -19.97 5.10
CA LEU A 25 2.05 -20.59 5.01
C LEU A 25 0.98 -19.71 5.67
N ALA A 26 1.35 -19.07 6.78
CA ALA A 26 0.46 -18.12 7.43
C ALA A 26 0.18 -16.91 6.57
N ALA A 27 1.15 -16.48 5.75
CA ALA A 27 0.89 -15.42 4.80
C ALA A 27 -0.13 -15.88 3.76
N ILE A 28 -0.03 -17.13 3.33
CA ILE A 28 -0.94 -17.63 2.30
C ILE A 28 -2.36 -17.69 2.84
N ILE A 29 -2.54 -18.23 4.06
CA ILE A 29 -3.91 -18.34 4.56
C ILE A 29 -4.38 -17.08 5.26
N HIS A 30 -3.53 -16.07 5.44
CA HIS A 30 -4.01 -14.75 5.81
C HIS A 30 -4.48 -13.97 4.60
N GLY A 31 -3.83 -14.18 3.46
CA GLY A 31 -4.18 -13.40 2.30
C GLY A 31 -5.53 -13.77 1.72
N VAL A 32 -5.98 -15.00 1.96
CA VAL A 32 -7.23 -15.48 1.38
C VAL A 32 -8.42 -15.21 2.29
N ALA A 33 -8.21 -14.52 3.41
CA ALA A 33 -9.31 -14.27 4.34
C ALA A 33 -10.28 -13.21 3.80
N LEU A 34 -9.74 -12.09 3.31
CA LEU A 34 -10.59 -10.97 2.88
C LEU A 34 -11.47 -11.26 1.66
N PRO A 35 -11.04 -12.00 0.62
CA PRO A 35 -12.00 -12.29 -0.45
C PRO A 35 -13.16 -13.17 -0.02
N LEU A 36 -12.93 -14.17 0.84
CA LEU A 36 -14.08 -14.91 1.34
C LEU A 36 -14.87 -14.13 2.37
N MET A 37 -14.27 -13.12 3.00
CA MET A 37 -15.07 -12.13 3.74
C MET A 37 -16.04 -11.41 2.80
N MET A 38 -15.59 -11.08 1.59
CA MET A 38 -16.51 -10.52 0.61
C MET A 38 -17.51 -11.56 0.10
N LEU A 39 -17.15 -12.84 0.16
CA LEU A 39 -18.13 -13.88 -0.16
C LEU A 39 -19.27 -13.88 0.85
N ILE A 40 -18.93 -13.94 2.14
CA ILE A 40 -19.94 -13.97 3.21
C ILE A 40 -20.77 -12.70 3.18
N PHE A 41 -20.15 -11.56 2.86
CA PHE A 41 -20.93 -10.34 2.70
C PHE A 41 -21.91 -10.45 1.53
N GLY A 42 -21.52 -11.17 0.47
CA GLY A 42 -22.44 -11.41 -0.63
C GLY A 42 -23.66 -12.22 -0.21
N GLU A 43 -23.44 -13.32 0.51
CA GLU A 43 -24.60 -14.11 0.96
C GLU A 43 -25.49 -13.34 1.92
N MET A 44 -24.92 -12.56 2.85
CA MET A 44 -25.80 -11.89 3.80
C MET A 44 -26.59 -10.77 3.14
N THR A 45 -25.99 -10.06 2.17
CA THR A 45 -26.81 -9.06 1.50
C THR A 45 -27.82 -9.70 0.56
N ASP A 46 -27.63 -10.96 0.16
CA ASP A 46 -28.73 -11.68 -0.48
C ASP A 46 -29.83 -12.08 0.51
N ILE A 47 -29.46 -12.37 1.76
CA ILE A 47 -30.46 -12.63 2.80
C ILE A 47 -31.35 -11.40 3.01
N PHE A 48 -30.73 -10.25 3.28
CA PHE A 48 -31.50 -9.04 3.53
C PHE A 48 -32.23 -8.54 2.29
N ALA A 49 -31.65 -8.70 1.10
CA ALA A 49 -32.34 -8.25 -0.10
C ALA A 49 -33.55 -9.12 -0.41
N ASN A 50 -33.44 -10.44 -0.20
CA ASN A 50 -34.57 -11.30 -0.52
C ASN A 50 -35.69 -11.18 0.51
N ALA A 51 -35.35 -11.04 1.80
CA ALA A 51 -36.40 -10.86 2.79
C ALA A 51 -37.01 -9.47 2.72
N GLY A 52 -36.22 -8.46 2.32
CA GLY A 52 -36.78 -7.14 2.13
C GLY A 52 -37.70 -7.07 0.93
N ASN A 53 -37.36 -7.77 -0.15
CA ASN A 53 -38.26 -7.80 -1.29
C ASN A 53 -39.51 -8.61 -1.00
N LEU A 54 -39.40 -9.66 -0.19
CA LEU A 54 -40.61 -10.45 0.08
C LEU A 54 -41.56 -9.74 1.02
N GLU A 55 -41.05 -9.12 2.08
CA GLU A 55 -41.94 -8.40 2.99
C GLU A 55 -42.45 -7.13 2.33
N ASP A 56 -41.61 -6.47 1.53
CA ASP A 56 -42.06 -5.27 0.86
C ASP A 56 -42.95 -5.59 -0.33
N LEU A 57 -43.06 -6.85 -0.72
CA LEU A 57 -44.08 -7.21 -1.68
C LEU A 57 -45.45 -7.11 -1.04
N MET A 58 -45.70 -7.91 -0.01
CA MET A 58 -47.04 -8.03 0.59
C MET A 58 -47.15 -7.25 1.90
N SER A 59 -47.29 -5.94 1.75
CA SER A 59 -47.68 -5.07 2.86
C SER A 59 -49.15 -4.71 2.81
N ASN A 60 -49.91 -5.32 1.90
CA ASN A 60 -51.33 -5.10 1.69
C ASN A 60 -52.15 -6.24 2.27
N ILE A 61 -51.74 -6.74 3.43
CA ILE A 61 -52.12 -8.09 3.86
C ILE A 61 -52.91 -8.02 5.17
N THR A 62 -53.77 -7.02 5.29
CA THR A 62 -54.79 -7.03 6.33
C THR A 62 -55.99 -7.81 5.77
N ASN A 63 -56.54 -8.77 6.53
CA ASN A 63 -56.46 -8.92 7.98
C ASN A 63 -55.27 -9.80 8.41
N ARG A 64 -55.24 -10.22 9.68
CA ARG A 64 -54.09 -10.20 10.58
C ARG A 64 -52.71 -10.33 9.93
N SER A 65 -51.80 -9.42 10.32
CA SER A 65 -50.48 -9.33 9.74
C SER A 65 -49.38 -9.26 10.79
N ASP A 66 -49.72 -9.39 12.07
CA ASP A 66 -48.76 -9.16 13.15
C ASP A 66 -47.69 -10.25 13.23
N ILE A 67 -47.96 -11.42 12.66
CA ILE A 67 -47.01 -12.52 12.67
C ILE A 67 -46.59 -12.92 11.26
N ASN A 68 -47.30 -12.47 10.23
CA ASN A 68 -46.85 -12.67 8.85
C ASN A 68 -45.55 -11.93 8.57
N ASP A 69 -45.55 -10.61 8.73
CA ASP A 69 -44.37 -9.81 8.40
C ASP A 69 -43.26 -10.04 9.41
N THR A 70 -43.63 -10.17 10.69
CA THR A 70 -42.66 -10.48 11.73
C THR A 70 -42.08 -11.87 11.51
N GLY A 71 -42.86 -12.82 10.96
CA GLY A 71 -42.30 -14.10 10.56
C GLY A 71 -41.44 -14.01 9.31
N PHE A 72 -41.80 -13.09 8.40
CA PHE A 72 -40.98 -12.78 7.24
C PHE A 72 -39.65 -12.16 7.64
N PHE A 73 -39.56 -11.69 8.86
CA PHE A 73 -38.28 -11.35 9.45
C PHE A 73 -37.77 -12.40 10.45
N MET A 74 -38.60 -13.38 10.81
CA MET A 74 -38.10 -14.58 11.46
C MET A 74 -37.33 -15.45 10.47
N ASN A 75 -37.51 -15.20 9.18
CA ASN A 75 -36.52 -15.66 8.23
C ASN A 75 -35.16 -15.02 8.52
N LEU A 76 -35.09 -13.70 8.55
CA LEU A 76 -33.79 -13.04 8.61
C LEU A 76 -33.22 -12.90 10.00
N GLU A 77 -33.89 -13.38 11.03
CA GLU A 77 -33.30 -13.19 12.35
C GLU A 77 -32.57 -14.41 12.88
N GLU A 78 -33.03 -15.61 12.55
CA GLU A 78 -32.30 -16.83 12.88
C GLU A 78 -31.30 -17.23 11.80
N ASP A 79 -31.30 -16.57 10.64
CA ASP A 79 -30.31 -16.88 9.63
C ASP A 79 -29.00 -16.14 9.84
N MET A 80 -29.03 -14.98 10.47
CA MET A 80 -27.78 -14.31 10.74
C MET A 80 -27.20 -14.74 12.09
N THR A 81 -27.88 -15.66 12.78
CA THR A 81 -27.28 -16.30 13.95
C THR A 81 -26.08 -17.14 13.54
N THR A 82 -26.06 -17.67 12.31
CA THR A 82 -24.91 -18.41 11.82
C THR A 82 -23.95 -17.59 10.97
N TYR A 83 -24.42 -16.52 10.33
CA TYR A 83 -23.47 -15.63 9.64
C TYR A 83 -22.70 -14.77 10.62
N ALA A 84 -23.25 -14.54 11.82
CA ALA A 84 -22.44 -13.99 12.89
C ALA A 84 -21.32 -14.96 13.28
N TYR A 85 -21.59 -16.26 13.19
CA TYR A 85 -20.57 -17.26 13.47
C TYR A 85 -19.54 -17.32 12.36
N TYR A 86 -19.94 -17.11 11.10
CA TYR A 86 -18.95 -17.07 10.02
C TYR A 86 -18.05 -15.86 10.15
N TYR A 87 -18.62 -14.69 10.45
CA TYR A 87 -17.81 -13.49 10.62
C TYR A 87 -16.89 -13.61 11.82
N THR A 88 -17.38 -14.15 12.94
CA THR A 88 -16.47 -14.29 14.07
C THR A 88 -15.50 -15.45 13.89
N GLY A 89 -15.76 -16.36 12.96
CA GLY A 89 -14.81 -17.40 12.63
C GLY A 89 -13.67 -16.88 11.79
N ILE A 90 -13.99 -16.06 10.79
CA ILE A 90 -12.96 -15.40 9.99
C ILE A 90 -12.14 -14.46 10.87
N GLY A 91 -12.80 -13.78 11.81
CA GLY A 91 -12.05 -12.92 12.71
C GLY A 91 -11.17 -13.70 13.68
N ALA A 92 -11.68 -14.77 14.28
CA ALA A 92 -10.89 -15.53 15.23
C ALA A 92 -9.84 -16.39 14.56
N GLY A 93 -9.93 -16.62 13.26
CA GLY A 93 -8.87 -17.28 12.54
C GLY A 93 -7.81 -16.30 12.13
N VAL A 94 -8.24 -15.15 11.59
CA VAL A 94 -7.31 -14.14 11.13
C VAL A 94 -6.59 -13.45 12.28
N LEU A 95 -7.07 -13.64 13.52
CA LEU A 95 -6.33 -13.15 14.67
C LEU A 95 -5.03 -13.93 14.87
N ILE A 96 -5.13 -15.26 14.96
CA ILE A 96 -3.92 -16.04 15.20
C ILE A 96 -3.09 -16.17 13.94
N VAL A 97 -3.72 -16.18 12.76
CA VAL A 97 -2.98 -16.27 11.51
C VAL A 97 -2.21 -14.98 11.23
N ALA A 98 -2.89 -13.83 11.38
CA ALA A 98 -2.21 -12.54 11.24
C ALA A 98 -1.16 -12.37 12.31
N TYR A 99 -1.36 -12.97 13.48
CA TYR A 99 -0.32 -12.94 14.50
C TYR A 99 0.92 -13.70 14.07
N ILE A 100 0.74 -14.92 13.57
CA ILE A 100 1.91 -15.75 13.34
C ILE A 100 2.64 -15.37 12.06
N GLN A 101 1.98 -14.72 11.09
CA GLN A 101 2.76 -14.39 9.90
C GLN A 101 3.69 -13.20 10.15
N VAL A 102 3.26 -12.21 10.91
CA VAL A 102 4.04 -11.00 11.03
C VAL A 102 5.17 -11.21 12.02
N SER A 103 4.88 -11.84 13.15
CA SER A 103 5.92 -12.06 14.16
C SER A 103 6.96 -13.07 13.71
N PHE A 104 6.61 -14.03 12.87
CA PHE A 104 7.62 -15.00 12.45
C PHE A 104 8.60 -14.38 11.46
N TRP A 105 8.13 -13.53 10.55
CA TRP A 105 9.05 -12.92 9.61
C TRP A 105 9.94 -11.89 10.29
N LEU A 106 9.40 -11.13 11.25
CA LEU A 106 10.22 -10.16 11.96
C LEU A 106 11.26 -10.86 12.82
N LEU A 107 10.97 -12.07 13.28
CA LEU A 107 11.87 -12.76 14.19
C LEU A 107 12.99 -13.44 13.42
N ALA A 108 12.64 -14.03 12.27
CA ALA A 108 13.63 -14.57 11.36
C ALA A 108 14.57 -13.48 10.85
N ALA A 109 14.03 -12.31 10.52
CA ALA A 109 14.88 -11.19 10.15
C ALA A 109 15.72 -10.70 11.31
N GLY A 110 15.22 -10.78 12.53
CA GLY A 110 16.03 -10.34 13.66
C GLY A 110 17.23 -11.23 13.91
N ARG A 111 17.05 -12.55 13.80
CA ARG A 111 18.19 -13.45 13.97
C ARG A 111 19.16 -13.36 12.80
N GLN A 112 18.63 -13.29 11.56
CA GLN A 112 19.51 -13.21 10.40
C GLN A 112 20.31 -11.92 10.41
N ILE A 113 19.65 -10.77 10.59
CA ILE A 113 20.36 -9.50 10.56
C ILE A 113 21.20 -9.31 11.82
N HIS A 114 20.91 -10.04 12.89
CA HIS A 114 21.85 -10.05 14.00
C HIS A 114 23.15 -10.73 13.61
N LYS A 115 23.08 -11.90 12.95
CA LYS A 115 24.31 -12.59 12.57
C LYS A 115 25.03 -11.89 11.41
N ILE A 116 24.28 -11.35 10.45
CA ILE A 116 24.88 -10.61 9.34
C ILE A 116 25.55 -9.36 9.84
N ARG A 117 24.93 -8.65 10.78
CA ARG A 117 25.52 -7.41 11.27
C ARG A 117 26.76 -7.69 12.10
N GLN A 118 26.70 -8.70 12.98
CA GLN A 118 27.85 -9.00 13.82
C GLN A 118 29.02 -9.53 13.00
N LYS A 119 28.76 -10.42 12.05
CA LYS A 119 29.83 -10.99 11.25
C LYS A 119 30.32 -10.03 10.18
N PHE A 120 29.52 -9.04 9.79
CA PHE A 120 29.99 -8.01 8.89
C PHE A 120 30.92 -7.05 9.62
N PHE A 121 30.66 -6.77 10.89
CA PHE A 121 31.66 -6.03 11.66
C PHE A 121 32.92 -6.87 11.90
N HIS A 122 32.77 -8.19 12.06
CA HIS A 122 33.93 -9.08 12.10
C HIS A 122 34.77 -8.94 10.83
N ALA A 123 34.15 -9.13 9.67
CA ALA A 123 34.89 -9.17 8.43
C ALA A 123 35.41 -7.81 8.00
N ILE A 124 34.84 -6.71 8.51
CA ILE A 124 35.52 -5.44 8.31
C ILE A 124 36.72 -5.34 9.23
N MET A 125 36.57 -5.72 10.50
CA MET A 125 37.72 -5.64 11.40
C MET A 125 38.80 -6.66 11.09
N ASN A 126 38.48 -7.72 10.35
CA ASN A 126 39.48 -8.65 9.82
C ASN A 126 39.71 -8.31 8.36
N GLN A 127 40.45 -7.23 8.13
CA GLN A 127 40.75 -6.86 6.76
C GLN A 127 42.09 -6.12 6.77
N GLU A 128 42.87 -6.30 5.72
CA GLU A 128 44.24 -5.84 5.73
C GLU A 128 44.32 -4.32 5.59
N ILE A 129 45.42 -3.75 6.09
CA ILE A 129 45.54 -2.31 6.23
C ILE A 129 45.79 -1.62 4.89
N GLY A 130 46.19 -2.35 3.85
CA GLY A 130 46.29 -1.76 2.53
C GLY A 130 44.97 -1.62 1.83
N TRP A 131 44.04 -2.56 2.09
CA TRP A 131 42.66 -2.41 1.67
C TRP A 131 42.01 -1.22 2.36
N PHE A 132 42.49 -0.85 3.54
CA PHE A 132 41.88 0.24 4.31
C PHE A 132 42.13 1.59 3.65
N ASP A 133 43.27 1.77 3.01
CA ASP A 133 43.61 3.08 2.45
C ASP A 133 43.11 3.26 1.03
N VAL A 134 42.76 2.18 0.34
CA VAL A 134 42.07 2.31 -0.94
C VAL A 134 40.65 2.80 -0.72
N HIS A 135 39.95 2.21 0.24
CA HIS A 135 38.53 2.46 0.45
C HIS A 135 38.34 3.46 1.57
N ASP A 136 37.89 4.64 1.18
CA ASP A 136 37.37 5.75 1.97
C ASP A 136 36.64 5.28 3.22
N VAL A 137 36.96 5.85 4.38
CA VAL A 137 36.53 5.27 5.64
C VAL A 137 35.13 5.74 6.03
N GLY A 138 34.78 6.98 5.68
CA GLY A 138 33.45 7.48 6.00
C GLY A 138 32.38 6.76 5.23
N GLU A 139 32.66 6.45 3.95
CA GLU A 139 31.68 5.70 3.18
C GLU A 139 31.54 4.28 3.68
N LEU A 140 32.61 3.72 4.24
CA LEU A 140 32.54 2.35 4.75
C LEU A 140 31.73 2.30 6.03
N ASN A 141 31.85 3.34 6.86
CA ASN A 141 31.02 3.45 8.06
C ASN A 141 29.54 3.62 7.70
N THR A 142 29.25 4.51 6.75
CA THR A 142 27.87 4.68 6.29
C THR A 142 27.33 3.42 5.64
N ARG A 143 28.21 2.62 5.04
CA ARG A 143 27.81 1.31 4.53
C ARG A 143 27.45 0.38 5.67
N LEU A 144 28.19 0.45 6.78
CA LEU A 144 27.92 -0.41 7.93
C LEU A 144 26.54 -0.17 8.52
N THR A 145 26.13 1.10 8.63
CA THR A 145 24.77 1.32 9.12
C THR A 145 23.73 1.10 8.03
N ASP A 146 23.87 1.84 6.92
CA ASP A 146 22.85 1.92 5.88
C ASP A 146 22.62 0.57 5.19
N ASP A 147 23.70 -0.12 4.84
CA ASP A 147 23.56 -1.26 3.93
C ASP A 147 22.96 -2.46 4.65
N VAL A 148 23.38 -2.67 5.91
CA VAL A 148 22.78 -3.73 6.72
C VAL A 148 21.36 -3.36 7.10
N SER A 149 21.06 -2.07 7.30
CA SER A 149 19.68 -1.69 7.56
C SER A 149 18.81 -1.92 6.33
N LYS A 150 19.39 -1.78 5.14
CA LYS A 150 18.63 -2.02 3.92
C LYS A 150 18.37 -3.50 3.69
N ILE A 151 19.37 -4.34 3.96
CA ILE A 151 19.11 -5.79 3.84
C ILE A 151 18.15 -6.24 4.93
N ASN A 152 18.14 -5.56 6.08
CA ASN A 152 17.14 -5.82 7.13
C ASN A 152 15.73 -5.53 6.62
N GLU A 153 15.54 -4.38 5.98
CA GLU A 153 14.21 -4.05 5.50
C GLU A 153 13.77 -4.94 4.36
N GLY A 154 14.71 -5.38 3.53
CA GLY A 154 14.32 -6.22 2.41
C GLY A 154 14.10 -7.67 2.78
N ILE A 155 14.79 -8.15 3.81
CA ILE A 155 14.85 -9.60 4.02
C ILE A 155 13.63 -10.11 4.77
N GLY A 156 13.10 -9.33 5.71
CA GLY A 156 12.13 -9.92 6.61
C GLY A 156 10.67 -9.67 6.36
N ASP A 157 10.25 -8.42 6.38
CA ASP A 157 8.83 -8.16 6.51
C ASP A 157 8.15 -7.93 5.18
N LYS A 158 8.84 -7.29 4.23
CA LYS A 158 8.25 -6.98 2.95
C LYS A 158 7.92 -8.25 2.16
N ILE A 159 8.67 -9.33 2.37
CA ILE A 159 8.42 -10.54 1.60
C ILE A 159 7.49 -11.46 2.37
N GLY A 160 6.86 -10.93 3.41
CA GLY A 160 5.72 -11.59 4.01
C GLY A 160 4.47 -10.98 3.43
N MET A 161 4.46 -9.65 3.36
CA MET A 161 3.40 -8.94 2.66
C MET A 161 3.40 -9.23 1.17
N PHE A 162 4.52 -9.68 0.61
CA PHE A 162 4.51 -10.11 -0.78
C PHE A 162 3.65 -11.35 -0.98
N PHE A 163 3.85 -12.38 -0.16
CA PHE A 163 3.04 -13.59 -0.31
C PHE A 163 1.61 -13.37 0.16
N GLN A 164 1.42 -12.50 1.17
CA GLN A 164 0.06 -12.11 1.54
C GLN A 164 -0.67 -11.46 0.39
N ALA A 165 -0.03 -10.50 -0.29
CA ALA A 165 -0.71 -9.78 -1.35
C ALA A 165 -0.86 -10.62 -2.61
N MET A 166 0.07 -11.53 -2.88
CA MET A 166 -0.11 -12.42 -4.03
C MET A 166 -1.14 -13.51 -3.76
N ALA A 167 -1.25 -13.99 -2.52
CA ALA A 167 -2.32 -14.93 -2.20
C ALA A 167 -3.67 -14.24 -2.20
N THR A 168 -3.70 -12.96 -1.82
CA THR A 168 -4.91 -12.15 -1.98
C THR A 168 -5.25 -11.99 -3.45
N PHE A 169 -4.23 -11.89 -4.32
CA PHE A 169 -4.47 -11.80 -5.75
C PHE A 169 -5.06 -13.08 -6.31
N PHE A 170 -4.40 -14.22 -6.09
CA PHE A 170 -4.88 -15.45 -6.70
C PHE A 170 -6.16 -15.96 -6.05
N GLY A 171 -6.33 -15.76 -4.74
CA GLY A 171 -7.60 -16.11 -4.13
C GLY A 171 -8.73 -15.18 -4.57
N GLY A 172 -8.42 -13.90 -4.76
CA GLY A 172 -9.41 -12.96 -5.24
C GLY A 172 -9.88 -13.28 -6.64
N PHE A 173 -8.95 -13.63 -7.53
CA PHE A 173 -9.42 -14.02 -8.86
C PHE A 173 -9.98 -15.43 -8.91
N ILE A 174 -9.62 -16.33 -7.99
CA ILE A 174 -10.24 -17.65 -8.00
C ILE A 174 -11.70 -17.57 -7.54
N ILE A 175 -11.98 -16.85 -6.46
CA ILE A 175 -13.38 -16.75 -6.08
C ILE A 175 -14.12 -15.81 -7.03
N GLY A 176 -13.43 -14.85 -7.63
CA GLY A 176 -14.05 -14.03 -8.65
C GLY A 176 -14.47 -14.82 -9.88
N PHE A 177 -13.59 -15.69 -10.36
CA PHE A 177 -13.96 -16.52 -11.50
C PHE A 177 -14.93 -17.63 -11.13
N THR A 178 -14.99 -18.06 -9.87
CA THR A 178 -15.93 -19.13 -9.57
C THR A 178 -17.31 -18.61 -9.19
N ARG A 179 -17.45 -17.33 -8.80
CA ARG A 179 -18.80 -16.79 -8.61
C ARG A 179 -19.41 -16.38 -9.95
N GLY A 180 -18.81 -15.41 -10.62
CA GLY A 180 -19.25 -15.03 -11.94
C GLY A 180 -18.10 -14.60 -12.83
N TRP A 181 -17.94 -15.26 -13.97
CA TRP A 181 -16.78 -14.98 -14.80
C TRP A 181 -16.99 -13.78 -15.71
N LYS A 182 -18.24 -13.43 -16.02
CA LYS A 182 -18.51 -12.40 -17.01
C LYS A 182 -18.08 -11.03 -16.50
N LEU A 183 -18.53 -10.67 -15.31
CA LEU A 183 -18.11 -9.41 -14.73
C LEU A 183 -16.65 -9.46 -14.28
N THR A 184 -16.11 -10.67 -14.08
CA THR A 184 -14.68 -10.80 -13.80
C THR A 184 -13.85 -10.39 -15.00
N LEU A 185 -14.29 -10.77 -16.21
CA LEU A 185 -13.58 -10.33 -17.40
C LEU A 185 -13.83 -8.86 -17.71
N VAL A 186 -15.01 -8.34 -17.36
CA VAL A 186 -15.28 -6.94 -17.62
C VAL A 186 -14.42 -6.04 -16.74
N ILE A 187 -14.19 -6.44 -15.48
CA ILE A 187 -13.20 -5.71 -14.70
C ILE A 187 -11.79 -6.05 -15.16
N LEU A 188 -11.54 -7.28 -15.61
CA LEU A 188 -10.20 -7.66 -16.04
C LEU A 188 -9.77 -6.97 -17.33
N ALA A 189 -10.71 -6.36 -18.07
CA ALA A 189 -10.30 -5.53 -19.20
C ALA A 189 -9.58 -4.27 -18.73
N ILE A 190 -10.06 -3.65 -17.64
CA ILE A 190 -9.47 -2.41 -17.16
C ILE A 190 -8.50 -2.63 -16.00
N SER A 191 -8.37 -3.84 -15.50
CA SER A 191 -7.51 -4.17 -14.39
C SER A 191 -6.01 -3.91 -14.58
N PRO A 192 -5.45 -3.86 -15.81
CA PRO A 192 -4.08 -3.31 -15.91
C PRO A 192 -3.96 -1.86 -15.50
N VAL A 193 -4.92 -1.01 -15.84
CA VAL A 193 -4.83 0.40 -15.48
C VAL A 193 -5.03 0.58 -13.98
N LEU A 194 -5.97 -0.18 -13.39
CA LEU A 194 -6.17 -0.15 -11.95
C LEU A 194 -4.94 -0.67 -11.22
N GLY A 195 -4.34 -1.74 -11.74
CA GLY A 195 -3.12 -2.26 -11.12
C GLY A 195 -1.96 -1.31 -11.25
N LEU A 196 -1.90 -0.53 -12.32
CA LEU A 196 -0.81 0.42 -12.50
C LEU A 196 -0.98 1.64 -11.59
N SER A 197 -2.20 2.14 -11.46
CA SER A 197 -2.46 3.24 -10.54
C SER A 197 -2.22 2.82 -9.10
N ALA A 198 -2.68 1.61 -8.75
CA ALA A 198 -2.39 1.04 -7.45
C ALA A 198 -0.90 0.91 -7.21
N GLY A 199 -0.15 0.51 -8.24
CA GLY A 199 1.28 0.31 -8.05
C GLY A 199 2.03 1.60 -7.84
N ILE A 200 1.70 2.63 -8.62
CA ILE A 200 2.35 3.92 -8.44
C ILE A 200 1.94 4.55 -7.11
N TRP A 201 0.68 4.41 -6.72
CA TRP A 201 0.22 4.94 -5.44
C TRP A 201 0.87 4.23 -4.25
N ALA A 202 1.04 2.91 -4.35
CA ALA A 202 1.72 2.20 -3.27
C ALA A 202 3.18 2.57 -3.22
N LYS A 203 3.81 2.77 -4.39
CA LYS A 203 5.23 3.05 -4.39
C LYS A 203 5.51 4.46 -3.87
N ILE A 204 4.63 5.42 -4.16
CA ILE A 204 4.80 6.72 -3.53
C ILE A 204 4.30 6.70 -2.09
N LEU A 205 3.60 5.64 -1.68
CA LEU A 205 3.17 5.57 -0.30
C LEU A 205 4.28 5.04 0.60
N SER A 206 5.11 4.12 0.10
CA SER A 206 6.03 3.40 0.97
C SER A 206 7.13 4.33 1.50
N SER A 207 7.88 4.96 0.60
CA SER A 207 8.88 5.94 1.01
C SER A 207 9.04 6.93 -0.13
N PHE A 208 8.48 8.16 -0.02
CA PHE A 208 7.56 8.84 0.95
C PHE A 208 8.16 9.24 2.32
N THR A 209 9.31 8.73 2.69
CA THR A 209 9.93 9.15 3.94
C THR A 209 11.41 9.39 3.83
N ASP A 210 12.09 8.78 2.87
CA ASP A 210 13.53 8.94 2.76
C ASP A 210 13.94 9.73 1.53
N LYS A 211 13.41 9.41 0.36
CA LYS A 211 13.72 10.14 -0.86
C LYS A 211 12.94 11.45 -0.86
N GLU A 212 13.46 12.39 -0.08
CA GLU A 212 12.96 13.75 -0.04
C GLU A 212 14.06 14.79 0.01
N LEU A 213 15.31 14.38 0.21
CA LEU A 213 16.43 15.29 0.38
C LEU A 213 17.42 15.23 -0.76
N HIS A 214 17.07 14.63 -1.90
CA HIS A 214 18.04 14.58 -3.00
C HIS A 214 18.15 15.93 -3.69
N ALA A 215 17.03 16.65 -3.81
CA ALA A 215 17.07 17.99 -4.38
C ALA A 215 17.84 18.94 -3.47
N TYR A 216 17.72 18.75 -2.16
CA TYR A 216 18.40 19.62 -1.21
C TYR A 216 19.89 19.32 -1.12
N ALA A 217 20.34 18.15 -1.60
CA ALA A 217 21.68 17.65 -1.28
C ALA A 217 22.78 18.55 -1.81
N LYS A 218 22.53 19.25 -2.92
CA LYS A 218 23.49 20.24 -3.41
C LYS A 218 23.61 21.42 -2.46
N ALA A 219 22.48 22.06 -2.14
CA ALA A 219 22.49 23.17 -1.22
C ALA A 219 22.91 22.75 0.18
N GLY A 220 22.59 21.51 0.56
CA GLY A 220 23.07 20.99 1.82
C GLY A 220 24.57 20.80 1.83
N ALA A 221 25.14 20.48 0.67
CA ALA A 221 26.60 20.43 0.57
C ALA A 221 27.21 21.82 0.70
N VAL A 222 26.56 22.83 0.11
CA VAL A 222 27.03 24.21 0.24
C VAL A 222 27.00 24.65 1.70
N ALA A 223 25.85 24.49 2.34
CA ALA A 223 25.69 24.87 3.73
C ALA A 223 26.66 24.12 4.62
N GLU A 224 26.91 22.85 4.32
CA GLU A 224 27.87 22.10 5.11
C GLU A 224 29.28 22.65 4.93
N GLU A 225 29.68 22.97 3.70
CA GLU A 225 31.07 23.40 3.52
C GLU A 225 31.29 24.79 4.09
N VAL A 226 30.25 25.62 4.12
CA VAL A 226 30.44 26.96 4.70
C VAL A 226 30.35 26.91 6.23
N LEU A 227 29.52 26.03 6.79
CA LEU A 227 29.53 25.89 8.24
C LEU A 227 30.74 25.10 8.74
N ALA A 228 31.33 24.24 7.91
CA ALA A 228 32.57 23.59 8.34
C ALA A 228 33.72 24.58 8.33
N ALA A 229 33.62 25.61 7.51
CA ALA A 229 34.69 26.59 7.35
C ALA A 229 34.21 27.94 7.85
N ILE A 230 33.61 27.96 9.04
CA ILE A 230 33.07 29.21 9.58
C ILE A 230 34.18 30.22 9.80
N ARG A 231 35.23 29.85 10.49
CA ARG A 231 36.27 30.82 10.87
C ARG A 231 37.06 31.37 9.70
N THR A 232 36.73 31.03 8.46
CA THR A 232 37.17 31.79 7.30
C THR A 232 36.05 32.46 6.51
N VAL A 233 34.79 32.04 6.68
CA VAL A 233 33.73 32.72 5.94
C VAL A 233 33.22 33.93 6.70
N ILE A 234 33.14 33.88 8.03
CA ILE A 234 32.79 35.08 8.77
C ILE A 234 34.01 35.98 8.95
N ALA A 235 35.15 35.55 8.44
CA ALA A 235 36.44 36.23 8.54
C ALA A 235 36.77 37.05 7.31
N PHE A 236 36.42 36.56 6.12
CA PHE A 236 36.68 37.25 4.87
C PHE A 236 35.45 37.98 4.33
N GLY A 237 34.36 38.02 5.09
CA GLY A 237 33.13 38.45 4.49
C GLY A 237 32.62 37.36 3.57
N GLY A 238 31.69 37.71 2.71
CA GLY A 238 31.07 36.69 1.91
C GLY A 238 29.95 35.96 2.62
N GLN A 239 29.56 36.43 3.80
CA GLN A 239 28.27 36.07 4.37
C GLN A 239 27.16 36.43 3.40
N LYS A 240 27.24 37.60 2.78
CA LYS A 240 26.31 37.98 1.72
C LYS A 240 26.52 37.14 0.48
N LYS A 241 27.77 36.81 0.16
CA LYS A 241 28.05 36.07 -1.06
C LYS A 241 27.66 34.60 -0.94
N GLU A 242 28.09 33.94 0.14
CA GLU A 242 27.69 32.56 0.35
C GLU A 242 26.22 32.44 0.69
N LEU A 243 25.63 33.49 1.25
CA LEU A 243 24.19 33.53 1.44
C LEU A 243 23.47 33.61 0.10
N GLU A 244 24.00 34.38 -0.84
CA GLU A 244 23.43 34.43 -2.19
C GLU A 244 23.58 33.10 -2.90
N ARG A 245 24.71 32.42 -2.69
CA ARG A 245 24.99 31.17 -3.38
C ARG A 245 24.13 30.03 -2.82
N TYR A 246 23.95 29.99 -1.50
CA TYR A 246 23.03 29.02 -0.92
C TYR A 246 21.59 29.33 -1.29
N ASN A 247 21.23 30.61 -1.41
CA ASN A 247 19.91 30.95 -1.91
C ASN A 247 19.71 30.44 -3.32
N ASN A 248 20.75 30.55 -4.14
CA ASN A 248 20.64 30.18 -5.54
C ASN A 248 20.58 28.67 -5.71
N ASN A 249 21.28 27.92 -4.87
CA ASN A 249 21.09 26.46 -4.86
C ASN A 249 19.80 26.06 -4.18
N LEU A 250 19.23 26.93 -3.34
CA LEU A 250 18.05 26.59 -2.58
C LEU A 250 16.80 26.69 -3.43
N GLU A 251 16.75 27.67 -4.32
CA GLU A 251 15.56 27.85 -5.15
C GLU A 251 15.33 26.67 -6.11
N GLU A 252 16.41 26.03 -6.56
CA GLU A 252 16.26 24.88 -7.44
C GLU A 252 15.69 23.69 -6.69
N ALA A 253 16.10 23.52 -5.43
CA ALA A 253 15.52 22.49 -4.59
C ALA A 253 14.07 22.81 -4.25
N LYS A 254 13.72 24.10 -4.19
CA LYS A 254 12.31 24.46 -4.08
C LYS A 254 11.54 24.02 -5.30
N ARG A 255 12.11 24.22 -6.49
CA ARG A 255 11.42 23.87 -7.72
C ARG A 255 11.21 22.36 -7.85
N LEU A 256 12.24 21.58 -7.53
CA LEU A 256 12.08 20.13 -7.54
C LEU A 256 11.16 19.65 -6.42
N GLY A 257 11.07 20.40 -5.32
CA GLY A 257 10.06 20.07 -4.33
C GLY A 257 8.64 20.30 -4.84
N ILE A 258 8.43 21.41 -5.55
CA ILE A 258 7.13 21.68 -6.17
C ILE A 258 6.74 20.55 -7.11
N LYS A 259 7.67 20.16 -7.99
CA LYS A 259 7.40 19.07 -8.92
C LYS A 259 7.15 17.77 -8.19
N LYS A 260 7.83 17.54 -7.07
CA LYS A 260 7.62 16.32 -6.28
C LYS A 260 6.19 16.28 -5.73
N ALA A 261 5.74 17.37 -5.11
CA ALA A 261 4.41 17.36 -4.49
C ALA A 261 3.30 17.31 -5.52
N ILE A 262 3.49 18.00 -6.66
CA ILE A 262 2.41 17.97 -7.64
C ILE A 262 2.34 16.63 -8.34
N THR A 263 3.48 15.95 -8.57
CA THR A 263 3.39 14.62 -9.15
C THR A 263 2.90 13.59 -8.14
N ALA A 264 3.15 13.80 -6.85
CA ALA A 264 2.59 12.92 -5.83
C ALA A 264 1.07 13.04 -5.79
N ASN A 265 0.53 14.25 -5.91
CA ASN A 265 -0.92 14.38 -5.85
C ASN A 265 -1.61 14.11 -7.17
N ILE A 266 -0.91 14.21 -8.30
CA ILE A 266 -1.43 13.60 -9.53
C ILE A 266 -1.51 12.09 -9.36
N SER A 267 -0.49 11.48 -8.76
CA SER A 267 -0.48 10.02 -8.62
C SER A 267 -1.47 9.51 -7.59
N MET A 268 -1.89 10.33 -6.64
CA MET A 268 -3.04 9.93 -5.83
C MET A 268 -4.35 10.23 -6.56
N GLY A 269 -4.36 11.30 -7.37
CA GLY A 269 -5.58 11.69 -8.05
C GLY A 269 -6.02 10.67 -9.08
N ALA A 270 -5.06 10.07 -9.80
CA ALA A 270 -5.43 9.02 -10.73
C ALA A 270 -5.90 7.76 -10.00
N ALA A 271 -5.39 7.53 -8.79
CA ALA A 271 -5.84 6.37 -8.02
C ALA A 271 -7.31 6.51 -7.64
N PHE A 272 -7.68 7.62 -7.01
CA PHE A 272 -9.08 7.74 -6.61
C PHE A 272 -9.98 8.01 -7.80
N LEU A 273 -9.47 8.65 -8.86
CA LEU A 273 -10.26 8.80 -10.08
C LEU A 273 -10.55 7.44 -10.72
N LEU A 274 -9.64 6.47 -10.56
CA LEU A 274 -9.89 5.16 -11.15
C LEU A 274 -10.67 4.22 -10.25
N ILE A 275 -10.61 4.37 -8.92
CA ILE A 275 -11.53 3.55 -8.13
C ILE A 275 -12.95 4.10 -8.23
N TYR A 276 -13.10 5.43 -8.30
CA TYR A 276 -14.44 5.95 -8.46
C TYR A 276 -14.90 5.98 -9.91
N ALA A 277 -14.04 5.65 -10.86
CA ALA A 277 -14.54 5.36 -12.20
C ALA A 277 -14.88 3.89 -12.38
N SER A 278 -14.12 2.98 -11.75
CA SER A 278 -14.43 1.56 -11.84
C SER A 278 -15.66 1.18 -11.02
N TYR A 279 -15.94 1.93 -9.94
CA TYR A 279 -17.25 1.85 -9.30
C TYR A 279 -18.37 2.15 -10.28
N ALA A 280 -18.19 3.17 -11.12
CA ALA A 280 -19.25 3.55 -12.06
C ALA A 280 -19.38 2.52 -13.16
N LEU A 281 -18.26 1.97 -13.62
CA LEU A 281 -18.31 0.96 -14.68
C LEU A 281 -18.93 -0.33 -14.19
N ALA A 282 -18.58 -0.76 -12.98
CA ALA A 282 -19.05 -2.06 -12.52
C ALA A 282 -20.41 -2.02 -11.85
N PHE A 283 -20.81 -0.91 -11.24
CA PHE A 283 -22.21 -0.80 -10.86
C PHE A 283 -23.09 -0.44 -12.04
N TRP A 284 -22.54 0.15 -13.10
CA TRP A 284 -23.31 0.32 -14.32
C TRP A 284 -23.56 -1.03 -14.99
N TYR A 285 -22.49 -1.81 -15.21
CA TYR A 285 -22.66 -3.06 -15.91
C TYR A 285 -23.29 -4.13 -15.02
N GLY A 286 -22.91 -4.19 -13.75
CA GLY A 286 -23.58 -5.08 -12.82
C GLY A 286 -25.02 -4.72 -12.59
N THR A 287 -25.37 -3.43 -12.68
CA THR A 287 -26.77 -3.06 -12.70
C THR A 287 -27.45 -3.59 -13.94
N THR A 288 -26.88 -3.38 -15.12
CA THR A 288 -27.57 -3.89 -16.30
C THR A 288 -27.41 -5.39 -16.49
N LEU A 289 -26.81 -6.06 -15.52
CA LEU A 289 -26.73 -7.51 -15.49
C LEU A 289 -27.63 -8.14 -14.44
N VAL A 290 -27.90 -7.44 -13.33
CA VAL A 290 -28.84 -7.93 -12.34
C VAL A 290 -30.27 -7.47 -12.64
N LEU A 291 -30.44 -6.44 -13.46
CA LEU A 291 -31.77 -6.09 -13.96
C LEU A 291 -32.28 -7.10 -14.97
N SER A 292 -31.40 -7.89 -15.59
CA SER A 292 -31.83 -8.90 -16.52
C SER A 292 -32.14 -10.23 -15.86
N GLY A 293 -32.04 -10.31 -14.54
CA GLY A 293 -32.27 -11.55 -13.84
C GLY A 293 -31.22 -12.59 -14.08
N GLU A 294 -29.95 -12.19 -14.11
CA GLU A 294 -28.87 -13.11 -14.43
C GLU A 294 -27.87 -13.26 -13.30
N TYR A 295 -27.54 -12.19 -12.59
CA TYR A 295 -26.84 -12.31 -11.32
C TYR A 295 -27.76 -11.92 -10.19
N SER A 296 -27.20 -11.91 -8.99
CA SER A 296 -27.85 -11.36 -7.80
C SER A 296 -27.02 -10.19 -7.31
N ILE A 297 -27.56 -9.44 -6.35
CA ILE A 297 -26.80 -8.32 -5.83
C ILE A 297 -25.66 -8.81 -4.94
N GLY A 298 -25.81 -9.99 -4.35
CA GLY A 298 -24.73 -10.57 -3.58
C GLY A 298 -23.61 -11.08 -4.46
N GLN A 299 -23.94 -11.59 -5.65
CA GLN A 299 -22.88 -11.94 -6.57
C GLN A 299 -22.14 -10.70 -7.06
N VAL A 300 -22.86 -9.62 -7.37
CA VAL A 300 -22.20 -8.43 -7.90
C VAL A 300 -21.29 -7.81 -6.85
N LEU A 301 -21.72 -7.79 -5.59
CA LEU A 301 -20.83 -7.31 -4.53
C LEU A 301 -19.67 -8.27 -4.29
N THR A 302 -19.91 -9.58 -4.38
CA THR A 302 -18.86 -10.55 -4.15
C THR A 302 -17.79 -10.50 -5.23
N VAL A 303 -18.20 -10.72 -6.49
CA VAL A 303 -17.24 -10.81 -7.58
C VAL A 303 -16.63 -9.44 -7.86
N PHE A 304 -17.40 -8.37 -7.71
CA PHE A 304 -16.81 -7.06 -7.95
C PHE A 304 -15.86 -6.66 -6.85
N PHE A 305 -16.26 -6.78 -5.58
CA PHE A 305 -15.36 -6.35 -4.51
C PHE A 305 -14.13 -7.23 -4.44
N SER A 306 -14.27 -8.54 -4.67
CA SER A 306 -13.11 -9.41 -4.54
C SER A 306 -12.17 -9.26 -5.73
N VAL A 307 -12.70 -9.09 -6.94
CA VAL A 307 -11.82 -8.88 -8.07
C VAL A 307 -11.11 -7.53 -7.97
N LEU A 308 -11.81 -6.51 -7.47
CA LEU A 308 -11.15 -5.21 -7.40
C LEU A 308 -10.13 -5.14 -6.26
N ILE A 309 -10.35 -5.85 -5.15
CA ILE A 309 -9.26 -5.94 -4.18
C ILE A 309 -8.14 -6.83 -4.68
N GLY A 310 -8.42 -7.73 -5.63
CA GLY A 310 -7.32 -8.48 -6.23
C GLY A 310 -6.43 -7.61 -7.09
N ALA A 311 -7.05 -6.85 -7.99
CA ALA A 311 -6.27 -5.96 -8.86
C ALA A 311 -5.51 -4.93 -8.06
N PHE A 312 -6.10 -4.42 -6.98
CA PHE A 312 -5.35 -3.53 -6.11
C PHE A 312 -4.36 -4.25 -5.22
N SER A 313 -4.53 -5.55 -5.02
CA SER A 313 -3.56 -6.30 -4.24
C SER A 313 -2.27 -6.53 -5.02
N VAL A 314 -2.35 -6.54 -6.35
CA VAL A 314 -1.14 -6.58 -7.18
C VAL A 314 -0.24 -5.38 -6.88
N GLY A 315 -0.78 -4.18 -7.08
CA GLY A 315 -0.03 -2.97 -6.78
C GLY A 315 0.32 -2.83 -5.33
N GLN A 316 -0.45 -3.44 -4.43
CA GLN A 316 -0.02 -3.52 -3.04
C GLN A 316 1.22 -4.39 -2.91
N ALA A 317 1.38 -5.39 -3.77
CA ALA A 317 2.59 -6.21 -3.81
C ALA A 317 3.71 -5.61 -4.66
N SER A 318 3.47 -4.45 -5.28
CA SER A 318 4.46 -3.91 -6.21
C SER A 318 5.79 -3.47 -5.59
N PRO A 319 5.85 -2.68 -4.51
CA PRO A 319 7.17 -2.24 -4.03
C PRO A 319 7.96 -3.30 -3.28
N ASN A 320 7.39 -4.46 -2.99
CA ASN A 320 8.10 -5.45 -2.21
C ASN A 320 9.16 -6.16 -3.03
N ILE A 321 8.90 -6.38 -4.32
CA ILE A 321 9.91 -7.00 -5.19
C ILE A 321 11.07 -6.05 -5.38
N GLU A 322 10.81 -4.75 -5.42
CA GLU A 322 11.92 -3.83 -5.64
C GLU A 322 12.69 -3.61 -4.35
N ALA A 323 12.03 -3.72 -3.20
CA ALA A 323 12.76 -3.69 -1.95
C ALA A 323 13.62 -4.94 -1.78
N PHE A 324 13.15 -6.07 -2.31
CA PHE A 324 13.97 -7.26 -2.30
C PHE A 324 15.14 -7.14 -3.26
N ALA A 325 14.93 -6.48 -4.40
CA ALA A 325 16.02 -6.27 -5.33
C ALA A 325 17.07 -5.31 -4.76
N ASN A 326 16.63 -4.26 -4.06
CA ASN A 326 17.59 -3.38 -3.40
C ASN A 326 18.33 -4.10 -2.28
N ALA A 327 17.63 -4.97 -1.56
CA ALA A 327 18.30 -5.77 -0.54
C ALA A 327 19.34 -6.68 -1.15
N ARG A 328 19.09 -7.16 -2.36
CA ARG A 328 20.01 -8.12 -2.96
C ARG A 328 21.24 -7.38 -3.49
N GLY A 329 21.02 -6.18 -4.04
CA GLY A 329 22.15 -5.35 -4.44
C GLY A 329 23.00 -4.89 -3.26
N ALA A 330 22.38 -4.61 -2.13
CA ALA A 330 23.14 -4.30 -0.92
C ALA A 330 23.94 -5.51 -0.44
N ALA A 331 23.31 -6.69 -0.53
CA ALA A 331 23.98 -7.90 -0.08
C ALA A 331 25.10 -8.33 -1.00
N TYR A 332 25.18 -7.78 -2.22
CA TYR A 332 26.32 -8.14 -3.05
C TYR A 332 27.64 -7.62 -2.49
N GLU A 333 27.66 -6.39 -2.00
CA GLU A 333 28.93 -5.92 -1.46
C GLU A 333 29.07 -6.15 0.04
N VAL A 334 27.99 -6.37 0.78
CA VAL A 334 28.18 -6.91 2.13
C VAL A 334 28.73 -8.34 2.07
N PHE A 335 28.07 -9.23 1.29
CA PHE A 335 28.53 -10.61 1.14
C PHE A 335 29.88 -10.66 0.44
N LYS A 336 30.18 -9.71 -0.44
CA LYS A 336 31.48 -9.70 -1.09
C LYS A 336 32.58 -9.27 -0.12
N ILE A 337 32.27 -8.45 0.89
CA ILE A 337 33.26 -8.23 1.94
C ILE A 337 33.39 -9.46 2.83
N ILE A 338 32.27 -9.98 3.34
CA ILE A 338 32.37 -11.00 4.38
C ILE A 338 32.76 -12.37 3.87
N ASP A 339 32.82 -12.57 2.55
CA ASP A 339 33.34 -13.84 2.06
C ASP A 339 34.85 -13.94 2.28
N ASN A 340 35.62 -13.05 1.65
CA ASN A 340 37.05 -13.26 1.49
C ASN A 340 37.74 -11.92 1.29
N LYS A 341 39.04 -11.79 1.63
CA LYS A 341 39.96 -12.59 2.49
C LYS A 341 41.14 -11.64 2.69
N PRO A 342 41.88 -11.72 3.80
CA PRO A 342 43.22 -11.10 3.82
C PRO A 342 44.33 -12.09 3.54
N SER A 343 45.48 -11.61 3.07
CA SER A 343 46.66 -12.47 2.99
C SER A 343 47.39 -12.50 4.32
N ILE A 344 47.60 -11.34 4.92
CA ILE A 344 48.15 -11.27 6.28
C ILE A 344 46.96 -11.30 7.23
N ASP A 345 46.77 -12.44 7.89
CA ASP A 345 45.64 -12.64 8.77
C ASP A 345 46.11 -12.39 10.19
N SER A 346 45.58 -11.34 10.82
CA SER A 346 45.93 -10.98 12.19
C SER A 346 45.24 -11.87 13.22
N PHE A 347 44.33 -12.74 12.79
CA PHE A 347 43.62 -13.65 13.69
C PHE A 347 44.14 -15.08 13.67
N SER A 348 44.88 -15.47 12.64
CA SER A 348 45.30 -16.85 12.50
C SER A 348 46.33 -17.21 13.57
N LYS A 349 46.53 -18.52 13.74
CA LYS A 349 47.45 -19.06 14.73
C LYS A 349 48.41 -20.04 14.05
N SER A 350 48.90 -19.67 12.87
CA SER A 350 49.62 -20.61 12.03
C SER A 350 51.11 -20.68 12.34
N GLY A 351 51.79 -19.55 12.35
CA GLY A 351 53.23 -19.54 12.43
C GLY A 351 53.78 -19.90 13.80
N HIS A 352 55.10 -19.83 13.90
CA HIS A 352 55.81 -20.17 15.12
C HIS A 352 55.64 -19.07 16.16
N LYS A 353 56.03 -19.40 17.39
CA LYS A 353 55.95 -18.47 18.51
C LYS A 353 57.26 -18.55 19.29
N PRO A 354 58.34 -17.99 18.77
CA PRO A 354 59.63 -18.11 19.47
C PRO A 354 59.65 -17.25 20.73
N ASP A 355 60.12 -17.84 21.82
CA ASP A 355 60.20 -17.17 23.10
C ASP A 355 61.60 -16.65 23.37
N ASN A 356 61.67 -15.70 24.31
CA ASN A 356 62.92 -15.06 24.75
C ASN A 356 63.66 -14.44 23.56
N ILE A 357 62.95 -13.57 22.86
CA ILE A 357 63.51 -12.95 21.66
C ILE A 357 64.33 -11.74 22.09
N GLN A 358 65.51 -11.60 21.52
CA GLN A 358 66.42 -10.54 21.94
C GLN A 358 66.32 -9.32 21.03
N GLY A 359 65.92 -9.51 19.78
CA GLY A 359 65.66 -8.41 18.89
C GLY A 359 66.72 -8.09 17.87
N ASN A 360 67.47 -9.09 17.39
CA ASN A 360 68.37 -8.85 16.26
C ASN A 360 67.54 -8.71 15.00
N LEU A 361 67.72 -7.59 14.30
CA LEU A 361 66.70 -7.07 13.40
C LEU A 361 67.33 -6.75 12.06
N GLU A 362 66.70 -7.16 10.96
CA GLU A 362 67.37 -7.04 9.67
C GLU A 362 66.41 -6.72 8.53
N PHE A 363 66.79 -5.76 7.69
CA PHE A 363 66.20 -5.50 6.39
C PHE A 363 67.19 -5.92 5.31
N LYS A 364 66.73 -6.67 4.31
CA LYS A 364 67.59 -7.14 3.23
C LYS A 364 66.95 -6.88 1.86
N ASN A 365 67.44 -5.85 1.17
CA ASN A 365 67.17 -5.59 -0.25
C ASN A 365 65.67 -5.42 -0.52
N ILE A 366 65.02 -4.66 0.33
CA ILE A 366 63.57 -4.56 0.25
C ILE A 366 63.19 -3.53 -0.79
N HIS A 367 62.21 -3.88 -1.62
CA HIS A 367 61.65 -3.01 -2.65
C HIS A 367 60.15 -2.95 -2.43
N PHE A 368 59.60 -1.74 -2.36
CA PHE A 368 58.20 -1.61 -1.97
C PHE A 368 57.56 -0.37 -2.57
N SER A 369 56.30 -0.51 -2.94
CA SER A 369 55.44 0.59 -3.35
C SER A 369 54.09 0.45 -2.66
N TYR A 370 53.48 1.58 -2.31
CA TYR A 370 52.14 1.56 -1.74
C TYR A 370 51.15 1.00 -2.76
N PRO A 371 50.11 0.30 -2.31
CA PRO A 371 49.16 -0.29 -3.27
C PRO A 371 48.20 0.71 -3.88
N SER A 372 48.16 1.95 -3.42
CA SER A 372 47.32 2.94 -4.05
C SER A 372 47.92 3.45 -5.36
N ARG A 373 49.25 3.48 -5.46
CA ARG A 373 49.91 3.87 -6.71
C ARG A 373 51.15 2.99 -6.86
N LYS A 374 51.11 2.10 -7.84
CA LYS A 374 52.22 1.18 -8.07
C LYS A 374 53.36 1.85 -8.82
N GLU A 375 53.07 2.94 -9.52
CA GLU A 375 54.02 3.47 -10.50
C GLU A 375 55.21 4.14 -9.83
N VAL A 376 55.00 4.82 -8.71
CA VAL A 376 56.12 5.39 -7.99
C VAL A 376 56.71 4.31 -7.10
N GLN A 377 58.03 4.31 -6.98
CA GLN A 377 58.71 3.38 -6.09
C GLN A 377 59.18 4.16 -4.87
N ILE A 378 58.86 3.64 -3.70
CA ILE A 378 59.10 4.37 -2.46
C ILE A 378 60.44 3.98 -1.85
N LEU A 379 60.74 2.68 -1.78
CA LEU A 379 61.98 2.17 -1.22
C LEU A 379 62.63 1.22 -2.23
N LYS A 380 63.94 1.35 -2.40
CA LYS A 380 64.67 0.55 -3.37
C LYS A 380 65.99 0.08 -2.75
N GLY A 381 66.16 -1.24 -2.69
CA GLY A 381 67.40 -1.88 -2.30
C GLY A 381 67.93 -1.49 -0.93
N LEU A 382 67.07 -1.52 0.06
CA LEU A 382 67.38 -0.98 1.37
C LEU A 382 67.88 -2.09 2.28
N ASN A 383 69.03 -1.87 2.93
CA ASN A 383 69.64 -2.89 3.77
C ASN A 383 69.99 -2.29 5.13
N LEU A 384 69.55 -2.94 6.20
CA LEU A 384 69.86 -2.49 7.55
C LEU A 384 70.05 -3.69 8.46
N LYS A 385 70.92 -3.54 9.44
CA LYS A 385 70.96 -4.45 10.57
C LYS A 385 71.01 -3.60 11.83
N VAL A 386 70.20 -3.95 12.83
CA VAL A 386 70.34 -3.37 14.15
C VAL A 386 70.23 -4.49 15.17
N LYS A 387 71.25 -4.62 16.01
CA LYS A 387 71.32 -5.72 16.96
C LYS A 387 70.73 -5.28 18.30
N SER A 388 70.72 -6.20 19.26
CA SER A 388 69.87 -6.05 20.43
C SER A 388 70.35 -4.94 21.37
N GLY A 389 69.40 -4.13 21.84
CA GLY A 389 69.72 -3.03 22.72
C GLY A 389 70.19 -1.78 22.02
N GLN A 390 70.42 -1.84 20.72
CA GLN A 390 70.99 -0.74 19.96
C GLN A 390 69.89 0.20 19.50
N THR A 391 70.25 1.47 19.27
CA THR A 391 69.29 2.46 18.82
C THR A 391 69.71 3.03 17.47
N VAL A 392 68.82 2.88 16.49
CA VAL A 392 69.03 3.42 15.15
C VAL A 392 68.01 4.54 14.93
N ALA A 393 68.48 5.65 14.36
CA ALA A 393 67.63 6.77 14.03
C ALA A 393 67.76 7.03 12.54
N LEU A 394 66.64 7.16 11.85
CA LEU A 394 66.64 7.17 10.39
C LEU A 394 66.10 8.51 9.92
N VAL A 395 66.91 9.21 9.13
CA VAL A 395 66.64 10.58 8.72
C VAL A 395 67.14 10.75 7.30
N GLY A 396 66.53 11.67 6.57
CA GLY A 396 66.94 11.97 5.22
C GLY A 396 65.91 12.87 4.58
N ASN A 397 65.71 12.69 3.28
CA ASN A 397 64.67 13.45 2.60
C ASN A 397 63.31 12.91 3.02
N SER A 398 62.40 13.81 3.35
CA SER A 398 61.12 13.40 3.90
C SER A 398 60.23 12.83 2.81
N GLY A 399 59.29 11.98 3.23
CA GLY A 399 58.37 11.36 2.32
C GLY A 399 58.88 10.12 1.60
N ALA A 400 60.17 9.79 1.73
CA ALA A 400 60.63 8.62 0.99
C ALA A 400 60.68 7.35 1.82
N GLY A 401 61.66 7.24 2.72
CA GLY A 401 61.96 5.96 3.30
C GLY A 401 61.79 5.90 4.80
N LYS A 402 61.29 6.98 5.39
CA LYS A 402 61.32 7.08 6.84
C LYS A 402 60.24 6.23 7.49
N SER A 403 58.97 6.56 7.24
CA SER A 403 57.90 5.88 7.95
C SER A 403 57.53 4.54 7.33
N THR A 404 57.97 4.25 6.12
CA THR A 404 57.65 2.96 5.53
C THR A 404 58.43 1.84 6.21
N THR A 405 59.57 2.14 6.82
CA THR A 405 60.28 1.13 7.59
C THR A 405 59.47 0.69 8.81
N VAL A 406 58.91 1.65 9.54
CA VAL A 406 58.14 1.27 10.72
C VAL A 406 56.80 0.70 10.31
N GLN A 407 56.34 0.97 9.09
CA GLN A 407 55.13 0.32 8.61
C GLN A 407 55.40 -1.05 8.00
N LEU A 408 56.65 -1.39 7.70
CA LEU A 408 56.96 -2.74 7.27
C LEU A 408 57.36 -3.63 8.42
N MET A 409 57.86 -3.06 9.51
CA MET A 409 58.27 -3.88 10.64
C MET A 409 57.07 -4.46 11.38
N GLN A 410 55.95 -3.73 11.44
CA GLN A 410 54.72 -4.29 11.98
C GLN A 410 54.04 -5.24 11.00
N ARG A 411 54.61 -5.41 9.82
CA ARG A 411 54.04 -6.22 8.73
C ARG A 411 52.65 -5.71 8.37
N LEU A 412 52.53 -4.39 8.28
CA LEU A 412 51.30 -3.81 7.74
C LEU A 412 51.20 -4.10 6.24
N TYR A 413 52.33 -4.09 5.53
CA TYR A 413 52.35 -4.41 4.11
C TYR A 413 53.42 -5.46 3.85
N ASP A 414 53.25 -6.20 2.76
CA ASP A 414 54.29 -7.10 2.30
C ASP A 414 55.16 -6.41 1.25
N PRO A 415 56.48 -6.45 1.38
CA PRO A 415 57.35 -5.89 0.35
C PRO A 415 57.32 -6.76 -0.90
N LEU A 416 57.55 -6.12 -2.05
CA LEU A 416 57.55 -6.83 -3.31
C LEU A 416 58.78 -7.73 -3.45
N ASP A 417 59.96 -7.15 -3.26
CA ASP A 417 61.21 -7.89 -3.34
C ASP A 417 61.94 -7.74 -2.01
N GLY A 418 62.82 -8.68 -1.72
CA GLY A 418 63.61 -8.63 -0.51
C GLY A 418 62.97 -9.37 0.65
N MET A 419 63.64 -9.29 1.79
CA MET A 419 63.21 -10.02 2.97
C MET A 419 63.50 -9.21 4.23
N VAL A 420 62.56 -9.22 5.15
CA VAL A 420 62.73 -8.62 6.47
C VAL A 420 62.75 -9.72 7.52
N SER A 421 63.77 -9.70 8.35
CA SER A 421 64.04 -10.75 9.31
C SER A 421 63.98 -10.18 10.73
N ILE A 422 63.50 -11.02 11.66
CA ILE A 422 63.69 -10.78 13.08
C ILE A 422 64.39 -12.00 13.65
N ASP A 423 65.55 -11.77 14.27
CA ASP A 423 66.36 -12.80 14.93
C ASP A 423 66.74 -13.92 13.96
N GLY A 424 67.02 -13.55 12.71
CA GLY A 424 67.35 -14.50 11.69
C GLY A 424 66.18 -15.27 11.09
N GLN A 425 64.98 -15.13 11.65
CA GLN A 425 63.81 -15.81 11.14
C GLN A 425 62.96 -14.81 10.37
N ASP A 426 62.43 -15.25 9.23
CA ASP A 426 61.64 -14.37 8.38
C ASP A 426 60.34 -14.01 9.08
N ILE A 427 59.96 -12.74 8.95
CA ILE A 427 58.79 -12.23 9.65
C ILE A 427 57.52 -12.75 9.02
N ARG A 428 57.58 -13.25 7.79
CA ARG A 428 56.38 -13.73 7.14
C ARG A 428 56.14 -15.20 7.41
N THR A 429 56.95 -15.82 8.26
CA THR A 429 56.75 -17.18 8.73
C THR A 429 56.38 -17.22 10.21
N ILE A 430 56.26 -16.07 10.87
CA ILE A 430 55.82 -15.99 12.24
C ILE A 430 54.37 -15.51 12.24
N ASN A 431 53.66 -15.78 13.33
CA ASN A 431 52.27 -15.36 13.43
C ASN A 431 52.18 -13.84 13.53
N VAL A 432 51.13 -13.29 12.92
CA VAL A 432 50.97 -11.84 12.84
C VAL A 432 50.70 -11.25 14.21
N ARG A 433 49.90 -11.95 15.02
CA ARG A 433 49.55 -11.42 16.32
C ARG A 433 50.77 -11.36 17.23
N TYR A 434 51.46 -12.49 17.42
CA TYR A 434 52.62 -12.53 18.29
C TYR A 434 53.71 -11.57 17.84
N LEU A 435 53.77 -11.30 16.54
CA LEU A 435 54.57 -10.19 16.02
C LEU A 435 54.10 -8.86 16.59
N ARG A 436 52.80 -8.58 16.53
CA ARG A 436 52.32 -7.27 16.94
C ARG A 436 52.31 -7.07 18.45
N GLU A 437 52.35 -8.14 19.24
CA GLU A 437 52.47 -7.95 20.69
C GLU A 437 53.89 -7.70 21.16
N ILE A 438 54.91 -8.18 20.45
CA ILE A 438 56.29 -7.94 20.90
C ILE A 438 56.84 -6.61 20.41
N ILE A 439 56.02 -5.81 19.74
CA ILE A 439 56.43 -4.50 19.22
C ILE A 439 55.46 -3.45 19.74
N GLY A 440 56.00 -2.35 20.27
CA GLY A 440 55.18 -1.24 20.71
C GLY A 440 55.38 -0.04 19.79
N VAL A 441 54.27 0.58 19.39
CA VAL A 441 54.32 1.74 18.49
C VAL A 441 53.97 3.00 19.29
N VAL A 442 54.55 4.12 18.88
CA VAL A 442 54.20 5.44 19.41
C VAL A 442 54.00 6.36 18.21
N SER A 443 52.75 6.64 17.86
CA SER A 443 52.42 7.39 16.66
C SER A 443 52.67 8.89 16.86
N GLN A 444 52.53 9.64 15.77
CA GLN A 444 52.74 11.08 15.81
C GLN A 444 51.63 11.76 16.61
N GLU A 445 50.39 11.61 16.15
CA GLU A 445 49.24 12.17 16.84
C GLU A 445 48.64 11.10 17.75
N PRO A 446 48.59 11.31 19.05
CA PRO A 446 48.06 10.28 19.94
C PRO A 446 46.54 10.25 19.91
N VAL A 447 45.99 9.05 19.97
CA VAL A 447 44.56 8.84 19.96
C VAL A 447 44.14 8.32 21.32
N LEU A 448 42.99 8.76 21.80
CA LEU A 448 42.40 8.21 22.99
C LEU A 448 40.98 7.80 22.68
N PHE A 449 40.57 6.68 23.26
CA PHE A 449 39.26 6.13 23.06
C PHE A 449 38.32 6.67 24.12
N ALA A 450 37.04 6.83 23.76
CA ALA A 450 36.09 7.53 24.60
C ALA A 450 35.68 6.70 25.81
N THR A 451 36.62 6.41 26.70
CA THR A 451 36.32 5.73 27.95
C THR A 451 37.33 6.24 28.98
N THR A 452 37.35 5.63 30.16
CA THR A 452 38.21 6.14 31.22
C THR A 452 39.69 5.94 30.86
N ILE A 453 40.57 6.48 31.71
CA ILE A 453 42.01 6.29 31.51
C ILE A 453 42.38 4.83 31.66
N ALA A 454 41.96 4.23 32.79
CA ALA A 454 42.21 2.82 33.04
C ALA A 454 41.62 1.96 31.94
N GLU A 455 40.55 2.41 31.32
CA GLU A 455 39.96 1.60 30.26
C GLU A 455 40.75 1.73 28.97
N ASN A 456 41.50 2.82 28.80
CA ASN A 456 42.48 2.89 27.72
C ASN A 456 43.67 2.01 28.02
N ILE A 457 44.01 1.83 29.29
CA ILE A 457 45.08 0.89 29.61
C ILE A 457 44.59 -0.55 29.41
N ARG A 458 43.26 -0.78 29.53
CA ARG A 458 42.69 -2.08 29.19
C ARG A 458 42.89 -2.41 27.73
N TYR A 459 42.78 -1.40 26.86
CA TYR A 459 42.94 -1.69 25.44
C TYR A 459 44.37 -2.09 25.13
N GLY A 460 45.33 -1.55 25.88
CA GLY A 460 46.72 -1.97 25.69
C GLY A 460 46.91 -3.44 26.02
N ARG A 461 46.50 -3.84 27.21
CA ARG A 461 46.46 -5.26 27.57
C ARG A 461 45.27 -5.45 28.49
N GLU A 462 44.43 -6.45 28.19
CA GLU A 462 43.14 -6.51 28.87
C GLU A 462 43.23 -7.13 30.25
N ASP A 463 44.25 -7.94 30.53
CA ASP A 463 44.35 -8.68 31.78
C ASP A 463 45.22 -7.98 32.81
N VAL A 464 45.35 -6.67 32.72
CA VAL A 464 46.26 -5.94 33.58
C VAL A 464 45.56 -5.61 34.90
N THR A 465 46.31 -5.70 36.00
CA THR A 465 45.81 -5.30 37.30
C THR A 465 46.02 -3.80 37.49
N MET A 466 45.30 -3.24 38.46
CA MET A 466 45.36 -1.80 38.67
C MET A 466 46.71 -1.36 39.23
N ASP A 467 47.39 -2.26 39.95
CA ASP A 467 48.74 -1.98 40.42
C ASP A 467 49.72 -1.88 39.26
N GLU A 468 49.60 -2.77 38.28
CA GLU A 468 50.48 -2.71 37.12
C GLU A 468 50.16 -1.50 36.24
N ILE A 469 48.90 -1.07 36.23
CA ILE A 469 48.55 0.18 35.56
C ILE A 469 49.22 1.35 36.27
N GLU A 470 49.22 1.33 37.60
CA GLU A 470 49.89 2.41 38.33
C GLU A 470 51.39 2.42 38.08
N LYS A 471 52.03 1.25 38.03
CA LYS A 471 53.47 1.25 37.77
C LYS A 471 53.77 1.69 36.33
N ALA A 472 52.90 1.32 35.38
CA ALA A 472 53.13 1.70 33.99
C ALA A 472 52.92 3.19 33.78
N VAL A 473 51.97 3.79 34.51
CA VAL A 473 51.77 5.22 34.42
C VAL A 473 52.90 5.97 35.12
N LYS A 474 53.37 5.45 36.25
CA LYS A 474 54.51 6.06 36.94
C LYS A 474 55.77 6.02 36.08
N GLU A 475 55.97 4.92 35.33
CA GLU A 475 57.13 4.82 34.46
C GLU A 475 57.02 5.76 33.27
N ALA A 476 55.80 6.05 32.82
CA ALA A 476 55.55 6.95 31.70
C ALA A 476 55.52 8.41 32.09
N ASN A 477 55.91 8.72 33.34
CA ASN A 477 55.97 10.10 33.87
C ASN A 477 54.62 10.79 33.76
N ALA A 478 53.56 10.07 34.10
CA ALA A 478 52.21 10.56 33.98
C ALA A 478 51.42 10.52 35.28
N TYR A 479 52.05 10.11 36.39
CA TYR A 479 51.29 9.85 37.61
C TYR A 479 50.90 11.13 38.32
N ASP A 480 51.81 12.10 38.39
CA ASP A 480 51.57 13.27 39.22
C ASP A 480 50.48 14.16 38.63
N PHE A 481 50.39 14.26 37.30
CA PHE A 481 49.33 15.11 36.77
C PHE A 481 48.02 14.35 36.64
N ILE A 482 48.05 13.02 36.60
CA ILE A 482 46.80 12.28 36.54
C ILE A 482 46.19 12.13 37.93
N MET A 483 46.98 12.26 38.98
CA MET A 483 46.36 12.29 40.29
C MET A 483 45.71 13.64 40.56
N LYS A 484 46.11 14.68 39.82
CA LYS A 484 45.60 16.04 40.02
C LYS A 484 44.29 16.31 39.30
N LEU A 485 43.83 15.48 38.37
CA LEU A 485 42.60 15.85 37.68
C LEU A 485 41.40 15.47 38.55
N PRO A 486 40.24 16.10 38.32
CA PRO A 486 39.20 16.06 39.35
C PRO A 486 38.62 14.69 39.68
N HIS A 487 38.31 13.83 38.71
CA HIS A 487 37.52 12.67 39.13
C HIS A 487 38.38 11.54 39.69
N GLN A 488 39.13 10.84 38.83
CA GLN A 488 40.33 10.04 39.07
C GLN A 488 40.53 9.32 37.75
N PHE A 489 41.35 8.26 37.69
CA PHE A 489 41.43 7.39 36.51
C PHE A 489 40.09 7.19 35.81
N ASP A 490 39.00 7.10 36.57
CA ASP A 490 37.68 6.94 35.98
C ASP A 490 37.15 8.20 35.27
N THR A 491 37.98 9.23 35.07
CA THR A 491 37.59 10.38 34.27
C THR A 491 37.33 9.99 32.83
N LEU A 492 36.23 10.48 32.26
CA LEU A 492 35.87 10.17 30.89
C LEU A 492 36.63 11.07 29.93
N VAL A 493 37.28 10.47 28.94
CA VAL A 493 38.06 11.19 27.92
C VAL A 493 37.36 10.85 26.60
N GLY A 494 37.85 11.39 25.49
CA GLY A 494 37.25 11.15 24.18
C GLY A 494 36.70 12.41 23.56
N GLU A 495 35.74 12.28 22.65
CA GLU A 495 35.08 13.48 22.14
C GLU A 495 34.01 13.98 23.10
N ARG A 496 33.54 13.14 24.02
CA ARG A 496 32.52 13.57 24.97
C ARG A 496 33.10 14.21 26.22
N GLY A 497 34.23 13.72 26.71
CA GLY A 497 34.82 14.19 27.94
C GLY A 497 35.73 15.38 27.74
N ALA A 498 36.53 15.66 28.77
CA ALA A 498 37.44 16.78 28.75
C ALA A 498 38.57 16.54 27.77
N GLN A 499 39.19 17.63 27.31
CA GLN A 499 40.13 17.59 26.22
C GLN A 499 41.53 17.72 26.80
N LEU A 500 42.33 16.67 26.70
CA LEU A 500 43.70 16.73 27.18
C LEU A 500 44.61 17.28 26.10
N SER A 501 45.76 17.79 26.51
CA SER A 501 46.72 18.34 25.58
C SER A 501 47.43 17.21 24.82
N GLY A 502 48.17 17.60 23.77
CA GLY A 502 48.80 16.60 22.91
C GLY A 502 49.89 15.81 23.61
N GLY A 503 50.71 16.50 24.42
CA GLY A 503 51.72 15.80 25.19
C GLY A 503 51.16 14.90 26.26
N GLN A 504 50.01 15.29 26.84
CA GLN A 504 49.36 14.44 27.83
C GLN A 504 48.84 13.15 27.21
N LYS A 505 48.05 13.27 26.14
CA LYS A 505 47.57 12.10 25.40
C LYS A 505 48.73 11.25 24.92
N GLN A 506 49.83 11.89 24.53
CA GLN A 506 50.96 11.15 23.99
C GLN A 506 51.67 10.35 25.08
N ARG A 507 51.77 10.89 26.31
CA ARG A 507 52.52 10.08 27.27
C ARG A 507 51.64 9.03 27.94
N ILE A 508 50.31 9.16 27.88
CA ILE A 508 49.56 7.96 28.24
C ILE A 508 49.49 6.96 27.06
N ALA A 509 49.67 7.41 25.82
CA ALA A 509 49.88 6.44 24.75
C ALA A 509 51.18 5.67 24.96
N ILE A 510 52.20 6.37 25.46
CA ILE A 510 53.42 5.71 25.93
C ILE A 510 53.10 4.71 27.02
N ALA A 511 52.17 5.06 27.93
CA ALA A 511 51.79 4.12 28.98
C ALA A 511 51.12 2.86 28.44
N ARG A 512 50.37 2.97 27.35
CA ARG A 512 49.88 1.75 26.68
C ARG A 512 51.03 0.92 26.12
N ALA A 513 51.97 1.59 25.45
CA ALA A 513 53.11 0.86 24.89
C ALA A 513 53.95 0.21 25.97
N LEU A 514 54.02 0.82 27.15
CA LEU A 514 54.79 0.21 28.24
C LEU A 514 54.01 -0.89 28.92
N VAL A 515 52.68 -0.86 28.90
CA VAL A 515 51.95 -1.94 29.55
C VAL A 515 51.96 -3.18 28.66
N ARG A 516 52.18 -3.03 27.36
CA ARG A 516 52.32 -4.23 26.53
C ARG A 516 53.61 -4.98 26.79
N ASN A 517 54.61 -4.32 27.37
CA ASN A 517 55.97 -4.82 27.61
C ASN A 517 56.60 -5.38 26.34
N PRO A 518 56.97 -4.55 25.38
CA PRO A 518 57.51 -5.06 24.12
C PRO A 518 59.02 -5.13 24.14
N LYS A 519 59.56 -5.96 23.24
CA LYS A 519 61.00 -6.06 23.09
C LYS A 519 61.55 -5.13 22.03
N ILE A 520 60.69 -4.61 21.14
CA ILE A 520 61.07 -3.73 20.06
C ILE A 520 60.14 -2.52 20.09
N LEU A 521 60.71 -1.33 20.01
CA LEU A 521 59.94 -0.10 20.14
C LEU A 521 60.09 0.72 18.87
N LEU A 522 58.98 1.17 18.31
CA LEU A 522 58.92 1.93 17.06
C LEU A 522 58.23 3.26 17.31
N LEU A 523 58.88 4.36 16.91
CA LEU A 523 58.37 5.70 17.22
C LEU A 523 58.27 6.49 15.93
N ASP A 524 57.08 6.69 15.38
CA ASP A 524 56.97 7.39 14.10
C ASP A 524 56.53 8.83 14.32
N GLU A 525 57.52 9.74 14.29
CA GLU A 525 57.35 11.18 14.47
C GLU A 525 56.68 11.53 15.79
N ALA A 526 57.20 10.94 16.88
CA ALA A 526 56.54 11.03 18.17
C ALA A 526 56.48 12.45 18.72
N THR A 527 57.34 13.35 18.25
CA THR A 527 57.41 14.69 18.83
C THR A 527 57.60 15.76 17.75
N CYS A 528 57.03 15.57 16.53
CA CYS A 528 57.14 16.65 15.56
C CYS A 528 56.13 17.75 15.85
N ALA A 529 54.95 17.38 16.33
CA ALA A 529 53.86 18.32 16.55
C ALA A 529 53.88 18.97 17.92
N LEU A 530 54.82 18.59 18.79
CA LEU A 530 54.81 19.03 20.18
C LEU A 530 55.74 20.23 20.37
N ASP A 531 55.41 21.07 21.35
CA ASP A 531 56.17 22.30 21.59
C ASP A 531 57.42 22.03 22.43
N THR A 532 58.07 23.10 22.88
CA THR A 532 59.38 22.99 23.49
C THR A 532 59.33 22.66 24.98
N GLU A 533 58.21 22.91 25.65
CA GLU A 533 58.17 22.61 27.08
C GLU A 533 57.78 21.17 27.34
N SER A 534 56.86 20.63 26.53
CA SER A 534 56.41 19.26 26.75
C SER A 534 57.36 18.23 26.15
N GLU A 535 58.19 18.66 25.19
CA GLU A 535 59.14 17.74 24.56
C GLU A 535 60.23 17.29 25.53
N ALA A 536 60.50 18.07 26.58
CA ALA A 536 61.53 17.67 27.53
C ALA A 536 61.06 16.53 28.41
N VAL A 537 59.83 16.63 28.93
CA VAL A 537 59.31 15.56 29.79
C VAL A 537 58.95 14.34 28.95
N VAL A 538 58.47 14.53 27.72
CA VAL A 538 58.21 13.41 26.82
C VAL A 538 59.52 12.71 26.45
N GLN A 539 60.56 13.48 26.17
CA GLN A 539 61.85 12.89 25.80
C GLN A 539 62.49 12.21 27.01
N ALA A 540 62.20 12.70 28.22
CA ALA A 540 62.63 11.98 29.41
C ALA A 540 61.92 10.64 29.55
N ALA A 541 60.61 10.62 29.27
CA ALA A 541 59.86 9.37 29.39
C ALA A 541 60.24 8.37 28.30
N LEU A 542 60.54 8.86 27.11
CA LEU A 542 60.96 7.97 26.03
C LEU A 542 62.38 7.46 26.25
N ASP A 543 63.27 8.30 26.79
CA ASP A 543 64.59 7.83 27.13
C ASP A 543 64.55 6.81 28.28
N LYS A 544 63.58 6.94 29.19
CA LYS A 544 63.38 5.88 30.16
C LYS A 544 62.83 4.63 29.51
N ALA A 545 61.98 4.80 28.49
CA ALA A 545 61.35 3.65 27.83
C ALA A 545 62.29 2.91 26.90
N ARG A 546 63.36 3.55 26.42
CA ARG A 546 64.27 2.90 25.49
C ARG A 546 65.27 1.98 26.18
N GLU A 547 65.34 2.00 27.50
CA GLU A 547 66.37 1.28 28.23
C GLU A 547 66.13 -0.22 28.15
N GLY A 548 66.97 -0.91 27.39
CA GLY A 548 66.86 -2.35 27.27
C GLY A 548 66.02 -2.83 26.11
N ARG A 549 65.72 -1.97 25.14
CA ARG A 549 64.87 -2.31 24.02
C ARG A 549 65.50 -1.86 22.72
N THR A 550 65.42 -2.70 21.70
CA THR A 550 65.79 -2.31 20.35
C THR A 550 64.79 -1.30 19.81
N THR A 551 65.28 -0.15 19.37
CA THR A 551 64.43 1.00 19.07
C THR A 551 64.66 1.47 17.65
N ILE A 552 63.57 1.77 16.95
CA ILE A 552 63.62 2.45 15.65
C ILE A 552 62.82 3.73 15.78
N VAL A 553 63.46 4.86 15.57
CA VAL A 553 62.81 6.17 15.70
C VAL A 553 62.86 6.87 14.35
N ILE A 554 61.71 7.39 13.93
CA ILE A 554 61.56 8.21 12.74
C ILE A 554 61.10 9.57 13.22
N ALA A 555 61.95 10.59 13.08
CA ALA A 555 61.59 11.90 13.62
C ALA A 555 62.39 13.00 12.95
N HIS A 556 61.74 14.14 12.76
CA HIS A 556 62.36 15.41 12.44
C HIS A 556 62.91 16.04 13.71
N ARG A 557 63.72 17.08 13.54
CA ARG A 557 64.29 17.85 14.65
C ARG A 557 65.11 16.91 15.56
N LEU A 558 66.26 16.51 15.01
CA LEU A 558 67.01 15.38 15.52
C LEU A 558 67.92 15.76 16.69
N SER A 559 67.37 16.46 17.68
CA SER A 559 68.23 17.12 18.67
C SER A 559 68.93 16.11 19.59
N THR A 560 68.23 15.07 20.01
CA THR A 560 68.79 14.08 20.93
C THR A 560 69.22 12.79 20.23
N VAL A 561 68.97 12.68 18.94
CA VAL A 561 69.39 11.62 18.04
C VAL A 561 70.92 11.37 18.09
N ARG A 562 71.65 12.41 18.50
CA ARG A 562 73.10 12.33 18.75
C ARG A 562 73.45 11.20 19.71
N ASN A 563 72.65 11.06 20.77
CA ASN A 563 72.93 10.05 21.80
C ASN A 563 72.65 8.64 21.27
N ALA A 564 71.75 8.52 20.28
CA ALA A 564 71.43 7.23 19.71
C ALA A 564 72.65 6.63 19.01
N ASP A 565 72.64 5.31 18.89
CA ASP A 565 73.85 4.60 18.47
C ASP A 565 74.22 4.87 17.02
N VAL A 566 73.28 4.75 16.09
CA VAL A 566 73.64 4.88 14.69
C VAL A 566 72.58 5.71 13.97
N ILE A 567 73.04 6.50 13.00
CA ILE A 567 72.19 7.43 12.25
C ILE A 567 72.24 6.99 10.79
N ALA A 568 71.08 6.89 10.16
CA ALA A 568 70.98 6.38 8.80
C ALA A 568 70.28 7.40 7.92
N GLY A 569 70.87 7.74 6.79
CA GLY A 569 70.38 8.82 5.94
C GLY A 569 69.76 8.30 4.66
N PHE A 570 68.60 8.85 4.32
CA PHE A 570 67.82 8.43 3.17
C PHE A 570 67.92 9.39 2.00
N ASP A 571 68.02 8.82 0.81
CA ASP A 571 67.94 9.54 -0.46
C ASP A 571 67.35 8.54 -1.44
N GLY A 572 66.17 8.85 -1.97
CA GLY A 572 65.48 7.99 -2.92
C GLY A 572 65.17 6.61 -2.39
N GLY A 573 64.86 6.51 -1.11
CA GLY A 573 64.64 5.23 -0.48
C GLY A 573 65.88 4.44 -0.15
N VAL A 574 67.07 5.02 -0.31
CA VAL A 574 68.31 4.30 -0.03
C VAL A 574 69.03 5.00 1.11
N ILE A 575 69.51 4.23 2.07
CA ILE A 575 70.40 4.77 3.10
C ILE A 575 71.81 4.85 2.53
N VAL A 576 72.35 6.05 2.49
CA VAL A 576 73.63 6.27 1.83
C VAL A 576 74.81 6.16 2.80
N GLU A 577 74.59 6.40 4.09
CA GLU A 577 75.70 6.53 5.02
C GLU A 577 75.19 6.28 6.44
N GLN A 578 76.01 5.59 7.24
CA GLN A 578 75.59 5.12 8.56
C GLN A 578 76.72 5.31 9.56
N GLY A 579 76.38 5.70 10.78
CA GLY A 579 77.36 5.80 11.83
C GLY A 579 76.83 6.57 13.01
N ASN A 580 77.71 6.80 13.99
CA ASN A 580 77.40 7.67 15.11
C ASN A 580 77.39 9.12 14.64
N HIS A 581 76.86 10.00 15.51
CA HIS A 581 76.76 11.44 15.26
C HIS A 581 78.02 12.05 14.67
N ASP A 582 79.16 11.80 15.30
CA ASP A 582 80.40 12.48 14.93
C ASP A 582 80.89 12.05 13.54
N GLU A 583 80.62 10.81 13.14
CA GLU A 583 80.95 10.39 11.77
C GLU A 583 80.05 11.10 10.75
N LEU A 584 78.78 11.29 11.07
CA LEU A 584 77.93 12.03 10.16
C LEU A 584 78.26 13.51 10.17
N MET A 585 78.89 14.00 11.24
CA MET A 585 79.40 15.37 11.26
C MET A 585 80.62 15.52 10.38
N ARG A 586 81.55 14.56 10.41
CA ARG A 586 82.74 14.69 9.57
C ARG A 586 82.43 14.45 8.10
N GLU A 587 81.39 13.65 7.79
CA GLU A 587 81.14 13.29 6.40
C GLU A 587 80.66 14.49 5.58
N LYS A 588 80.06 15.49 6.23
CA LYS A 588 79.48 16.69 5.61
C LYS A 588 78.46 16.28 4.54
N GLY A 589 77.60 15.34 4.89
CA GLY A 589 76.59 14.81 3.99
C GLY A 589 75.25 15.47 4.18
N ILE A 590 74.20 14.65 4.14
CA ILE A 590 72.84 15.15 4.38
C ILE A 590 72.70 15.62 5.82
N TYR A 591 73.24 14.84 6.75
CA TYR A 591 73.05 15.09 8.17
C TYR A 591 73.71 16.39 8.62
N PHE A 592 74.88 16.69 8.09
CA PHE A 592 75.54 17.94 8.45
C PHE A 592 74.76 19.13 7.92
N LYS A 593 74.11 18.97 6.78
CA LYS A 593 73.20 20.00 6.30
C LYS A 593 72.01 20.16 7.24
N LEU A 594 71.53 19.05 7.81
CA LEU A 594 70.41 19.16 8.75
C LEU A 594 70.84 19.74 10.10
N VAL A 595 72.07 19.49 10.55
CA VAL A 595 72.48 20.06 11.82
C VAL A 595 72.82 21.55 11.65
N MET A 596 73.36 21.95 10.49
CA MET A 596 73.66 23.37 10.30
C MET A 596 72.39 24.15 9.99
N THR A 597 71.41 23.53 9.33
CA THR A 597 70.08 24.12 9.26
C THR A 597 69.46 24.19 10.65
N GLN A 598 69.75 23.20 11.49
CA GLN A 598 69.26 23.18 12.86
C GLN A 598 70.02 24.20 13.69
N THR A 599 71.33 24.02 13.83
CA THR A 599 72.24 24.98 14.47
C THR A 599 73.67 24.78 14.01
N PRO A 663 7.06 23.42 23.27
CA PRO A 663 6.37 24.72 23.33
C PRO A 663 5.89 25.17 21.96
N ALA A 664 4.61 24.89 21.67
CA ALA A 664 4.05 25.29 20.40
C ALA A 664 3.78 26.78 20.35
N SER A 665 2.87 27.24 21.18
CA SER A 665 2.11 28.46 20.94
C SER A 665 1.64 28.45 19.48
N PHE A 666 0.73 27.50 19.22
CA PHE A 666 0.32 27.13 17.86
C PHE A 666 -0.09 28.31 16.99
N TRP A 667 -0.70 29.33 17.58
CA TRP A 667 -1.12 30.46 16.78
C TRP A 667 0.07 31.27 16.30
N ARG A 668 1.22 31.14 16.96
CA ARG A 668 2.41 31.81 16.46
C ARG A 668 2.90 31.18 15.18
N ILE A 669 2.66 29.89 14.96
CA ILE A 669 3.16 29.30 13.74
C ILE A 669 2.27 29.68 12.55
N LEU A 670 0.95 29.85 12.78
CA LEU A 670 0.13 30.42 11.72
C LEU A 670 0.42 31.89 11.50
N LYS A 671 0.82 32.62 12.56
CA LYS A 671 1.31 33.99 12.37
C LYS A 671 2.61 34.01 11.59
N LEU A 672 3.43 32.98 11.75
CA LEU A 672 4.65 32.83 10.96
C LEU A 672 4.31 32.62 9.50
N ASN A 673 3.29 31.82 9.23
CA ASN A 673 2.82 31.62 7.87
C ASN A 673 1.66 32.55 7.56
N SER A 674 1.83 33.86 7.79
CA SER A 674 0.79 34.84 7.56
C SER A 674 1.09 35.74 6.37
N THR A 675 1.82 35.23 5.38
CA THR A 675 2.05 35.93 4.14
C THR A 675 1.24 35.34 3.00
N GLU A 676 1.28 34.02 2.85
CA GLU A 676 0.48 33.31 1.86
C GLU A 676 -0.82 32.79 2.48
N TRP A 677 -1.59 33.71 3.04
CA TRP A 677 -2.96 33.38 3.42
C TRP A 677 -3.86 32.95 2.25
N PRO A 678 -3.78 33.49 1.01
CA PRO A 678 -4.74 33.03 -0.01
C PRO A 678 -4.67 31.56 -0.26
N TYR A 679 -3.46 31.00 -0.34
CA TYR A 679 -3.31 29.55 -0.45
C TYR A 679 -4.08 28.84 0.66
N PHE A 680 -3.87 29.27 1.91
CA PHE A 680 -4.56 28.60 3.00
C PHE A 680 -6.06 28.70 2.85
N VAL A 681 -6.56 29.87 2.42
CA VAL A 681 -8.00 30.03 2.33
C VAL A 681 -8.56 29.07 1.30
N VAL A 682 -7.90 28.96 0.14
CA VAL A 682 -8.46 28.06 -0.86
C VAL A 682 -8.27 26.63 -0.38
N GLY A 683 -7.20 26.40 0.38
CA GLY A 683 -6.98 25.08 0.93
C GLY A 683 -8.08 24.67 1.88
N ILE A 684 -8.54 25.61 2.72
CA ILE A 684 -9.58 25.21 3.65
C ILE A 684 -10.86 24.94 2.88
N PHE A 685 -11.15 25.77 1.87
CA PHE A 685 -12.38 25.57 1.12
C PHE A 685 -12.30 24.34 0.27
N VAL A 686 -11.11 23.81 0.05
CA VAL A 686 -11.04 22.63 -0.78
C VAL A 686 -11.01 21.40 0.11
N ALA A 687 -10.56 21.53 1.36
CA ALA A 687 -10.45 20.36 2.21
C ALA A 687 -11.81 19.86 2.64
N ILE A 688 -12.74 20.79 2.89
CA ILE A 688 -14.12 20.45 3.18
C ILE A 688 -14.72 19.62 2.06
N ILE A 689 -14.35 19.94 0.82
CA ILE A 689 -14.91 19.18 -0.30
C ILE A 689 -14.37 17.76 -0.30
N ASN A 690 -13.17 17.55 0.23
CA ASN A 690 -12.71 16.19 0.49
C ASN A 690 -13.52 15.51 1.58
N GLY A 691 -13.79 16.24 2.67
CA GLY A 691 -14.56 15.63 3.73
C GLY A 691 -16.01 15.44 3.35
N GLY A 692 -16.51 16.24 2.41
CA GLY A 692 -17.85 16.03 1.94
C GLY A 692 -17.98 14.79 1.10
N LEU A 693 -16.94 14.45 0.35
CA LEU A 693 -17.13 13.35 -0.58
C LEU A 693 -16.84 12.00 0.05
N GLN A 694 -16.47 11.96 1.31
CA GLN A 694 -16.38 10.65 1.94
C GLN A 694 -17.72 10.14 2.47
N PRO A 695 -18.56 10.93 3.19
CA PRO A 695 -19.94 10.45 3.39
C PRO A 695 -20.77 10.38 2.14
N ALA A 696 -20.49 11.20 1.12
CA ALA A 696 -21.30 11.16 -0.10
C ALA A 696 -21.19 9.81 -0.80
N PHE A 697 -20.02 9.18 -0.69
CA PHE A 697 -19.86 7.82 -1.19
C PHE A 697 -20.73 6.84 -0.42
N SER A 698 -20.81 6.98 0.90
CA SER A 698 -21.65 6.08 1.68
C SER A 698 -23.12 6.34 1.42
N VAL A 699 -23.47 7.60 1.12
CA VAL A 699 -24.86 7.93 0.83
C VAL A 699 -25.30 7.30 -0.48
N ILE A 700 -24.58 7.56 -1.58
CA ILE A 700 -24.97 6.99 -2.87
C ILE A 700 -24.75 5.49 -2.92
N PHE A 701 -23.79 4.95 -2.16
CA PHE A 701 -23.63 3.51 -2.07
C PHE A 701 -24.81 2.86 -1.36
N SER A 702 -25.27 3.44 -0.25
CA SER A 702 -26.47 2.92 0.36
C SER A 702 -27.74 3.30 -0.39
N LYS A 703 -27.68 4.22 -1.35
CA LYS A 703 -28.87 4.43 -2.19
C LYS A 703 -28.90 3.49 -3.38
N ILE A 704 -27.75 3.01 -3.85
CA ILE A 704 -27.81 2.03 -4.92
C ILE A 704 -28.13 0.64 -4.37
N ILE A 705 -27.49 0.23 -3.28
CA ILE A 705 -27.93 -1.03 -2.70
C ILE A 705 -29.27 -0.83 -1.99
N GLY A 706 -29.59 0.40 -1.59
CA GLY A 706 -30.91 0.68 -1.09
C GLY A 706 -31.98 0.69 -2.16
N VAL A 707 -31.60 0.84 -3.43
CA VAL A 707 -32.60 0.74 -4.49
C VAL A 707 -32.69 -0.69 -5.00
N PHE A 708 -31.73 -1.54 -4.66
CA PHE A 708 -31.92 -2.95 -5.02
C PHE A 708 -32.59 -3.79 -3.94
N THR A 709 -32.93 -3.22 -2.78
CA THR A 709 -33.67 -3.96 -1.77
C THR A 709 -35.09 -3.43 -1.62
N ARG A 710 -35.66 -2.92 -2.69
CA ARG A 710 -37.06 -2.54 -2.77
C ARG A 710 -37.60 -3.02 -4.10
N ILE A 711 -38.83 -2.66 -4.41
CA ILE A 711 -39.54 -3.44 -5.41
C ILE A 711 -40.05 -2.53 -6.53
N ASP A 712 -39.29 -1.49 -6.86
CA ASP A 712 -39.75 -0.46 -7.80
C ASP A 712 -39.94 -0.98 -9.23
N ASP A 713 -40.48 -0.11 -10.07
CA ASP A 713 -40.61 -0.27 -11.52
C ASP A 713 -39.24 -0.59 -12.12
N PRO A 714 -39.12 -1.46 -13.13
CA PRO A 714 -37.80 -1.67 -13.74
C PRO A 714 -37.18 -0.44 -14.40
N GLU A 715 -38.00 0.44 -15.00
CA GLU A 715 -37.44 1.62 -15.64
C GLU A 715 -36.93 2.64 -14.64
N THR A 716 -37.60 2.80 -13.50
CA THR A 716 -37.08 3.72 -12.50
C THR A 716 -35.92 3.12 -11.74
N LYS A 717 -35.79 1.80 -11.68
CA LYS A 717 -34.57 1.24 -11.12
C LYS A 717 -33.41 1.40 -12.09
N ARG A 718 -33.69 1.34 -13.38
CA ARG A 718 -32.65 1.55 -14.37
C ARG A 718 -32.17 3.00 -14.37
N GLN A 719 -33.10 3.95 -14.34
CA GLN A 719 -32.66 5.33 -14.39
C GLN A 719 -32.19 5.86 -13.04
N ASN A 720 -32.65 5.29 -11.92
CA ASN A 720 -32.02 5.63 -10.64
C ASN A 720 -30.61 5.09 -10.57
N SER A 721 -30.36 3.91 -11.13
CA SER A 721 -29.00 3.41 -11.07
C SER A 721 -28.08 4.09 -12.08
N ASN A 722 -28.63 4.60 -13.18
CA ASN A 722 -27.80 5.43 -14.06
C ASN A 722 -27.49 6.77 -13.41
N LEU A 723 -28.45 7.34 -12.68
CA LEU A 723 -28.19 8.54 -11.91
C LEU A 723 -27.09 8.32 -10.89
N PHE A 724 -27.11 7.20 -10.19
CA PHE A 724 -26.12 6.96 -9.15
C PHE A 724 -24.77 6.59 -9.75
N SER A 725 -24.73 5.92 -10.89
CA SER A 725 -23.45 5.61 -11.52
C SER A 725 -22.78 6.87 -12.06
N LEU A 726 -23.55 7.71 -12.74
CA LEU A 726 -23.03 9.01 -13.15
C LEU A 726 -22.57 9.82 -11.95
N LEU A 727 -23.28 9.71 -10.83
CA LEU A 727 -22.89 10.46 -9.65
C LEU A 727 -21.64 9.89 -9.00
N PHE A 728 -21.36 8.60 -9.19
CA PHE A 728 -20.02 8.09 -8.87
C PHE A 728 -18.96 8.74 -9.73
N LEU A 729 -19.23 8.93 -11.01
CA LEU A 729 -18.20 9.51 -11.87
C LEU A 729 -17.98 10.98 -11.55
N ILE A 730 -19.04 11.72 -11.19
CA ILE A 730 -18.90 13.10 -10.75
C ILE A 730 -18.11 13.16 -9.46
N LEU A 731 -18.32 12.18 -8.57
CA LEU A 731 -17.51 12.07 -7.37
C LEU A 731 -16.05 11.82 -7.71
N GLY A 732 -15.80 11.08 -8.80
CA GLY A 732 -14.42 10.84 -9.21
C GLY A 732 -13.74 12.09 -9.73
N ILE A 733 -14.43 12.84 -10.60
CA ILE A 733 -13.85 14.06 -11.17
C ILE A 733 -13.62 15.09 -10.09
N ILE A 734 -14.65 15.35 -9.27
CA ILE A 734 -14.54 16.35 -8.21
C ILE A 734 -13.71 15.83 -7.05
N SER A 735 -13.25 14.57 -7.10
CA SER A 735 -12.20 14.15 -6.19
C SER A 735 -10.81 14.44 -6.75
N PHE A 736 -10.63 14.14 -8.03
CA PHE A 736 -9.34 14.34 -8.68
C PHE A 736 -8.93 15.81 -8.69
N ILE A 737 -9.87 16.70 -9.00
CA ILE A 737 -9.58 18.13 -8.94
C ILE A 737 -9.29 18.56 -7.50
N THR A 738 -10.07 18.05 -6.55
CA THR A 738 -10.06 18.65 -5.22
C THR A 738 -8.82 18.29 -4.43
N PHE A 739 -8.19 17.14 -4.65
CA PHE A 739 -6.88 17.02 -4.01
C PHE A 739 -5.71 17.04 -4.96
N PHE A 740 -5.93 17.18 -6.28
CA PHE A 740 -4.92 17.79 -7.11
C PHE A 740 -4.58 19.19 -6.60
N LEU A 741 -5.58 20.06 -6.51
CA LEU A 741 -5.27 21.42 -6.10
C LEU A 741 -5.21 21.58 -4.58
N GLN A 742 -5.74 20.63 -3.80
CA GLN A 742 -5.42 20.65 -2.38
C GLN A 742 -3.96 20.32 -2.14
N GLY A 743 -3.43 19.33 -2.87
CA GLY A 743 -2.01 19.07 -2.79
C GLY A 743 -1.17 20.20 -3.36
N PHE A 744 -1.68 20.88 -4.39
CA PHE A 744 -0.95 22.02 -4.93
C PHE A 744 -0.90 23.18 -3.94
N THR A 745 -2.02 23.48 -3.26
CA THR A 745 -2.02 24.69 -2.44
C THR A 745 -1.37 24.46 -1.08
N PHE A 746 -1.58 23.31 -0.44
CA PHE A 746 -0.83 23.09 0.80
C PHE A 746 0.61 22.71 0.52
N GLY A 747 0.89 22.07 -0.62
CA GLY A 747 2.27 21.78 -0.97
C GLY A 747 3.05 23.03 -1.31
N LYS A 748 2.46 23.95 -2.08
CA LYS A 748 3.21 25.14 -2.45
C LYS A 748 3.28 26.15 -1.32
N ALA A 749 2.23 26.27 -0.50
CA ALA A 749 2.32 27.15 0.65
C ALA A 749 3.33 26.64 1.66
N GLY A 750 3.36 25.32 1.87
CA GLY A 750 4.34 24.78 2.79
C GLY A 750 5.75 24.80 2.24
N GLU A 751 5.91 24.73 0.93
CA GLU A 751 7.27 24.73 0.40
C GLU A 751 7.84 26.11 0.18
N ILE A 752 7.03 27.14 -0.06
CA ILE A 752 7.58 28.47 0.05
C ILE A 752 7.76 28.85 1.51
N LEU A 753 7.02 28.21 2.42
CA LEU A 753 7.27 28.38 3.84
C LEU A 753 8.60 27.76 4.23
N THR A 754 8.96 26.62 3.64
CA THR A 754 10.23 26.01 4.03
C THR A 754 11.41 26.57 3.26
N LYS A 755 11.20 27.16 2.08
CA LYS A 755 12.29 27.87 1.43
C LYS A 755 12.57 29.19 2.12
N ARG A 756 11.52 29.96 2.44
CA ARG A 756 11.73 31.19 3.17
C ARG A 756 12.22 30.92 4.57
N LEU A 757 11.83 29.78 5.15
CA LEU A 757 12.23 29.51 6.52
C LEU A 757 13.67 29.00 6.57
N ARG A 758 14.09 28.22 5.56
CA ARG A 758 15.51 27.88 5.41
C ARG A 758 16.36 29.11 5.17
N TYR A 759 15.88 30.02 4.33
CA TYR A 759 16.69 31.19 4.01
C TYR A 759 16.80 32.13 5.19
N MET A 760 15.73 32.27 5.99
CA MET A 760 15.82 33.11 7.18
C MET A 760 16.69 32.46 8.25
N VAL A 761 16.62 31.13 8.39
CA VAL A 761 17.43 30.51 9.43
C VAL A 761 18.90 30.50 9.00
N PHE A 762 19.18 30.46 7.71
CA PHE A 762 20.58 30.44 7.31
C PHE A 762 21.18 31.83 7.31
N LYS A 763 20.40 32.85 6.90
CA LYS A 763 20.85 34.23 7.10
C LYS A 763 21.05 34.52 8.57
N SER A 764 20.18 33.99 9.42
CA SER A 764 20.35 34.17 10.85
C SER A 764 21.63 33.49 11.33
N MET A 765 21.92 32.28 10.86
CA MET A 765 23.09 31.59 11.41
C MET A 765 24.39 32.19 10.93
N LEU A 766 24.41 32.77 9.72
CA LEU A 766 25.64 33.42 9.30
C LEU A 766 25.91 34.69 10.09
N ARG A 767 24.88 35.30 10.68
CA ARG A 767 25.11 36.46 11.52
C ARG A 767 25.68 36.07 12.87
N GLN A 768 25.28 34.93 13.42
CA GLN A 768 25.63 34.62 14.79
C GLN A 768 27.12 34.44 14.99
N ASP A 769 27.57 34.88 16.14
CA ASP A 769 28.98 35.00 16.46
C ASP A 769 29.64 33.63 16.63
N VAL A 770 30.97 33.67 16.72
CA VAL A 770 31.78 32.46 16.90
C VAL A 770 31.43 31.79 18.23
N SER A 771 31.05 32.57 19.23
CA SER A 771 30.64 32.06 20.54
C SER A 771 29.52 31.04 20.40
N TRP A 772 28.63 31.24 19.45
CA TRP A 772 27.50 30.34 19.28
C TRP A 772 27.94 29.04 18.63
N PHE A 773 29.02 29.06 17.85
CA PHE A 773 29.45 27.85 17.18
C PHE A 773 30.29 26.96 18.09
N ASP A 774 30.88 27.54 19.14
CA ASP A 774 31.70 26.77 20.06
C ASP A 774 30.87 25.91 21.01
N ASP A 775 29.56 26.19 21.08
CA ASP A 775 28.64 25.43 21.91
C ASP A 775 28.62 23.96 21.47
N PRO A 776 28.83 23.01 22.38
CA PRO A 776 28.78 21.59 22.00
C PRO A 776 27.40 21.11 21.59
N LYS A 777 26.34 21.87 21.86
CA LYS A 777 25.05 21.60 21.26
C LYS A 777 24.96 22.10 19.82
N ASN A 778 26.02 22.71 19.30
CA ASN A 778 26.01 23.39 18.00
C ASN A 778 27.23 23.01 17.18
N THR A 779 27.50 21.71 17.07
CA THR A 779 28.46 21.25 16.09
C THR A 779 27.82 21.26 14.69
N THR A 780 28.65 21.02 13.67
CA THR A 780 28.22 21.22 12.29
C THR A 780 27.14 20.23 11.88
N GLY A 781 27.20 18.99 12.39
CA GLY A 781 26.15 18.05 12.07
C GLY A 781 24.84 18.43 12.70
N ALA A 782 24.88 19.06 13.87
CA ALA A 782 23.66 19.50 14.51
C ALA A 782 23.02 20.67 13.78
N LEU A 783 23.82 21.50 13.12
CA LEU A 783 23.25 22.66 12.45
C LEU A 783 22.85 22.37 11.02
N THR A 784 23.61 21.55 10.28
CA THR A 784 23.13 21.19 8.96
C THR A 784 22.01 20.17 9.04
N THR A 785 22.03 19.29 10.04
CA THR A 785 20.95 18.36 10.25
C THR A 785 19.73 19.06 10.84
N ARG A 786 19.96 20.02 11.75
CA ARG A 786 18.87 20.80 12.32
C ARG A 786 18.21 21.68 11.29
N LEU A 787 19.00 22.38 10.48
CA LEU A 787 18.46 23.18 9.39
C LEU A 787 17.67 22.31 8.43
N ALA A 788 18.26 21.19 8.00
CA ALA A 788 17.65 20.39 6.95
C ALA A 788 16.38 19.70 7.44
N ASN A 789 16.41 19.16 8.65
CA ASN A 789 15.20 18.53 9.18
C ASN A 789 14.21 19.58 9.65
N ASP A 790 14.61 20.40 10.61
CA ASP A 790 13.72 21.44 11.11
C ASP A 790 13.68 22.63 10.13
N ALA A 791 13.27 22.34 8.92
CA ALA A 791 12.63 23.33 8.08
C ALA A 791 11.57 22.64 7.25
N ALA A 792 11.74 21.35 7.04
CA ALA A 792 10.78 20.53 6.34
C ALA A 792 9.73 19.96 7.27
N GLN A 793 9.98 19.99 8.58
CA GLN A 793 8.99 19.50 9.54
C GLN A 793 7.88 20.54 9.74
N VAL A 794 8.28 21.81 9.91
CA VAL A 794 7.39 22.89 10.29
C VAL A 794 6.39 23.19 9.20
N LYS A 795 6.66 22.69 7.99
CA LYS A 795 5.63 22.58 6.98
C LYS A 795 4.43 21.81 7.50
N GLY A 796 4.68 20.77 8.29
CA GLY A 796 3.58 19.98 8.82
C GLY A 796 2.91 20.54 10.05
N ALA A 797 3.54 21.51 10.71
CA ALA A 797 3.01 22.00 11.96
C ALA A 797 1.81 22.93 11.78
N THR A 798 1.74 23.67 10.67
CA THR A 798 0.58 24.49 10.37
C THR A 798 -0.21 24.00 9.17
N GLY A 799 0.45 23.92 8.01
CA GLY A 799 -0.29 23.70 6.78
C GLY A 799 -0.99 22.35 6.74
N SER A 800 -0.36 21.33 7.31
CA SER A 800 -0.90 19.99 7.19
C SER A 800 -2.06 19.75 8.16
N ARG A 801 -1.98 20.34 9.35
CA ARG A 801 -2.92 19.99 10.41
C ARG A 801 -4.31 20.53 10.12
N LEU A 802 -4.41 21.69 9.48
CA LEU A 802 -5.73 22.20 9.12
C LEU A 802 -6.39 21.35 8.04
N ALA A 803 -5.61 20.76 7.15
CA ALA A 803 -6.16 19.77 6.23
C ALA A 803 -6.66 18.55 6.99
N VAL A 804 -5.90 18.10 8.00
CA VAL A 804 -6.33 16.97 8.82
C VAL A 804 -7.66 17.26 9.51
N ILE A 805 -7.72 18.37 10.26
CA ILE A 805 -8.86 18.65 11.11
C ILE A 805 -10.09 18.97 10.28
N PHE A 806 -9.95 19.67 9.16
CA PHE A 806 -11.15 19.97 8.38
C PHE A 806 -11.63 18.78 7.56
N GLN A 807 -10.70 17.95 7.02
CA GLN A 807 -11.11 16.71 6.38
C GLN A 807 -11.82 15.79 7.37
N ASN A 808 -11.28 15.64 8.58
CA ASN A 808 -11.90 14.74 9.54
C ASN A 808 -13.18 15.30 10.13
N ILE A 809 -13.30 16.63 10.28
CA ILE A 809 -14.51 17.14 10.90
C ILE A 809 -15.64 17.15 9.90
N ALA A 810 -15.36 17.34 8.61
CA ALA A 810 -16.44 17.15 7.64
C ALA A 810 -16.78 15.67 7.49
N ASN A 811 -15.76 14.81 7.46
CA ASN A 811 -15.93 13.37 7.30
C ASN A 811 -16.72 12.73 8.44
N LEU A 812 -16.12 12.67 9.63
CA LEU A 812 -16.82 12.09 10.77
C LEU A 812 -17.97 12.95 11.24
N GLY A 813 -17.83 14.28 11.24
CA GLY A 813 -18.93 15.09 11.69
C GLY A 813 -20.19 14.84 10.87
N THR A 814 -20.07 14.90 9.54
CA THR A 814 -21.23 14.65 8.70
C THR A 814 -21.72 13.22 8.84
N GLY A 815 -20.80 12.26 8.99
CA GLY A 815 -21.22 10.87 9.16
C GLY A 815 -22.02 10.63 10.44
N ILE A 816 -21.57 11.23 11.55
CA ILE A 816 -22.31 11.15 12.80
C ILE A 816 -23.70 11.76 12.64
N ILE A 817 -23.79 12.92 11.97
CA ILE A 817 -25.08 13.62 11.91
C ILE A 817 -26.08 12.87 11.03
N ILE A 818 -25.69 12.49 9.82
CA ILE A 818 -26.62 11.79 8.95
C ILE A 818 -26.94 10.40 9.50
N SER A 819 -25.99 9.80 10.22
CA SER A 819 -26.24 8.49 10.79
C SER A 819 -27.21 8.57 11.95
N PHE A 820 -27.13 9.62 12.78
CA PHE A 820 -28.14 9.82 13.81
C PHE A 820 -29.50 10.17 13.24
N ILE A 821 -29.54 10.83 12.08
CA ILE A 821 -30.84 11.13 11.50
C ILE A 821 -31.52 9.85 11.00
N TYR A 822 -30.75 8.90 10.45
CA TYR A 822 -31.49 7.78 9.88
C TYR A 822 -31.76 6.61 10.84
N GLY A 823 -30.85 6.27 11.75
CA GLY A 823 -31.26 5.39 12.83
C GLY A 823 -30.33 5.42 14.02
N TRP A 824 -30.82 5.72 15.22
CA TRP A 824 -29.91 6.18 16.26
C TRP A 824 -29.36 5.05 17.14
N GLN A 825 -30.09 3.95 17.30
CA GLN A 825 -29.64 2.88 18.18
C GLN A 825 -28.41 2.21 17.62
N LEU A 826 -28.48 1.84 16.35
CA LEU A 826 -27.37 1.20 15.67
C LEU A 826 -26.17 2.13 15.58
N THR A 827 -26.40 3.44 15.49
CA THR A 827 -25.27 4.34 15.54
C THR A 827 -24.65 4.37 16.92
N LEU A 828 -25.43 4.19 17.99
CA LEU A 828 -24.78 4.10 19.29
C LEU A 828 -23.93 2.84 19.41
N LEU A 829 -24.44 1.73 18.89
CA LEU A 829 -23.65 0.49 18.88
C LEU A 829 -22.36 0.64 18.07
N LEU A 830 -22.45 1.19 16.86
CA LEU A 830 -21.25 1.37 16.05
C LEU A 830 -20.34 2.45 16.60
N LEU A 831 -20.91 3.40 17.35
CA LEU A 831 -20.11 4.39 18.05
C LEU A 831 -19.26 3.76 19.14
N ALA A 832 -19.69 2.62 19.68
CA ALA A 832 -18.76 1.90 20.56
C ALA A 832 -17.58 1.33 19.77
N ILE A 833 -17.80 0.91 18.52
CA ILE A 833 -16.77 0.29 17.71
C ILE A 833 -15.81 1.33 17.12
N VAL A 834 -16.28 2.56 16.92
CA VAL A 834 -15.58 3.59 16.13
C VAL A 834 -14.20 4.02 16.63
N PRO A 835 -13.79 3.85 17.91
CA PRO A 835 -12.36 4.12 18.17
C PRO A 835 -11.45 3.03 17.65
N ILE A 836 -11.80 1.76 17.87
CA ILE A 836 -10.82 0.69 17.67
C ILE A 836 -10.58 0.44 16.18
N ILE A 837 -11.57 0.67 15.34
CA ILE A 837 -11.36 0.48 13.92
C ILE A 837 -10.60 1.67 13.29
N ALA A 838 -10.70 2.86 13.88
CA ALA A 838 -9.84 3.95 13.43
C ALA A 838 -8.40 3.74 13.88
N ILE A 839 -8.23 3.20 15.08
CA ILE A 839 -6.92 2.70 15.49
C ILE A 839 -6.42 1.66 14.50
N ALA A 840 -7.30 0.81 13.99
CA ALA A 840 -6.86 -0.15 12.98
C ALA A 840 -6.42 0.54 11.70
N GLY A 841 -7.05 1.65 11.36
CA GLY A 841 -6.59 2.42 10.20
C GLY A 841 -5.19 2.98 10.38
N VAL A 842 -4.94 3.62 11.53
CA VAL A 842 -3.64 4.25 11.74
C VAL A 842 -2.55 3.21 11.92
N VAL A 843 -2.84 2.08 12.58
CA VAL A 843 -1.84 1.04 12.77
C VAL A 843 -1.55 0.33 11.46
N GLU A 844 -2.56 0.14 10.62
CA GLU A 844 -2.31 -0.51 9.33
C GLU A 844 -1.54 0.40 8.38
N MET A 845 -1.81 1.71 8.42
CA MET A 845 -1.03 2.62 7.57
C MET A 845 0.38 2.81 8.08
N LYS A 846 0.60 2.73 9.39
CA LYS A 846 1.97 2.75 9.90
C LYS A 846 2.68 1.42 9.66
N MET A 847 1.93 0.35 9.45
CA MET A 847 2.56 -0.91 9.06
C MET A 847 2.99 -0.87 7.60
N LEU A 848 2.12 -0.38 6.73
CA LEU A 848 2.37 -0.48 5.30
C LEU A 848 3.31 0.61 4.79
N SER A 849 3.56 1.64 5.60
CA SER A 849 4.55 2.66 5.24
C SER A 849 5.96 2.29 5.63
N GLY A 850 6.14 1.19 6.38
CA GLY A 850 7.44 0.88 6.93
C GLY A 850 7.85 1.73 8.10
N GLN A 851 6.96 2.54 8.63
CA GLN A 851 7.29 3.49 9.68
C GLN A 851 7.24 2.88 11.08
N ALA A 852 6.36 1.91 11.30
CA ALA A 852 6.16 1.40 12.65
C ALA A 852 7.22 0.38 13.06
N LEU A 853 8.08 -0.06 12.14
CA LEU A 853 9.10 -1.04 12.47
C LEU A 853 10.45 -0.40 12.74
N LYS A 854 10.94 0.41 11.81
CA LYS A 854 12.21 1.10 12.00
C LYS A 854 12.05 2.25 12.97
N ASP A 855 13.05 2.42 13.83
CA ASP A 855 13.17 3.64 14.61
C ASP A 855 14.57 4.24 14.50
N LYS A 856 15.61 3.40 14.49
CA LYS A 856 17.01 3.79 14.29
C LYS A 856 17.50 4.77 15.35
N LYS A 857 16.88 4.74 16.53
CA LYS A 857 17.34 5.51 17.68
C LYS A 857 17.71 4.64 18.86
N GLU A 858 17.60 3.32 18.71
CA GLU A 858 18.09 2.37 19.70
C GLU A 858 19.42 1.76 19.30
N LEU A 859 19.83 1.90 18.04
CA LEU A 859 21.13 1.47 17.58
C LEU A 859 22.13 2.61 17.54
N GLU A 860 21.76 3.80 17.97
CA GLU A 860 22.71 4.90 18.02
C GLU A 860 23.54 4.90 19.29
N GLY A 861 23.36 3.91 20.17
CA GLY A 861 24.26 3.69 21.27
C GLY A 861 25.31 2.67 20.90
N SER A 862 25.03 1.90 19.85
CA SER A 862 25.95 0.91 19.32
C SER A 862 26.69 1.39 18.08
N GLY A 863 26.26 2.48 17.47
CA GLY A 863 27.00 3.07 16.37
C GLY A 863 28.18 3.90 16.78
N LYS A 864 28.27 4.25 18.06
CA LYS A 864 29.42 5.00 18.56
C LYS A 864 30.68 4.16 18.51
N ILE A 865 30.59 2.89 18.94
CA ILE A 865 31.76 2.01 18.97
C ILE A 865 32.13 1.55 17.58
N ALA A 866 31.14 1.29 16.72
CA ALA A 866 31.43 0.93 15.34
C ALA A 866 32.12 2.07 14.61
N THR A 867 31.57 3.28 14.74
CA THR A 867 32.19 4.45 14.13
C THR A 867 33.59 4.70 14.68
N GLU A 868 33.78 4.50 15.98
CA GLU A 868 35.09 4.68 16.59
C GLU A 868 36.10 3.68 16.06
N ALA A 869 35.69 2.43 15.88
CA ALA A 869 36.63 1.42 15.43
C ALA A 869 36.93 1.54 13.94
N ILE A 870 36.01 2.09 13.15
CA ILE A 870 36.32 2.29 11.74
C ILE A 870 37.27 3.47 11.56
N GLU A 871 37.04 4.57 12.27
CA GLU A 871 37.84 5.77 12.03
C GLU A 871 39.26 5.64 12.59
N ASN A 872 39.41 5.00 13.75
CA ASN A 872 40.73 4.81 14.38
C ASN A 872 41.26 3.41 14.10
N PHE A 873 41.42 3.07 12.83
CA PHE A 873 41.71 1.69 12.52
C PHE A 873 43.19 1.37 12.56
N ARG A 874 44.05 2.37 12.30
CA ARG A 874 45.49 2.17 12.38
C ARG A 874 45.91 1.81 13.79
N THR A 875 45.41 2.53 14.78
CA THR A 875 45.74 2.24 16.17
C THR A 875 45.13 0.91 16.60
N VAL A 876 43.87 0.66 16.24
CA VAL A 876 43.21 -0.56 16.68
C VAL A 876 43.78 -1.79 16.00
N VAL A 877 44.57 -1.61 14.93
CA VAL A 877 45.35 -2.72 14.41
C VAL A 877 46.70 -2.82 15.11
N SER A 878 47.39 -1.69 15.33
CA SER A 878 48.75 -1.73 15.85
C SER A 878 48.82 -2.20 17.31
N LEU A 879 47.71 -2.24 18.03
CA LEU A 879 47.64 -2.90 19.33
C LEU A 879 46.70 -4.11 19.31
N THR A 880 46.20 -4.47 18.13
CA THR A 880 45.36 -5.64 17.83
C THR A 880 44.27 -5.91 18.87
N ARG A 881 43.35 -4.95 18.98
CA ARG A 881 42.11 -5.14 19.73
C ARG A 881 40.90 -5.20 18.81
N GLU A 882 41.02 -5.92 17.71
CA GLU A 882 39.83 -6.21 16.92
C GLU A 882 38.86 -7.08 17.72
N GLN A 883 39.37 -7.97 18.56
CA GLN A 883 38.51 -8.92 19.24
C GLN A 883 37.68 -8.27 20.35
N LYS A 884 38.30 -7.35 21.10
CA LYS A 884 37.55 -6.65 22.16
C LYS A 884 36.46 -5.76 21.58
N PHE A 885 36.72 -5.12 20.43
CA PHE A 885 35.69 -4.33 19.77
C PHE A 885 34.60 -5.20 19.17
N GLU A 886 34.94 -6.40 18.68
CA GLU A 886 33.87 -7.30 18.24
C GLU A 886 33.02 -7.75 19.40
N THR A 887 33.62 -7.92 20.58
CA THR A 887 32.84 -8.27 21.76
C THR A 887 31.91 -7.14 22.20
N MET A 888 32.43 -5.91 22.30
CA MET A 888 31.60 -4.78 22.74
C MET A 888 30.47 -4.51 21.75
N TYR A 889 30.77 -4.55 20.45
CA TYR A 889 29.73 -4.39 19.45
C TYR A 889 28.76 -5.54 19.50
N ALA A 890 29.21 -6.73 19.88
CA ALA A 890 28.30 -7.86 19.97
C ALA A 890 27.30 -7.69 21.10
N GLN A 891 27.74 -7.23 22.28
CA GLN A 891 26.77 -7.10 23.37
C GLN A 891 25.88 -5.87 23.19
N SER A 892 26.45 -4.76 22.72
CA SER A 892 25.61 -3.61 22.42
C SER A 892 24.66 -3.88 21.27
N LEU A 893 24.96 -4.85 20.44
CA LEU A 893 23.95 -5.26 19.48
C LEU A 893 22.95 -6.21 20.12
N GLN A 894 23.34 -6.95 21.16
CA GLN A 894 22.44 -7.99 21.65
C GLN A 894 21.36 -7.43 22.58
N ILE A 895 21.57 -6.28 23.21
CA ILE A 895 20.48 -5.76 24.06
C ILE A 895 19.29 -5.22 23.22
N PRO A 896 19.48 -4.32 22.24
CA PRO A 896 18.33 -3.97 21.37
C PRO A 896 17.89 -5.12 20.49
N TYR A 897 18.72 -6.15 20.33
CA TYR A 897 18.25 -7.39 19.75
C TYR A 897 17.17 -8.02 20.60
N ARG A 898 17.39 -8.10 21.91
CA ARG A 898 16.39 -8.67 22.81
C ARG A 898 15.11 -7.83 22.80
N ASN A 899 15.28 -6.51 22.82
CA ASN A 899 14.12 -5.61 22.73
C ASN A 899 13.36 -5.81 21.42
N ALA A 900 14.07 -5.95 20.31
CA ALA A 900 13.40 -6.14 19.04
C ALA A 900 12.72 -7.49 18.98
N MET A 901 13.25 -8.47 19.69
CA MET A 901 12.56 -9.76 19.81
C MET A 901 11.26 -9.63 20.58
N LYS A 902 11.23 -8.80 21.62
CA LYS A 902 9.97 -8.61 22.35
C LYS A 902 8.96 -7.79 21.52
N LYS A 903 9.43 -6.72 20.88
CA LYS A 903 8.56 -5.87 20.08
C LYS A 903 8.00 -6.63 18.87
N ALA A 904 8.73 -7.61 18.36
CA ALA A 904 8.23 -8.39 17.23
C ALA A 904 6.99 -9.19 17.57
N HIS A 905 6.72 -9.44 18.85
CA HIS A 905 5.47 -10.07 19.25
C HIS A 905 4.38 -9.05 19.51
N VAL A 906 4.74 -7.90 20.09
CA VAL A 906 3.72 -6.88 20.40
C VAL A 906 3.13 -6.28 19.14
N PHE A 907 3.95 -5.99 18.13
CA PHE A 907 3.36 -5.46 16.90
C PHE A 907 2.59 -6.51 16.14
N GLY A 908 2.99 -7.77 16.24
CA GLY A 908 2.21 -8.84 15.63
C GLY A 908 0.84 -8.97 16.26
N ILE A 909 0.78 -8.87 17.59
CA ILE A 909 -0.51 -9.04 18.25
C ILE A 909 -1.37 -7.79 18.13
N THR A 910 -0.79 -6.58 18.01
CA THR A 910 -1.67 -5.44 17.82
C THR A 910 -2.18 -5.32 16.38
N PHE A 911 -1.36 -5.67 15.38
CA PHE A 911 -1.87 -5.72 14.01
C PHE A 911 -2.93 -6.79 13.87
N SER A 912 -2.66 -8.00 14.39
CA SER A 912 -3.63 -9.08 14.31
C SER A 912 -4.91 -8.74 15.04
N PHE A 913 -4.78 -8.16 16.24
CA PHE A 913 -5.96 -7.87 17.05
C PHE A 913 -6.84 -6.82 16.41
N THR A 914 -6.25 -5.76 15.87
CA THR A 914 -7.10 -4.68 15.40
C THR A 914 -7.70 -4.98 14.01
N GLN A 915 -6.98 -5.74 13.18
CA GLN A 915 -7.64 -6.29 11.99
C GLN A 915 -8.82 -7.18 12.39
N ALA A 916 -8.60 -8.04 13.40
CA ALA A 916 -9.68 -8.87 13.92
C ALA A 916 -10.86 -8.03 14.41
N MET A 917 -10.60 -6.82 14.92
CA MET A 917 -11.71 -5.92 15.26
C MET A 917 -12.48 -5.47 14.04
N MET A 918 -11.83 -5.31 12.89
CA MET A 918 -12.61 -5.02 11.68
C MET A 918 -13.58 -6.15 11.36
N TYR A 919 -13.10 -7.40 11.40
CA TYR A 919 -13.99 -8.51 11.01
C TYR A 919 -15.12 -8.73 12.04
N PHE A 920 -14.77 -8.72 13.33
CA PHE A 920 -15.77 -8.76 14.38
C PHE A 920 -16.75 -7.60 14.29
N SER A 921 -16.28 -6.44 13.82
CA SER A 921 -17.13 -5.27 13.64
C SER A 921 -18.20 -5.51 12.57
N TYR A 922 -17.83 -6.19 11.48
CA TYR A 922 -18.88 -6.63 10.55
C TYR A 922 -19.93 -7.47 11.27
N ALA A 923 -19.48 -8.45 12.07
CA ALA A 923 -20.43 -9.35 12.74
C ALA A 923 -21.40 -8.61 13.65
N ALA A 924 -20.85 -7.83 14.57
CA ALA A 924 -21.65 -7.14 15.57
C ALA A 924 -22.55 -6.09 14.95
N ALA A 925 -22.10 -5.44 13.88
CA ALA A 925 -22.96 -4.47 13.21
C ALA A 925 -24.16 -5.15 12.59
N PHE A 926 -23.95 -6.25 11.86
CA PHE A 926 -25.05 -6.79 11.07
C PHE A 926 -25.99 -7.68 11.87
N ARG A 927 -25.59 -8.20 13.04
CA ARG A 927 -26.56 -8.92 13.88
C ARG A 927 -27.63 -7.99 14.44
N PHE A 928 -27.21 -6.95 15.16
CA PHE A 928 -28.16 -6.00 15.72
C PHE A 928 -28.88 -5.24 14.62
N GLY A 929 -28.21 -5.05 13.47
CA GLY A 929 -28.93 -4.58 12.30
C GLY A 929 -30.07 -5.49 11.91
N ALA A 930 -29.84 -6.81 11.96
CA ALA A 930 -30.92 -7.75 11.64
C ALA A 930 -32.04 -7.68 12.65
N TYR A 931 -31.72 -7.44 13.92
CA TYR A 931 -32.75 -7.28 14.94
C TYR A 931 -33.58 -6.01 14.73
N LEU A 932 -32.94 -4.89 14.39
CA LEU A 932 -33.68 -3.68 14.09
C LEU A 932 -34.58 -3.89 12.89
N VAL A 933 -34.03 -4.37 11.79
CA VAL A 933 -34.84 -4.59 10.59
C VAL A 933 -35.99 -5.53 10.93
N ALA A 934 -35.77 -6.46 11.85
CA ALA A 934 -36.79 -7.47 12.15
C ALA A 934 -38.02 -6.87 12.82
N HIS A 935 -37.88 -5.85 13.65
CA HIS A 935 -39.05 -5.23 14.24
C HIS A 935 -39.52 -3.99 13.49
N LYS A 936 -39.19 -3.86 12.21
CA LYS A 936 -39.67 -2.84 11.28
C LYS A 936 -39.29 -1.41 11.64
N LEU A 937 -38.40 -1.17 12.61
CA LEU A 937 -38.11 0.20 13.00
C LEU A 937 -36.84 0.75 12.36
N MET A 938 -36.40 0.15 11.25
CA MET A 938 -35.37 0.66 10.34
C MET A 938 -35.60 0.08 8.94
N SER A 939 -34.59 0.23 8.09
CA SER A 939 -34.52 -0.46 6.82
C SER A 939 -33.10 -0.93 6.62
N PHE A 940 -32.85 -1.66 5.53
CA PHE A 940 -31.50 -2.16 5.28
C PHE A 940 -30.60 -1.10 4.66
N GLU A 941 -31.16 -0.14 3.93
CA GLU A 941 -30.29 0.94 3.47
C GLU A 941 -29.90 1.86 4.60
N ASP A 942 -30.57 1.80 5.75
CA ASP A 942 -30.11 2.61 6.87
C ASP A 942 -29.00 1.92 7.67
N VAL A 943 -29.01 0.59 7.78
CA VAL A 943 -27.86 -0.08 8.38
C VAL A 943 -26.67 -0.02 7.43
N LEU A 944 -26.90 -0.01 6.12
CA LEU A 944 -25.80 0.29 5.21
C LEU A 944 -25.33 1.73 5.31
N LEU A 945 -26.24 2.67 5.57
CA LEU A 945 -25.82 4.06 5.60
C LEU A 945 -25.09 4.39 6.89
N VAL A 946 -25.57 3.89 8.03
CA VAL A 946 -24.90 4.22 9.28
C VAL A 946 -23.68 3.33 9.49
N PHE A 947 -23.68 2.11 8.93
CA PHE A 947 -22.50 1.27 9.02
C PHE A 947 -21.41 1.75 8.09
N SER A 948 -21.76 2.07 6.84
CA SER A 948 -20.78 2.58 5.91
C SER A 948 -20.26 3.95 6.34
N ALA A 949 -21.13 4.79 6.90
CA ALA A 949 -20.71 6.13 7.31
C ALA A 949 -19.82 6.07 8.54
N ILE A 950 -20.27 5.41 9.62
CA ILE A 950 -19.49 5.41 10.86
C ILE A 950 -18.24 4.55 10.70
N VAL A 951 -18.36 3.35 10.13
CA VAL A 951 -17.23 2.46 10.04
C VAL A 951 -16.28 2.86 8.92
N PHE A 952 -16.78 3.04 7.69
CA PHE A 952 -15.87 3.42 6.61
C PHE A 952 -15.36 4.85 6.80
N GLY A 953 -16.16 5.72 7.42
CA GLY A 953 -15.62 6.99 7.85
C GLY A 953 -14.56 6.85 8.91
N ALA A 954 -14.65 5.82 9.75
CA ALA A 954 -13.61 5.65 10.77
C ALA A 954 -12.31 5.16 10.16
N MET A 955 -12.39 4.28 9.16
CA MET A 955 -11.19 3.91 8.42
C MET A 955 -10.61 5.12 7.71
N ALA A 956 -11.48 5.99 7.16
CA ALA A 956 -10.97 7.17 6.47
C ALA A 956 -10.32 8.16 7.41
N VAL A 957 -10.82 8.30 8.65
CA VAL A 957 -10.14 9.22 9.57
C VAL A 957 -8.88 8.59 10.13
N GLY A 958 -8.76 7.26 10.12
CA GLY A 958 -7.47 6.67 10.44
C GLY A 958 -6.45 6.88 9.35
N GLN A 959 -6.82 6.56 8.10
CA GLN A 959 -5.91 6.74 6.97
C GLN A 959 -5.49 8.19 6.79
N VAL A 960 -6.43 9.13 6.91
CA VAL A 960 -6.09 10.54 6.79
C VAL A 960 -5.24 10.97 7.98
N SER A 961 -5.60 10.58 9.20
CA SER A 961 -4.83 11.05 10.35
C SER A 961 -3.49 10.35 10.52
N SER A 962 -3.17 9.37 9.67
CA SER A 962 -1.82 8.80 9.65
C SER A 962 -1.01 9.15 8.42
N PHE A 963 -1.66 9.37 7.28
CA PHE A 963 -0.94 9.70 6.05
C PHE A 963 -0.27 11.06 6.15
N ALA A 964 -0.86 11.99 6.88
CA ALA A 964 -0.26 13.28 7.10
C ALA A 964 0.95 13.17 8.01
N PRO A 965 1.85 14.16 8.01
CA PRO A 965 3.01 14.12 8.91
C PRO A 965 2.64 14.24 10.39
N ASP A 966 3.65 14.27 11.24
CA ASP A 966 3.46 14.18 12.68
C ASP A 966 2.92 15.50 13.22
N TYR A 967 2.79 15.59 14.53
CA TYR A 967 2.55 16.87 15.16
C TYR A 967 3.44 17.13 16.37
N ALA A 968 4.02 16.11 16.97
CA ALA A 968 4.96 16.35 18.06
C ALA A 968 6.32 16.80 17.52
N LYS A 969 6.83 16.10 16.51
CA LYS A 969 8.08 16.51 15.88
C LYS A 969 7.93 17.83 15.15
N ALA A 970 6.74 18.10 14.61
CA ALA A 970 6.50 19.36 13.94
C ALA A 970 6.53 20.53 14.93
N THR A 971 5.92 20.36 16.10
CA THR A 971 5.93 21.48 17.03
C THR A 971 7.24 21.62 17.79
N VAL A 972 7.99 20.54 18.00
CA VAL A 972 9.30 20.75 18.62
C VAL A 972 10.28 21.30 17.59
N SER A 973 10.03 21.01 16.31
CA SER A 973 10.81 21.60 15.24
C SER A 973 10.56 23.11 15.13
N ALA A 974 9.29 23.50 15.16
CA ALA A 974 8.97 24.92 15.08
C ALA A 974 9.38 25.65 16.34
N SER A 975 9.43 24.97 17.48
CA SER A 975 10.01 25.56 18.67
C SER A 975 11.50 25.82 18.48
N HIS A 976 12.21 24.91 17.80
CA HIS A 976 13.62 25.16 17.55
C HIS A 976 13.84 26.28 16.53
N ILE A 977 13.09 26.27 15.43
CA ILE A 977 13.27 27.28 14.38
C ILE A 977 12.91 28.66 14.90
N ILE A 978 11.74 28.84 15.49
CA ILE A 978 11.43 30.18 15.96
C ILE A 978 12.21 30.50 17.21
N ARG A 979 12.85 29.49 17.82
CA ARG A 979 13.80 29.73 18.88
C ARG A 979 15.14 30.20 18.35
N ILE A 980 15.45 29.96 17.08
CA ILE A 980 16.75 30.33 16.53
C ILE A 980 16.71 31.54 15.59
N ILE A 981 15.64 31.75 14.82
CA ILE A 981 15.67 32.79 13.81
C ILE A 981 15.50 34.19 14.40
N GLU A 982 14.99 34.30 15.63
CA GLU A 982 14.86 35.59 16.28
C GLU A 982 15.98 35.85 17.28
N LYS A 983 16.99 34.97 17.31
CA LYS A 983 18.15 35.17 18.17
C LYS A 983 18.88 36.46 17.79
N THR A 984 19.34 37.20 18.80
CA THR A 984 20.06 38.44 18.57
C THR A 984 21.51 38.26 18.98
N PRO A 985 22.47 38.41 18.08
CA PRO A 985 23.87 38.17 18.44
C PRO A 985 24.43 39.29 19.28
N GLU A 986 25.53 38.97 19.97
CA GLU A 986 26.23 39.95 20.79
C GLU A 986 27.06 40.90 19.94
N ILE A 987 28.05 40.36 19.24
CA ILE A 987 28.89 41.15 18.33
C ILE A 987 28.22 41.06 16.96
N ASP A 988 27.24 41.94 16.73
CA ASP A 988 26.42 41.94 15.53
C ASP A 988 27.26 42.19 14.29
N SER A 989 27.26 41.24 13.37
CA SER A 989 28.05 41.40 12.16
C SER A 989 27.29 42.17 11.08
N TYR A 990 26.02 41.83 10.84
CA TYR A 990 25.24 42.48 9.78
C TYR A 990 24.87 43.91 10.09
N SER A 991 25.33 44.47 11.20
CA SER A 991 25.05 45.86 11.54
C SER A 991 25.79 46.79 10.58
N THR A 992 25.40 48.07 10.64
CA THR A 992 25.97 49.07 9.74
C THR A 992 26.53 50.29 10.45
N GLN A 993 26.39 50.40 11.76
CA GLN A 993 27.00 51.51 12.47
C GLN A 993 28.48 51.25 12.72
N GLY A 994 29.21 52.31 13.00
CA GLY A 994 30.64 52.24 13.18
C GLY A 994 31.29 53.47 12.59
N LEU A 995 32.54 53.73 13.01
CA LEU A 995 33.23 54.95 12.60
C LEU A 995 33.62 54.89 11.14
N LYS A 996 34.32 53.82 10.74
CA LYS A 996 34.80 53.55 9.39
C LYS A 996 35.68 54.68 8.84
N PRO A 997 36.89 54.86 9.34
CA PRO A 997 37.75 55.95 8.85
C PRO A 997 38.49 55.56 7.57
N ASN A 998 39.29 56.50 7.06
CA ASN A 998 40.13 56.29 5.89
C ASN A 998 41.61 56.19 6.27
N MET A 999 41.90 56.04 7.55
CA MET A 999 43.24 55.73 8.02
C MET A 999 43.66 54.33 7.58
N LEU A 1000 44.92 54.20 7.15
CA LEU A 1000 45.48 52.90 6.80
C LEU A 1000 46.81 52.64 7.51
N GLU A 1001 47.08 53.33 8.61
CA GLU A 1001 48.34 53.18 9.35
C GLU A 1001 48.44 51.81 10.02
N GLY A 1002 47.59 51.55 11.00
CA GLY A 1002 47.52 50.22 11.58
C GLY A 1002 48.47 49.92 12.72
N ASN A 1003 48.88 50.92 13.50
CA ASN A 1003 49.61 50.61 14.73
C ASN A 1003 48.67 49.99 15.75
N VAL A 1004 48.79 48.67 15.91
CA VAL A 1004 47.90 47.89 16.78
C VAL A 1004 48.41 47.99 18.21
N GLN A 1005 47.49 47.91 19.17
CA GLN A 1005 47.88 47.95 20.58
C GLN A 1005 46.89 47.17 21.42
N PHE A 1006 47.31 46.01 21.92
CA PHE A 1006 46.60 45.31 22.99
C PHE A 1006 46.97 45.95 24.33
N SER A 1007 45.96 46.23 25.15
CA SER A 1007 46.18 46.82 26.47
C SER A 1007 45.40 46.03 27.53
N GLY A 1008 46.10 45.12 28.21
CA GLY A 1008 45.55 44.44 29.37
C GLY A 1008 44.38 43.52 29.09
N VAL A 1009 44.41 42.79 27.98
CA VAL A 1009 43.25 42.02 27.55
C VAL A 1009 43.08 40.80 28.44
N VAL A 1010 41.87 40.61 28.96
CA VAL A 1010 41.50 39.46 29.76
C VAL A 1010 40.38 38.73 29.02
N PHE A 1011 40.60 37.45 28.72
CA PHE A 1011 39.65 36.69 27.94
C PHE A 1011 39.53 35.27 28.48
N ASN A 1012 38.31 34.73 28.43
CA ASN A 1012 38.05 33.32 28.71
C ASN A 1012 37.22 32.75 27.58
N TYR A 1013 37.56 31.55 27.13
CA TYR A 1013 36.76 30.90 26.11
C TYR A 1013 35.41 30.50 26.68
N PRO A 1014 34.31 30.80 25.99
CA PRO A 1014 32.98 30.56 26.59
C PRO A 1014 32.53 29.11 26.58
N THR A 1015 33.25 28.22 25.89
CA THR A 1015 32.91 26.80 25.98
C THR A 1015 33.39 26.19 27.30
N ARG A 1016 34.41 26.78 27.92
CA ARG A 1016 34.93 26.32 29.19
C ARG A 1016 35.29 27.53 30.05
N PRO A 1017 34.29 28.22 30.59
CA PRO A 1017 34.54 29.50 31.27
C PRO A 1017 35.28 29.38 32.60
N SER A 1018 35.51 28.17 33.09
CA SER A 1018 36.22 28.00 34.34
C SER A 1018 37.71 28.25 34.18
N ILE A 1019 38.31 27.69 33.14
CA ILE A 1019 39.77 27.82 32.92
C ILE A 1019 40.06 29.19 32.33
N PRO A 1020 41.06 29.91 32.85
CA PRO A 1020 41.44 31.18 32.24
C PRO A 1020 42.58 31.00 31.24
N VAL A 1021 42.65 31.88 30.24
CA VAL A 1021 43.66 31.77 29.18
C VAL A 1021 44.49 33.04 29.02
N LEU A 1022 43.84 34.21 29.04
CA LEU A 1022 44.53 35.49 28.89
C LEU A 1022 44.26 36.37 30.10
N GLN A 1023 45.32 36.95 30.67
CA GLN A 1023 45.22 37.86 31.81
C GLN A 1023 46.20 39.01 31.58
N GLY A 1024 45.67 40.18 31.23
CA GLY A 1024 46.49 41.38 31.11
C GLY A 1024 47.51 41.35 30.00
N LEU A 1025 47.09 40.96 28.80
CA LEU A 1025 47.99 40.86 27.66
C LEU A 1025 48.11 42.21 26.97
N SER A 1026 49.29 42.81 27.02
CA SER A 1026 49.53 44.11 26.40
C SER A 1026 50.74 44.01 25.47
N LEU A 1027 50.61 44.56 24.27
CA LEU A 1027 51.66 44.56 23.27
C LEU A 1027 51.34 45.58 22.20
N GLU A 1028 52.38 46.23 21.67
CA GLU A 1028 52.23 47.24 20.62
C GLU A 1028 52.90 46.76 19.34
N VAL A 1029 52.26 47.07 18.21
CA VAL A 1029 52.80 46.71 16.89
C VAL A 1029 52.78 47.98 16.05
N LYS A 1030 53.96 48.48 15.71
CA LYS A 1030 54.09 49.69 14.91
C LYS A 1030 53.85 49.40 13.44
N LYS A 1031 53.87 50.45 12.62
CA LYS A 1031 53.59 50.34 11.20
C LYS A 1031 54.74 49.65 10.48
N GLY A 1032 54.41 48.64 9.69
CA GLY A 1032 55.33 48.03 8.75
C GLY A 1032 56.29 47.01 9.33
N GLN A 1033 56.53 47.03 10.64
CA GLN A 1033 57.51 46.13 11.23
C GLN A 1033 56.89 44.74 11.41
N THR A 1034 57.69 43.79 11.88
CA THR A 1034 57.26 42.42 12.09
C THR A 1034 57.39 42.04 13.55
N LEU A 1035 56.31 41.54 14.12
CA LEU A 1035 56.30 40.91 15.43
C LEU A 1035 55.97 39.44 15.24
N ALA A 1036 56.83 38.57 15.76
CA ALA A 1036 56.56 37.15 15.86
C ALA A 1036 56.23 36.83 17.30
N LEU A 1037 55.37 35.83 17.51
CA LEU A 1037 54.96 35.45 18.85
C LEU A 1037 55.16 33.95 19.03
N VAL A 1038 55.80 33.59 20.14
CA VAL A 1038 56.08 32.21 20.51
C VAL A 1038 55.79 32.03 21.99
N GLY A 1039 55.93 30.80 22.46
CA GLY A 1039 55.69 30.50 23.86
C GLY A 1039 55.40 29.02 24.05
N SER A 1040 54.97 28.71 25.26
CA SER A 1040 54.75 27.33 25.68
C SER A 1040 53.29 26.92 25.43
N SER A 1041 52.90 25.77 25.95
CA SER A 1041 51.53 25.28 25.80
C SER A 1041 50.60 25.97 26.78
N GLY A 1042 49.35 26.13 26.37
CA GLY A 1042 48.36 26.80 27.20
C GLY A 1042 48.61 28.26 27.42
N ALA A 1043 49.35 28.91 26.53
CA ALA A 1043 49.73 30.29 26.73
C ALA A 1043 48.64 31.25 26.26
N GLY A 1044 47.95 30.90 25.18
CA GLY A 1044 46.99 31.78 24.57
C GLY A 1044 47.47 32.47 23.32
N LYS A 1045 48.43 31.88 22.60
CA LYS A 1045 49.02 32.55 21.45
C LYS A 1045 48.11 32.51 20.23
N SER A 1046 47.30 31.47 20.09
CA SER A 1046 46.36 31.42 18.97
C SER A 1046 45.15 32.30 19.21
N THR A 1047 44.96 32.80 20.42
CA THR A 1047 43.80 33.58 20.75
C THR A 1047 43.91 35.01 20.24
N VAL A 1048 45.13 35.50 20.01
CA VAL A 1048 45.32 36.91 19.67
C VAL A 1048 44.79 37.20 18.27
N VAL A 1049 44.78 36.20 17.39
CA VAL A 1049 44.17 36.36 16.08
C VAL A 1049 42.66 36.47 16.19
N GLN A 1050 42.06 35.66 17.07
CA GLN A 1050 40.62 35.67 17.23
C GLN A 1050 40.13 36.89 18.02
N LEU A 1051 40.97 37.45 18.88
CA LEU A 1051 40.58 38.65 19.61
C LEU A 1051 40.79 39.90 18.76
N LEU A 1052 41.85 39.94 17.95
CA LEU A 1052 42.08 41.12 17.13
C LEU A 1052 41.11 41.17 15.96
N GLU A 1053 40.63 40.01 15.51
CA GLU A 1053 39.61 39.98 14.48
C GLU A 1053 38.22 40.15 15.06
N ARG A 1054 38.13 40.24 16.40
CA ARG A 1054 36.90 40.47 17.14
C ARG A 1054 35.88 39.36 16.90
N PHE A 1055 36.32 38.11 17.10
CA PHE A 1055 35.37 37.03 17.24
C PHE A 1055 34.68 37.09 18.60
N TYR A 1056 35.38 37.65 19.59
CA TYR A 1056 34.87 37.79 20.94
C TYR A 1056 35.28 39.17 21.45
N ASP A 1057 34.59 39.63 22.42
CA ASP A 1057 35.13 40.78 23.11
C ASP A 1057 35.76 40.34 24.43
N PRO A 1058 36.78 41.04 24.92
CA PRO A 1058 37.34 40.73 26.23
C PRO A 1058 36.44 41.21 27.35
N MET A 1059 36.59 40.57 28.52
CA MET A 1059 35.80 40.97 29.68
C MET A 1059 36.31 42.30 30.25
N ALA A 1060 37.63 42.39 30.45
CA ALA A 1060 38.26 43.61 30.89
C ALA A 1060 39.43 43.92 29.96
N GLY A 1061 40.02 45.09 30.14
CA GLY A 1061 41.07 45.53 29.24
C GLY A 1061 40.50 46.10 27.96
N SER A 1062 41.39 46.50 27.06
CA SER A 1062 40.97 47.18 25.85
C SER A 1062 41.88 46.82 24.69
N VAL A 1063 41.28 46.82 23.50
CA VAL A 1063 41.99 46.55 22.25
C VAL A 1063 41.91 47.80 21.40
N PHE A 1064 43.05 48.32 20.97
CA PHE A 1064 43.15 49.58 20.26
C PHE A 1064 43.69 49.35 18.87
N LEU A 1065 42.97 49.84 17.87
CA LEU A 1065 43.48 49.97 16.52
C LEU A 1065 43.65 51.45 16.27
N ASP A 1066 44.91 51.87 16.17
CA ASP A 1066 45.27 53.20 15.70
C ASP A 1066 44.74 54.27 16.66
N GLY A 1067 44.91 54.00 17.96
CA GLY A 1067 44.43 54.85 19.02
C GLY A 1067 42.95 54.77 19.29
N LYS A 1068 42.21 53.93 18.57
CA LYS A 1068 40.76 53.87 18.71
C LYS A 1068 40.34 52.46 19.10
N GLU A 1069 39.37 52.38 20.01
CA GLU A 1069 38.91 51.08 20.51
C GLU A 1069 38.09 50.38 19.45
N ILE A 1070 38.40 49.10 19.21
CA ILE A 1070 37.74 48.35 18.16
C ILE A 1070 36.24 48.24 18.39
N LYS A 1071 35.81 48.14 19.65
CA LYS A 1071 34.40 47.89 19.93
C LYS A 1071 33.46 48.97 19.40
N GLN A 1072 33.98 50.12 18.96
CA GLN A 1072 33.16 51.13 18.33
C GLN A 1072 33.31 51.18 16.82
N LEU A 1073 34.22 50.41 16.24
CA LEU A 1073 34.36 50.37 14.80
C LEU A 1073 33.43 49.32 14.19
N ASN A 1074 33.11 49.51 12.91
CA ASN A 1074 32.32 48.54 12.17
C ASN A 1074 33.13 47.26 11.99
N VAL A 1075 32.47 46.12 12.13
CA VAL A 1075 33.18 44.84 12.10
C VAL A 1075 33.57 44.45 10.68
N GLN A 1076 32.75 44.80 9.69
CA GLN A 1076 33.06 44.42 8.31
C GLN A 1076 34.23 45.21 7.76
N TRP A 1077 34.37 46.47 8.16
CA TRP A 1077 35.54 47.25 7.76
C TRP A 1077 36.78 46.72 8.47
N LEU A 1078 36.66 46.41 9.75
CA LEU A 1078 37.76 45.86 10.54
C LEU A 1078 38.29 44.58 9.92
N ARG A 1079 37.39 43.65 9.59
CA ARG A 1079 37.80 42.44 8.91
C ARG A 1079 38.19 42.69 7.47
N ALA A 1080 37.83 43.85 6.91
CA ALA A 1080 38.23 44.16 5.55
C ALA A 1080 39.69 44.55 5.46
N GLN A 1081 40.24 45.21 6.48
CA GLN A 1081 41.66 45.52 6.47
C GLN A 1081 42.50 44.55 7.29
N LEU A 1082 42.19 43.26 7.30
CA LEU A 1082 43.04 42.25 7.93
C LEU A 1082 43.16 41.06 6.99
N GLY A 1083 44.38 40.60 6.75
CA GLY A 1083 44.56 39.41 5.94
C GLY A 1083 45.01 38.18 6.69
N ILE A 1084 44.11 37.24 6.96
CA ILE A 1084 44.46 36.04 7.70
C ILE A 1084 44.99 34.99 6.73
N VAL A 1085 45.93 34.18 7.20
CA VAL A 1085 46.46 33.04 6.46
C VAL A 1085 46.47 31.87 7.43
N SER A 1086 45.51 30.94 7.29
CA SER A 1086 45.31 29.88 8.27
C SER A 1086 46.34 28.76 8.08
N GLN A 1087 46.42 27.87 9.09
CA GLN A 1087 47.45 26.84 9.15
C GLN A 1087 47.37 25.83 8.02
N GLU A 1088 46.32 25.00 8.00
CA GLU A 1088 46.04 24.22 6.82
C GLU A 1088 44.93 24.93 6.05
N PRO A 1089 45.19 25.41 4.84
CA PRO A 1089 44.24 26.34 4.23
C PRO A 1089 43.00 25.63 3.74
N ILE A 1090 41.86 26.26 4.00
CA ILE A 1090 40.59 25.75 3.53
C ILE A 1090 40.37 26.24 2.11
N LEU A 1091 40.22 25.30 1.18
CA LEU A 1091 39.86 25.64 -0.19
C LEU A 1091 38.42 25.24 -0.45
N PHE A 1092 37.70 26.10 -1.15
CA PHE A 1092 36.31 25.85 -1.44
C PHE A 1092 36.16 25.09 -2.75
N ASP A 1093 35.01 24.42 -2.89
CA ASP A 1093 34.68 23.61 -4.05
C ASP A 1093 34.31 24.51 -5.23
N THR A 1094 35.33 25.10 -5.87
CA THR A 1094 35.16 25.88 -7.10
C THR A 1094 36.51 26.01 -7.80
N SER A 1095 36.57 26.84 -8.84
CA SER A 1095 37.81 26.96 -9.60
C SER A 1095 38.82 27.82 -8.85
N ILE A 1096 39.98 28.02 -9.48
CA ILE A 1096 41.08 28.77 -8.89
C ILE A 1096 40.72 30.25 -8.74
N ALA A 1097 40.10 30.83 -9.77
CA ALA A 1097 39.90 32.28 -9.80
C ALA A 1097 38.95 32.74 -8.71
N GLU A 1098 37.96 31.92 -8.35
CA GLU A 1098 37.07 32.29 -7.26
C GLU A 1098 37.72 32.08 -5.90
N ASN A 1099 38.51 31.02 -5.75
CA ASN A 1099 39.14 30.73 -4.46
C ASN A 1099 40.18 31.79 -4.10
N ILE A 1100 40.96 32.25 -5.09
CA ILE A 1100 41.87 33.35 -4.81
C ILE A 1100 41.11 34.67 -4.78
N ALA A 1101 40.12 34.83 -5.65
CA ALA A 1101 39.32 36.06 -5.66
C ALA A 1101 38.37 36.16 -4.47
N TYR A 1102 38.21 35.08 -3.70
CA TYR A 1102 37.37 35.10 -2.51
C TYR A 1102 37.92 36.02 -1.43
N GLY A 1103 39.20 36.38 -1.51
CA GLY A 1103 39.86 37.26 -0.58
C GLY A 1103 39.17 38.58 -0.37
N ASP A 1104 38.99 39.36 -1.43
CA ASP A 1104 38.28 40.64 -1.34
C ASP A 1104 36.89 40.48 -1.94
N ASN A 1105 35.87 40.80 -1.16
CA ASN A 1105 34.51 40.87 -1.66
C ASN A 1105 34.01 42.31 -1.59
N SER A 1106 32.78 42.50 -2.08
CA SER A 1106 32.21 43.81 -2.42
C SER A 1106 33.09 44.56 -3.41
N ARG A 1107 33.73 43.82 -4.32
CA ARG A 1107 34.64 44.37 -5.30
C ARG A 1107 34.46 43.59 -6.61
N VAL A 1108 34.80 44.22 -7.73
CA VAL A 1108 34.49 43.70 -9.05
C VAL A 1108 35.51 42.66 -9.50
N VAL A 1109 36.38 42.21 -8.58
CA VAL A 1109 37.81 41.93 -8.81
C VAL A 1109 38.15 41.49 -10.23
N SER A 1110 39.11 42.18 -10.85
CA SER A 1110 39.45 41.92 -12.24
C SER A 1110 40.29 40.66 -12.35
N TYR A 1111 40.17 39.99 -13.50
CA TYR A 1111 40.95 38.78 -13.78
C TYR A 1111 42.44 39.05 -13.73
N GLU A 1112 42.86 40.17 -14.34
CA GLU A 1112 44.25 40.63 -14.31
C GLU A 1112 44.79 40.76 -12.89
N GLU A 1113 43.94 41.18 -11.96
CA GLU A 1113 44.37 41.41 -10.58
C GLU A 1113 44.73 40.13 -9.87
N ILE A 1114 44.14 39.00 -10.31
CA ILE A 1114 44.47 37.70 -9.75
C ILE A 1114 45.93 37.36 -10.04
N VAL A 1115 46.42 37.80 -11.20
CA VAL A 1115 47.72 37.37 -11.70
C VAL A 1115 48.85 37.97 -10.87
N ARG A 1116 48.68 39.23 -10.46
CA ARG A 1116 49.68 39.86 -9.61
C ARG A 1116 49.83 39.12 -8.29
N ALA A 1117 48.71 38.85 -7.62
CA ALA A 1117 48.75 38.14 -6.34
C ALA A 1117 49.30 36.73 -6.50
N ALA A 1118 49.00 36.07 -7.62
CA ALA A 1118 49.60 34.76 -7.85
C ALA A 1118 51.10 34.85 -8.10
N LYS A 1119 51.56 35.95 -8.69
CA LYS A 1119 52.99 36.17 -8.86
C LYS A 1119 53.69 36.32 -7.52
N GLU A 1120 53.17 37.19 -6.65
CA GLU A 1120 53.85 37.33 -5.36
C GLU A 1120 53.59 36.15 -4.43
N ALA A 1121 52.59 35.32 -4.72
CA ALA A 1121 52.42 34.07 -3.99
C ALA A 1121 53.19 32.92 -4.62
N ASN A 1122 53.92 33.19 -5.71
CA ASN A 1122 54.84 32.25 -6.34
C ASN A 1122 54.14 30.99 -6.85
N ILE A 1123 52.92 31.13 -7.35
CA ILE A 1123 52.25 30.01 -8.00
C ILE A 1123 52.07 30.23 -9.49
N HIS A 1124 52.17 31.48 -9.96
CA HIS A 1124 51.92 31.80 -11.36
C HIS A 1124 52.82 31.02 -12.29
N GLN A 1125 54.10 30.91 -11.94
CA GLN A 1125 55.03 30.12 -12.73
C GLN A 1125 54.70 28.63 -12.63
N PHE A 1126 54.13 28.20 -11.50
CA PHE A 1126 53.72 26.81 -11.34
C PHE A 1126 52.34 26.56 -11.96
N ILE A 1127 51.45 27.55 -11.88
CA ILE A 1127 50.15 27.45 -12.52
C ILE A 1127 50.29 27.41 -14.03
N ASP A 1128 51.28 28.12 -14.58
CA ASP A 1128 51.44 28.20 -16.03
C ASP A 1128 51.78 26.87 -16.68
N SER A 1129 52.20 25.87 -15.91
CA SER A 1129 52.36 24.52 -16.44
C SER A 1129 51.16 23.64 -16.16
N LEU A 1130 50.27 24.04 -15.26
CA LEU A 1130 49.12 23.24 -14.89
C LEU A 1130 48.09 23.19 -16.01
N PRO A 1131 47.28 22.14 -16.06
CA PRO A 1131 46.18 22.11 -17.05
C PRO A 1131 45.10 23.10 -16.66
N ASP A 1132 44.66 23.91 -17.65
CA ASP A 1132 43.53 24.85 -17.46
C ASP A 1132 43.83 25.87 -16.35
N LYS A 1133 44.83 26.71 -16.63
CA LYS A 1133 45.61 27.45 -15.64
C LYS A 1133 44.80 28.05 -14.48
N TYR A 1134 43.84 28.92 -14.79
CA TYR A 1134 43.12 29.73 -13.82
C TYR A 1134 41.69 29.28 -13.58
N ASN A 1135 41.09 28.55 -14.51
CA ASN A 1135 39.79 27.99 -14.25
C ASN A 1135 39.87 26.51 -13.92
N THR A 1136 41.06 26.03 -13.54
CA THR A 1136 41.22 24.68 -13.01
C THR A 1136 40.40 24.51 -11.76
N ARG A 1137 39.52 23.52 -11.76
CA ARG A 1137 38.71 23.24 -10.60
C ARG A 1137 39.56 22.54 -9.53
N VAL A 1138 39.24 22.81 -8.27
CA VAL A 1138 39.96 22.27 -7.13
C VAL A 1138 38.95 21.58 -6.22
N GLY A 1139 39.33 20.42 -5.70
CA GLY A 1139 38.53 19.73 -4.71
C GLY A 1139 38.81 18.23 -4.76
N ASP A 1140 37.77 17.46 -4.47
CA ASP A 1140 37.94 16.01 -4.47
C ASP A 1140 38.00 15.45 -5.88
N LYS A 1141 37.41 16.15 -6.85
CA LYS A 1141 37.34 15.65 -8.21
C LYS A 1141 38.54 16.10 -9.04
N GLY A 1142 38.96 17.34 -8.86
CA GLY A 1142 40.08 17.89 -9.60
C GLY A 1142 41.41 17.49 -8.98
N THR A 1143 42.44 18.24 -9.33
CA THR A 1143 43.79 17.93 -8.87
C THR A 1143 43.92 18.21 -7.37
N GLN A 1144 44.62 17.32 -6.68
CA GLN A 1144 44.89 17.50 -5.26
C GLN A 1144 46.25 18.16 -5.14
N LEU A 1145 46.27 19.33 -4.53
CA LEU A 1145 47.52 20.07 -4.40
C LEU A 1145 48.14 19.77 -3.03
N SER A 1146 49.46 19.87 -2.97
CA SER A 1146 50.15 19.62 -1.72
C SER A 1146 49.88 20.75 -0.72
N GLY A 1147 50.22 20.49 0.54
CA GLY A 1147 49.93 21.46 1.58
C GLY A 1147 50.68 22.75 1.43
N GLY A 1148 51.89 22.70 0.86
CA GLY A 1148 52.62 23.92 0.58
C GLY A 1148 51.99 24.74 -0.53
N GLN A 1149 51.56 24.07 -1.61
CA GLN A 1149 50.94 24.79 -2.73
C GLN A 1149 49.60 25.39 -2.33
N LYS A 1150 48.81 24.64 -1.56
CA LYS A 1150 47.59 25.20 -0.97
C LYS A 1150 47.89 26.36 -0.06
N GLN A 1151 48.99 26.28 0.71
CA GLN A 1151 49.38 27.38 1.58
C GLN A 1151 49.72 28.62 0.77
N ARG A 1152 50.37 28.44 -0.38
CA ARG A 1152 50.59 29.56 -1.28
C ARG A 1152 49.28 30.11 -1.85
N ILE A 1153 48.29 29.25 -2.07
CA ILE A 1153 46.98 29.73 -2.53
C ILE A 1153 46.35 30.61 -1.47
N ALA A 1154 46.42 30.20 -0.21
CA ALA A 1154 45.92 31.04 0.88
C ALA A 1154 46.68 32.35 0.98
N ILE A 1155 47.98 32.33 0.66
CA ILE A 1155 48.74 33.57 0.60
C ILE A 1155 48.20 34.48 -0.50
N ALA A 1156 47.88 33.91 -1.66
CA ALA A 1156 47.33 34.71 -2.75
C ALA A 1156 45.97 35.29 -2.37
N ARG A 1157 45.12 34.47 -1.74
CA ARG A 1157 43.81 34.92 -1.29
C ARG A 1157 43.92 36.05 -0.28
N ALA A 1158 44.94 36.00 0.59
CA ALA A 1158 45.16 37.14 1.48
C ALA A 1158 45.76 38.33 0.73
N LEU A 1159 46.41 38.11 -0.40
CA LEU A 1159 47.07 39.19 -1.11
C LEU A 1159 46.16 39.93 -2.08
N VAL A 1160 45.00 39.38 -2.42
CA VAL A 1160 44.10 40.13 -3.28
C VAL A 1160 43.54 41.34 -2.56
N ARG A 1161 43.29 41.23 -1.26
CA ARG A 1161 42.78 42.35 -0.46
C ARG A 1161 43.76 43.52 -0.43
N GLN A 1162 45.05 43.24 -0.59
CA GLN A 1162 46.14 44.15 -0.29
C GLN A 1162 45.98 44.81 1.09
N PRO A 1163 45.97 44.02 2.16
CA PRO A 1163 45.67 44.59 3.48
C PRO A 1163 46.90 45.26 4.06
N HIS A 1164 46.64 46.09 5.06
CA HIS A 1164 47.70 46.81 5.76
C HIS A 1164 48.10 46.12 7.04
N ILE A 1165 47.43 45.03 7.39
CA ILE A 1165 47.84 44.14 8.47
C ILE A 1165 47.71 42.71 7.95
N LEU A 1166 48.72 41.90 8.21
CA LEU A 1166 48.75 40.51 7.75
C LEU A 1166 48.92 39.61 8.96
N LEU A 1167 47.99 38.67 9.14
CA LEU A 1167 48.01 37.73 10.25
C LEU A 1167 48.42 36.38 9.68
N LEU A 1168 49.61 35.91 10.07
CA LEU A 1168 50.16 34.66 9.55
C LEU A 1168 50.02 33.59 10.63
N ASP A 1169 49.14 32.63 10.37
CA ASP A 1169 48.80 31.54 11.28
C ASP A 1169 49.39 30.28 10.64
N GLU A 1170 50.63 29.96 11.00
CA GLU A 1170 51.36 28.83 10.41
C GLU A 1170 52.00 27.98 11.50
N ALA A 1171 52.03 26.65 11.27
CA ALA A 1171 52.47 25.73 12.32
C ALA A 1171 53.29 24.58 11.75
N THR A 1172 54.02 23.96 12.67
CA THR A 1172 54.79 22.74 12.46
C THR A 1172 53.89 21.56 12.08
N CYS A 1173 54.39 20.64 11.24
CA CYS A 1173 55.65 20.71 10.48
C CYS A 1173 55.45 20.46 8.98
N ALA A 1174 56.34 21.02 8.16
CA ALA A 1174 56.26 20.91 6.70
C ALA A 1174 57.26 19.88 6.21
N LEU A 1175 56.75 18.81 5.61
CA LEU A 1175 57.53 17.68 5.13
C LEU A 1175 57.82 17.78 3.64
N ASP A 1176 57.40 18.87 3.02
CA ASP A 1176 57.27 18.94 1.57
C ASP A 1176 58.64 18.99 0.87
N THR A 1177 59.53 19.87 1.34
CA THR A 1177 60.91 20.06 0.86
C THR A 1177 61.03 20.47 -0.59
N GLU A 1178 59.91 20.68 -1.28
CA GLU A 1178 59.93 21.21 -2.64
C GLU A 1178 59.20 22.55 -2.73
N SER A 1179 58.29 22.81 -1.79
CA SER A 1179 57.56 24.05 -1.71
C SER A 1179 57.75 24.75 -0.37
N GLU A 1180 58.55 24.18 0.55
CA GLU A 1180 58.87 24.87 1.79
C GLU A 1180 59.61 26.19 1.51
N LYS A 1181 60.49 26.18 0.52
CA LYS A 1181 61.24 27.38 0.24
C LYS A 1181 60.42 28.37 -0.58
N VAL A 1182 59.49 27.90 -1.41
CA VAL A 1182 58.70 28.87 -2.16
C VAL A 1182 57.58 29.46 -1.31
N VAL A 1183 57.08 28.72 -0.30
CA VAL A 1183 56.13 29.36 0.62
C VAL A 1183 56.87 30.38 1.49
N GLN A 1184 58.12 30.08 1.88
CA GLN A 1184 58.84 31.09 2.64
C GLN A 1184 59.25 32.28 1.77
N GLU A 1185 59.47 32.06 0.46
CA GLU A 1185 59.73 33.18 -0.44
C GLU A 1185 58.50 34.05 -0.61
N ALA A 1186 57.32 33.44 -0.78
CA ALA A 1186 56.10 34.23 -0.96
C ALA A 1186 55.74 34.96 0.34
N LEU A 1187 55.96 34.33 1.48
CA LEU A 1187 55.72 35.00 2.75
C LEU A 1187 56.70 36.15 2.96
N ASP A 1188 57.96 35.98 2.57
CA ASP A 1188 58.91 37.08 2.69
C ASP A 1188 58.59 38.21 1.72
N LYS A 1189 58.00 37.89 0.57
CA LYS A 1189 57.58 38.94 -0.34
C LYS A 1189 56.34 39.67 0.17
N ALA A 1190 55.47 38.97 0.90
CA ALA A 1190 54.27 39.61 1.41
C ALA A 1190 54.56 40.50 2.62
N ARG A 1191 55.56 40.16 3.43
CA ARG A 1191 55.83 40.88 4.67
C ARG A 1191 56.74 42.09 4.50
N GLU A 1192 57.06 42.48 3.27
CA GLU A 1192 58.14 43.45 3.07
C GLU A 1192 57.73 44.85 3.51
N GLY A 1193 56.47 45.23 3.31
CA GLY A 1193 56.04 46.58 3.59
C GLY A 1193 54.69 46.64 4.28
N ARG A 1194 54.40 45.62 5.07
CA ARG A 1194 53.11 45.49 5.75
C ARG A 1194 53.33 45.15 7.22
N THR A 1195 52.46 45.69 8.06
CA THR A 1195 52.46 45.32 9.46
C THR A 1195 51.98 43.88 9.61
N THR A 1196 52.77 43.03 10.27
CA THR A 1196 52.54 41.60 10.22
C THR A 1196 52.66 40.99 11.62
N ILE A 1197 51.66 40.20 12.00
CA ILE A 1197 51.70 39.41 13.23
C ILE A 1197 51.70 37.94 12.84
N VAL A 1198 52.73 37.20 13.27
CA VAL A 1198 52.93 35.80 12.90
C VAL A 1198 52.90 34.97 14.17
N ILE A 1199 52.11 33.90 14.18
CA ILE A 1199 52.25 32.90 15.24
C ILE A 1199 53.33 31.94 14.75
N ALA A 1200 54.40 31.84 15.51
CA ALA A 1200 55.64 31.28 14.98
C ALA A 1200 55.95 29.95 15.63
N HIS A 1201 56.27 28.97 14.80
CA HIS A 1201 56.80 27.69 15.23
C HIS A 1201 58.07 27.29 14.51
N ARG A 1202 58.32 27.82 13.31
CA ARG A 1202 59.57 27.62 12.61
C ARG A 1202 60.59 28.64 13.08
N LEU A 1203 61.75 28.16 13.50
CA LEU A 1203 62.74 29.01 14.14
C LEU A 1203 63.52 29.86 13.14
N SER A 1204 63.36 29.61 11.84
CA SER A 1204 64.07 30.39 10.83
C SER A 1204 63.37 31.70 10.53
N THR A 1205 62.06 31.80 10.79
CA THR A 1205 61.34 33.04 10.52
C THR A 1205 61.53 34.09 11.60
N ILE A 1206 61.98 33.69 12.79
CA ILE A 1206 61.91 34.60 13.92
C ILE A 1206 63.14 35.49 14.08
N GLN A 1207 64.28 35.14 13.45
CA GLN A 1207 65.47 35.97 13.62
C GLN A 1207 65.31 37.34 12.98
N ASN A 1208 64.59 37.41 11.86
CA ASN A 1208 64.46 38.62 11.08
C ASN A 1208 63.27 39.47 11.49
N ALA A 1209 62.48 39.02 12.46
CA ALA A 1209 61.38 39.81 12.96
C ALA A 1209 61.90 40.99 13.77
N ASP A 1210 61.15 42.09 13.77
CA ASP A 1210 61.60 43.25 14.52
C ASP A 1210 61.40 43.05 16.01
N LEU A 1211 60.40 42.29 16.42
CA LEU A 1211 60.21 41.99 17.83
C LEU A 1211 59.52 40.64 17.95
N ILE A 1212 59.86 39.89 19.01
CA ILE A 1212 59.24 38.60 19.27
C ILE A 1212 58.71 38.62 20.71
N VAL A 1213 57.55 38.01 20.93
CA VAL A 1213 56.87 38.00 22.23
C VAL A 1213 56.70 36.55 22.68
N VAL A 1214 57.26 36.21 23.85
CA VAL A 1214 57.01 34.91 24.48
C VAL A 1214 55.90 35.06 25.49
N ILE A 1215 54.82 34.33 25.25
CA ILE A 1215 53.67 34.27 26.16
C ILE A 1215 53.68 32.93 26.86
N GLN A 1216 53.36 32.94 28.16
CA GLN A 1216 53.16 31.71 28.91
C GLN A 1216 52.10 32.00 29.97
N ASN A 1217 51.06 31.18 30.00
CA ASN A 1217 49.94 31.30 30.93
C ASN A 1217 49.29 32.69 30.87
N GLY A 1218 49.20 33.24 29.65
CA GLY A 1218 48.66 34.57 29.45
C GLY A 1218 49.54 35.72 29.83
N LYS A 1219 50.84 35.49 30.04
CA LYS A 1219 51.75 36.54 30.51
C LYS A 1219 52.94 36.65 29.56
N VAL A 1220 53.28 37.89 29.20
CA VAL A 1220 54.46 38.17 28.39
C VAL A 1220 55.68 38.15 29.29
N LYS A 1221 56.67 37.33 28.96
CA LYS A 1221 57.84 37.32 29.84
C LYS A 1221 58.82 38.44 29.51
N GLU A 1222 59.26 38.56 28.26
CA GLU A 1222 60.33 39.50 27.95
C GLU A 1222 60.26 39.94 26.49
N HIS A 1223 60.98 41.03 26.19
CA HIS A 1223 60.95 41.68 24.89
C HIS A 1223 62.34 42.12 24.46
N GLY A 1224 62.49 42.32 23.17
CA GLY A 1224 63.74 42.75 22.57
C GLY A 1224 63.88 42.10 21.21
N THR A 1225 65.04 42.31 20.59
CA THR A 1225 65.32 41.64 19.34
C THR A 1225 65.72 40.18 19.61
N HIS A 1226 65.96 39.44 18.53
CA HIS A 1226 66.34 38.03 18.68
C HIS A 1226 67.69 37.87 19.35
N GLN A 1227 68.69 38.65 18.91
CA GLN A 1227 70.02 38.49 19.46
C GLN A 1227 70.16 39.12 20.84
N GLN A 1228 69.36 40.16 21.12
CA GLN A 1228 69.36 40.76 22.45
C GLN A 1228 68.74 39.83 23.47
N LEU A 1229 67.61 39.20 23.13
CA LEU A 1229 67.00 38.20 24.00
C LEU A 1229 67.81 36.91 24.02
N LEU A 1230 68.65 36.69 23.00
CA LEU A 1230 69.63 35.62 23.06
C LEU A 1230 70.68 35.91 24.12
N ALA A 1231 71.15 37.16 24.16
CA ALA A 1231 72.10 37.58 25.20
C ALA A 1231 71.44 37.72 26.56
N GLN A 1232 70.11 37.76 26.61
CA GLN A 1232 69.39 37.77 27.89
C GLN A 1232 69.56 36.45 28.62
N LYS A 1233 69.82 35.36 27.88
CA LYS A 1233 70.02 34.01 28.41
C LYS A 1233 68.80 33.52 29.19
N GLY A 1234 67.62 33.87 28.68
CA GLY A 1234 66.36 33.46 29.26
C GLY A 1234 65.62 32.44 28.41
N ILE A 1235 64.36 32.72 28.08
CA ILE A 1235 63.53 31.74 27.38
C ILE A 1235 63.88 31.69 25.90
N TYR A 1236 64.16 32.85 25.29
CA TYR A 1236 64.57 32.87 23.89
C TYR A 1236 65.85 32.10 23.66
N PHE A 1237 66.85 32.34 24.52
CA PHE A 1237 68.11 31.60 24.45
C PHE A 1237 67.92 30.12 24.79
N SER A 1238 66.94 29.79 25.62
CA SER A 1238 66.66 28.39 25.91
C SER A 1238 66.05 27.70 24.70
N MET A 1239 65.06 28.35 24.07
CA MET A 1239 64.38 27.79 22.91
C MET A 1239 65.34 27.65 21.74
N VAL A 1240 66.23 28.64 21.53
CA VAL A 1240 67.25 28.51 20.50
C VAL A 1240 68.30 27.48 20.91
N SER A 1241 68.53 27.30 22.21
CA SER A 1241 69.55 26.36 22.64
C SER A 1241 69.08 24.91 22.58
N VAL A 1242 67.77 24.66 22.45
CA VAL A 1242 67.29 23.29 22.36
C VAL A 1242 67.74 22.64 21.05
N GLN A 1243 67.58 23.34 19.92
CA GLN A 1243 67.97 22.72 18.66
C GLN A 1243 69.49 22.68 18.46
N ALA A 1244 70.27 23.30 19.37
CA ALA A 1244 71.73 23.25 19.28
C ALA A 1244 72.28 21.85 19.55
N GLY A 1245 71.50 20.97 20.17
CA GLY A 1245 71.94 19.61 20.40
C GLY A 1245 71.87 18.75 19.15
N GLN B 1 -58.86 -7.61 -4.41
CA GLN B 1 -59.35 -8.67 -5.27
C GLN B 1 -60.17 -8.09 -6.42
N VAL B 2 -59.53 -7.35 -7.31
CA VAL B 2 -60.27 -6.77 -8.43
C VAL B 2 -60.61 -7.87 -9.43
N VAL B 3 -61.90 -8.05 -9.68
CA VAL B 3 -62.39 -9.14 -10.50
C VAL B 3 -62.47 -8.65 -11.93
N MET B 4 -61.61 -9.19 -12.79
CA MET B 4 -61.54 -8.71 -14.16
C MET B 4 -62.62 -9.31 -15.02
N THR B 5 -63.37 -8.45 -15.68
CA THR B 5 -64.33 -8.84 -16.69
C THR B 5 -63.64 -8.58 -18.01
N GLN B 6 -62.94 -9.60 -18.49
CA GLN B 6 -62.35 -9.54 -19.82
C GLN B 6 -63.46 -9.70 -20.84
N SER B 7 -63.76 -8.63 -21.56
CA SER B 7 -64.85 -8.63 -22.52
C SER B 7 -64.31 -8.69 -23.95
N PRO B 8 -63.93 -9.88 -24.39
CA PRO B 8 -64.67 -10.64 -25.40
C PRO B 8 -65.22 -11.84 -24.65
N LEU B 9 -65.86 -12.82 -25.29
CA LEU B 9 -65.82 -14.14 -24.69
C LEU B 9 -65.22 -15.18 -25.63
N SER B 10 -65.66 -15.19 -26.88
CA SER B 10 -64.98 -15.85 -27.98
C SER B 10 -65.00 -14.88 -29.14
N LEU B 11 -63.88 -14.75 -29.84
CA LEU B 11 -63.72 -13.67 -30.80
C LEU B 11 -63.59 -14.22 -32.21
N PRO B 12 -64.60 -14.09 -33.04
CA PRO B 12 -64.46 -14.50 -34.44
C PRO B 12 -63.62 -13.52 -35.24
N VAL B 13 -62.33 -13.73 -35.26
CA VAL B 13 -61.44 -13.02 -36.17
C VAL B 13 -61.40 -13.78 -37.49
N SER B 14 -61.30 -13.05 -38.61
CA SER B 14 -61.05 -13.65 -39.90
C SER B 14 -59.55 -13.75 -40.10
N LEU B 15 -59.09 -13.97 -41.32
CA LEU B 15 -57.65 -14.08 -41.58
C LEU B 15 -57.18 -12.84 -42.32
N GLY B 16 -56.13 -12.22 -41.81
CA GLY B 16 -55.53 -11.06 -42.44
C GLY B 16 -56.18 -9.72 -42.14
N ASP B 17 -56.61 -9.51 -40.89
CA ASP B 17 -57.17 -8.22 -40.51
C ASP B 17 -56.97 -8.01 -39.02
N GLN B 18 -57.61 -6.98 -38.48
CA GLN B 18 -57.41 -6.54 -37.11
C GLN B 18 -58.65 -6.86 -36.28
N ALA B 19 -58.44 -7.41 -35.09
CA ALA B 19 -59.52 -7.66 -34.14
C ALA B 19 -59.03 -7.32 -32.74
N SER B 20 -59.88 -6.63 -31.98
CA SER B 20 -59.50 -6.08 -30.69
C SER B 20 -60.15 -6.89 -29.57
N ILE B 21 -59.41 -7.06 -28.47
CA ILE B 21 -59.90 -7.78 -27.30
C ILE B 21 -59.89 -6.82 -26.12
N SER B 22 -60.98 -6.80 -25.34
CA SER B 22 -61.12 -5.80 -24.29
C SER B 22 -60.96 -6.46 -22.93
N CYS B 23 -60.32 -5.75 -22.01
CA CYS B 23 -60.18 -6.18 -20.63
C CYS B 23 -60.68 -5.03 -19.77
N ARG B 24 -61.78 -5.25 -19.06
CA ARG B 24 -62.37 -4.22 -18.22
C ARG B 24 -62.29 -4.69 -16.77
N SER B 25 -61.53 -3.97 -15.96
CA SER B 25 -61.40 -4.35 -14.56
C SER B 25 -62.60 -3.85 -13.77
N SER B 26 -62.54 -3.97 -12.45
CA SER B 26 -63.58 -3.44 -11.59
C SER B 26 -62.99 -2.54 -10.50
N GLN B 27 -61.77 -2.06 -10.70
CA GLN B 27 -61.14 -1.09 -9.82
C GLN B 27 -60.06 -0.40 -10.64
N SER B 28 -59.77 0.85 -10.28
CA SER B 28 -58.81 1.66 -11.02
C SER B 28 -57.42 1.05 -10.93
N LEU B 29 -56.88 0.63 -12.07
CA LEU B 29 -55.56 -0.01 -12.13
C LEU B 29 -54.46 1.01 -12.36
N LEU B 30 -54.44 2.07 -11.56
CA LEU B 30 -53.46 3.14 -11.69
C LEU B 30 -52.71 3.23 -10.37
N HIS B 31 -51.44 2.88 -10.39
CA HIS B 31 -50.68 2.78 -9.16
C HIS B 31 -50.28 4.20 -8.72
N SER B 32 -49.57 4.32 -7.60
CA SER B 32 -49.11 5.64 -7.17
C SER B 32 -48.08 6.21 -8.14
N ASN B 33 -47.14 5.38 -8.59
CA ASN B 33 -46.40 5.69 -9.80
C ASN B 33 -47.37 5.78 -10.97
N GLY B 34 -47.08 6.65 -11.91
CA GLY B 34 -47.99 6.80 -13.04
C GLY B 34 -47.91 5.68 -14.07
N ASN B 35 -48.06 4.44 -13.62
CA ASN B 35 -47.88 3.26 -14.45
C ASN B 35 -49.07 2.34 -14.28
N THR B 36 -49.65 1.89 -15.38
CA THR B 36 -50.75 0.95 -15.36
C THR B 36 -50.20 -0.44 -15.61
N TYR B 37 -50.43 -1.35 -14.68
CA TYR B 37 -49.89 -2.70 -14.76
C TYR B 37 -51.00 -3.67 -15.14
N LEU B 38 -51.23 -3.85 -16.42
CA LEU B 38 -51.83 -5.10 -16.82
C LEU B 38 -51.09 -5.65 -18.03
N HIS B 39 -51.13 -6.96 -18.14
CA HIS B 39 -50.26 -7.74 -18.99
C HIS B 39 -51.14 -8.66 -19.81
N TRP B 40 -50.75 -8.89 -21.04
CA TRP B 40 -51.51 -9.72 -21.96
C TRP B 40 -50.69 -10.94 -22.32
N TYR B 41 -51.31 -12.12 -22.24
CA TYR B 41 -50.64 -13.38 -22.49
C TYR B 41 -51.37 -14.13 -23.61
N LEU B 42 -50.60 -14.86 -24.40
CA LEU B 42 -51.08 -15.85 -25.35
C LEU B 42 -50.97 -17.22 -24.71
N GLN B 43 -51.80 -18.16 -25.16
CA GLN B 43 -51.78 -19.52 -24.63
C GLN B 43 -52.28 -20.49 -25.68
N LYS B 44 -51.42 -21.30 -26.19
CA LYS B 44 -51.90 -22.32 -27.10
C LYS B 44 -52.17 -23.62 -26.36
N PRO B 45 -53.06 -24.48 -26.84
CA PRO B 45 -53.34 -25.72 -26.09
C PRO B 45 -52.20 -26.72 -26.23
N GLY B 46 -51.78 -27.26 -25.09
CA GLY B 46 -50.69 -28.21 -25.01
C GLY B 46 -49.37 -27.59 -24.63
N GLN B 47 -49.13 -26.34 -25.03
CA GLN B 47 -47.87 -25.67 -24.80
C GLN B 47 -48.01 -24.71 -23.63
N SER B 48 -47.00 -23.92 -23.41
CA SER B 48 -47.01 -23.01 -22.29
C SER B 48 -47.61 -21.66 -22.69
N PRO B 49 -48.13 -20.91 -21.74
CA PRO B 49 -48.58 -19.55 -22.04
C PRO B 49 -47.41 -18.60 -22.23
N LYS B 50 -47.48 -17.81 -23.29
CA LYS B 50 -46.43 -16.85 -23.65
C LYS B 50 -46.83 -15.46 -23.18
N LEU B 51 -45.88 -14.71 -22.64
CA LEU B 51 -46.11 -13.30 -22.36
C LEU B 51 -46.02 -12.51 -23.65
N LEU B 52 -46.98 -11.63 -23.87
CA LEU B 52 -47.17 -11.01 -25.16
C LEU B 52 -47.03 -9.50 -25.13
N ILE B 53 -47.77 -8.83 -24.25
CA ILE B 53 -47.68 -7.38 -24.06
C ILE B 53 -47.61 -7.13 -22.56
N TYR B 54 -46.91 -6.10 -22.13
CA TYR B 54 -46.91 -5.79 -20.71
C TYR B 54 -47.01 -4.29 -20.53
N LYS B 55 -47.74 -3.84 -19.49
CA LYS B 55 -47.92 -2.42 -19.18
C LYS B 55 -48.52 -1.66 -20.35
N VAL B 56 -49.83 -1.71 -20.53
CA VAL B 56 -50.57 -1.94 -21.76
C VAL B 56 -49.93 -1.64 -23.12
N SER B 57 -48.90 -0.80 -23.20
CA SER B 57 -48.39 -0.42 -24.52
C SER B 57 -47.02 -0.97 -24.88
N ASN B 58 -46.26 -1.53 -23.94
CA ASN B 58 -44.91 -2.02 -24.21
C ASN B 58 -44.97 -3.32 -25.01
N ARG B 59 -43.82 -3.95 -25.20
CA ARG B 59 -43.80 -5.16 -25.99
C ARG B 59 -42.62 -5.99 -25.52
N PHE B 60 -42.71 -7.30 -25.69
CA PHE B 60 -41.72 -8.19 -25.11
C PHE B 60 -40.69 -8.61 -26.15
N SER B 61 -39.53 -9.04 -25.67
CA SER B 61 -38.37 -9.33 -26.53
C SER B 61 -38.65 -10.56 -27.39
N GLY B 62 -39.06 -10.34 -28.63
CA GLY B 62 -39.16 -11.44 -29.57
C GLY B 62 -40.50 -11.61 -30.24
N VAL B 63 -41.41 -10.67 -30.03
CA VAL B 63 -42.77 -10.78 -30.58
C VAL B 63 -42.94 -9.73 -31.67
N PRO B 64 -43.54 -10.07 -32.83
CA PRO B 64 -43.58 -9.12 -33.96
C PRO B 64 -44.45 -7.89 -33.75
N ASP B 65 -44.48 -7.03 -34.76
CA ASP B 65 -45.12 -5.73 -34.67
C ASP B 65 -46.62 -5.77 -34.92
N ARG B 66 -47.22 -6.97 -34.94
CA ARG B 66 -48.65 -7.11 -35.11
C ARG B 66 -49.41 -6.93 -33.81
N PHE B 67 -48.70 -6.85 -32.69
CA PHE B 67 -49.28 -6.85 -31.35
C PHE B 67 -48.98 -5.54 -30.66
N SER B 68 -50.02 -4.74 -30.46
CA SER B 68 -49.91 -3.49 -29.74
C SER B 68 -51.19 -3.28 -28.95
N GLY B 69 -51.06 -2.68 -27.78
CA GLY B 69 -52.19 -2.51 -26.89
C GLY B 69 -52.37 -1.06 -26.48
N SER B 70 -53.61 -0.71 -26.17
CA SER B 70 -53.96 0.66 -25.83
C SER B 70 -55.08 0.65 -24.81
N GLY B 71 -55.35 1.82 -24.24
CA GLY B 71 -56.35 1.97 -23.22
C GLY B 71 -55.75 2.38 -21.89
N SER B 72 -56.64 2.78 -20.97
CA SER B 72 -56.19 3.28 -19.68
C SER B 72 -57.35 3.18 -18.69
N GLY B 73 -57.06 3.54 -17.44
CA GLY B 73 -58.06 3.54 -16.38
C GLY B 73 -58.56 2.17 -16.03
N THR B 74 -59.81 1.88 -16.39
CA THR B 74 -60.39 0.55 -16.27
C THR B 74 -60.93 0.06 -17.60
N ASP B 75 -60.37 0.54 -18.70
CA ASP B 75 -60.74 0.06 -20.03
C ASP B 75 -59.47 -0.23 -20.81
N PHE B 76 -59.33 -1.47 -21.27
CA PHE B 76 -58.09 -1.92 -21.86
C PHE B 76 -58.38 -2.67 -23.14
N THR B 77 -57.42 -2.66 -24.05
CA THR B 77 -57.63 -3.23 -25.37
C THR B 77 -56.29 -3.70 -25.91
N LEU B 78 -56.29 -4.88 -26.52
CA LEU B 78 -55.17 -5.29 -27.36
C LEU B 78 -55.66 -5.40 -28.79
N LYS B 79 -54.76 -5.11 -29.72
CA LYS B 79 -55.08 -4.97 -31.14
C LYS B 79 -54.37 -6.07 -31.91
N ILE B 80 -55.13 -6.98 -32.51
CA ILE B 80 -54.58 -7.99 -33.41
C ILE B 80 -54.62 -7.35 -34.79
N SER B 81 -53.56 -6.63 -35.15
CA SER B 81 -53.48 -6.00 -36.45
C SER B 81 -52.86 -6.97 -37.43
N ARG B 82 -53.58 -7.24 -38.53
CA ARG B 82 -53.12 -8.10 -39.63
C ARG B 82 -52.78 -9.50 -39.11
N VAL B 83 -53.84 -10.20 -38.72
CA VAL B 83 -53.68 -11.50 -38.07
C VAL B 83 -53.15 -12.52 -39.07
N GLU B 84 -52.24 -13.37 -38.61
CA GLU B 84 -51.71 -14.49 -39.37
C GLU B 84 -52.58 -15.72 -39.08
N ALA B 85 -52.08 -16.90 -39.42
CA ALA B 85 -52.68 -18.14 -38.95
C ALA B 85 -51.87 -18.77 -37.83
N GLU B 86 -50.80 -18.10 -37.39
CA GLU B 86 -49.92 -18.66 -36.37
C GLU B 86 -50.36 -18.29 -34.97
N ASP B 87 -51.06 -17.17 -34.80
CA ASP B 87 -51.54 -16.72 -33.51
C ASP B 87 -53.04 -16.96 -33.40
N LEU B 88 -53.41 -18.20 -33.08
CA LEU B 88 -54.80 -18.59 -32.83
C LEU B 88 -54.84 -19.41 -31.54
N GLY B 89 -54.91 -18.74 -30.41
CA GLY B 89 -54.94 -19.42 -29.13
C GLY B 89 -55.89 -18.72 -28.19
N VAL B 90 -55.75 -18.93 -26.89
CA VAL B 90 -56.55 -18.19 -25.93
C VAL B 90 -55.69 -17.10 -25.30
N TYR B 91 -56.22 -15.89 -25.27
CA TYR B 91 -55.53 -14.70 -24.80
C TYR B 91 -56.15 -14.32 -23.46
N PHE B 92 -55.31 -13.99 -22.49
CA PHE B 92 -55.90 -13.58 -21.22
C PHE B 92 -55.09 -12.49 -20.58
N CYS B 93 -55.75 -11.68 -19.74
CA CYS B 93 -55.18 -10.46 -19.19
C CYS B 93 -54.94 -10.61 -17.69
N SER B 94 -53.67 -10.67 -17.32
CA SER B 94 -53.17 -10.40 -15.98
C SER B 94 -53.07 -8.89 -15.88
N GLN B 95 -52.71 -8.27 -14.74
CA GLN B 95 -52.83 -8.66 -13.36
C GLN B 95 -53.60 -7.59 -12.62
N SER B 96 -53.90 -7.87 -11.35
CA SER B 96 -54.19 -6.83 -10.39
C SER B 96 -52.91 -6.09 -10.03
N THR B 97 -52.92 -4.76 -10.18
CA THR B 97 -51.84 -3.93 -9.64
C THR B 97 -51.84 -3.95 -8.13
N HIS B 98 -52.97 -4.33 -7.53
CA HIS B 98 -53.12 -4.48 -6.09
C HIS B 98 -52.93 -5.96 -5.78
N ILE B 99 -51.81 -6.31 -5.16
CA ILE B 99 -51.53 -7.70 -4.82
C ILE B 99 -52.20 -7.98 -3.48
N PRO B 100 -52.22 -9.22 -2.94
CA PRO B 100 -51.69 -10.52 -3.34
C PRO B 100 -52.47 -11.52 -4.23
N PRO B 101 -53.73 -11.33 -4.65
CA PRO B 101 -54.35 -12.40 -5.42
C PRO B 101 -53.80 -12.59 -6.83
N TRP B 102 -53.15 -11.61 -7.46
CA TRP B 102 -52.76 -11.67 -8.88
C TRP B 102 -53.91 -12.15 -9.77
N THR B 103 -55.02 -11.43 -9.71
CA THR B 103 -56.24 -11.88 -10.38
C THR B 103 -56.09 -11.83 -11.89
N PHE B 104 -56.29 -12.96 -12.55
CA PHE B 104 -56.18 -13.09 -13.98
C PHE B 104 -57.53 -12.87 -14.63
N GLY B 105 -57.51 -12.60 -15.91
CA GLY B 105 -58.73 -12.54 -16.67
C GLY B 105 -59.19 -13.91 -17.06
N GLY B 106 -60.40 -13.97 -17.58
CA GLY B 106 -60.97 -15.24 -17.97
C GLY B 106 -60.29 -15.86 -19.17
N GLY B 107 -60.46 -15.27 -20.33
CA GLY B 107 -59.86 -15.80 -21.52
C GLY B 107 -60.61 -15.36 -22.76
N THR B 108 -59.91 -15.44 -23.88
CA THR B 108 -60.48 -15.07 -25.17
C THR B 108 -59.89 -15.96 -26.24
N LYS B 109 -60.68 -16.85 -26.82
CA LYS B 109 -60.17 -17.64 -27.92
C LYS B 109 -60.11 -16.80 -29.19
N LEU B 110 -59.57 -17.39 -30.25
CA LEU B 110 -59.76 -16.85 -31.59
C LEU B 110 -60.31 -17.93 -32.49
N ASP B 111 -60.40 -17.63 -33.78
CA ASP B 111 -61.31 -18.34 -34.65
C ASP B 111 -60.85 -18.06 -36.08
N ILE B 112 -61.66 -18.44 -37.07
CA ILE B 112 -61.32 -18.26 -38.47
C ILE B 112 -62.36 -17.45 -39.23
N LYS B 113 -63.57 -17.29 -38.68
CA LYS B 113 -64.73 -16.70 -39.35
C LYS B 113 -65.06 -17.42 -40.66
N ARG B 114 -65.51 -18.66 -40.50
CA ARG B 114 -66.21 -19.30 -41.59
C ARG B 114 -67.55 -18.60 -41.81
N ALA B 115 -68.04 -18.64 -43.05
CA ALA B 115 -69.42 -18.27 -43.32
C ALA B 115 -70.36 -19.22 -42.60
N ASP B 116 -71.56 -18.74 -42.30
CA ASP B 116 -72.47 -19.46 -41.41
C ASP B 116 -73.07 -20.68 -42.09
N ALA B 117 -73.53 -21.62 -41.27
CA ALA B 117 -74.19 -22.85 -41.72
C ALA B 117 -74.94 -23.46 -40.55
N ALA B 118 -76.10 -24.06 -40.85
CA ALA B 118 -76.91 -24.74 -39.85
C ALA B 118 -76.43 -26.18 -39.66
N PRO B 119 -76.50 -26.71 -38.44
CA PRO B 119 -75.97 -28.05 -38.18
C PRO B 119 -76.83 -29.14 -38.80
N THR B 120 -76.29 -30.35 -38.77
CA THR B 120 -76.98 -31.56 -39.17
C THR B 120 -77.33 -32.37 -37.93
N VAL B 121 -78.54 -32.91 -37.89
CA VAL B 121 -79.05 -33.58 -36.69
C VAL B 121 -79.29 -35.06 -37.02
N SER B 122 -79.19 -35.89 -35.99
CA SER B 122 -79.58 -37.29 -36.04
C SER B 122 -79.76 -37.80 -34.62
N ILE B 123 -80.85 -38.52 -34.36
CA ILE B 123 -81.06 -39.19 -33.08
C ILE B 123 -80.73 -40.66 -33.23
N PHE B 124 -79.96 -41.18 -32.28
CA PHE B 124 -79.68 -42.59 -32.17
C PHE B 124 -80.27 -43.14 -30.89
N PRO B 125 -81.08 -44.20 -31.00
CA PRO B 125 -81.78 -44.75 -29.82
C PRO B 125 -80.82 -45.51 -28.92
N PRO B 126 -81.26 -45.97 -27.75
CA PRO B 126 -80.43 -46.89 -26.97
C PRO B 126 -80.21 -48.20 -27.70
N SER B 127 -78.96 -48.65 -27.68
CA SER B 127 -78.58 -49.89 -28.37
C SER B 127 -79.17 -51.10 -27.66
N SER B 128 -79.17 -52.23 -28.38
CA SER B 128 -79.78 -53.44 -27.85
C SER B 128 -78.99 -54.01 -26.69
N GLU B 129 -77.66 -53.84 -26.71
CA GLU B 129 -76.83 -54.39 -25.66
C GLU B 129 -77.01 -53.65 -24.35
N GLN B 130 -77.32 -52.35 -24.41
CA GLN B 130 -77.61 -51.63 -23.18
C GLN B 130 -78.99 -51.96 -22.65
N LEU B 131 -79.93 -52.26 -23.55
CA LEU B 131 -81.23 -52.78 -23.12
C LEU B 131 -81.08 -54.14 -22.46
N THR B 132 -80.12 -54.94 -22.93
CA THR B 132 -79.81 -56.20 -22.25
C THR B 132 -79.15 -55.95 -20.89
N SER B 133 -78.20 -55.03 -20.84
CA SER B 133 -77.40 -54.87 -19.63
C SER B 133 -78.14 -54.14 -18.52
N GLY B 134 -79.03 -53.20 -18.84
CA GLY B 134 -79.80 -52.57 -17.78
C GLY B 134 -79.98 -51.06 -17.81
N GLY B 135 -79.67 -50.40 -18.92
CA GLY B 135 -79.83 -48.96 -19.01
C GLY B 135 -80.39 -48.52 -20.35
N LEU B 136 -80.58 -47.20 -20.49
CA LEU B 136 -80.92 -46.59 -21.76
C LEU B 136 -80.02 -45.39 -21.98
N SER B 137 -79.76 -45.08 -23.24
CA SER B 137 -79.02 -43.87 -23.59
C SER B 137 -79.50 -43.41 -24.96
N VAL B 138 -80.28 -42.35 -24.99
CA VAL B 138 -80.61 -41.66 -26.24
C VAL B 138 -79.50 -40.66 -26.53
N VAL B 139 -79.01 -40.64 -27.78
CA VAL B 139 -77.86 -39.82 -28.14
C VAL B 139 -78.17 -39.03 -29.39
N CYS B 140 -78.18 -37.71 -29.26
CA CYS B 140 -78.45 -36.79 -30.37
C CYS B 140 -77.12 -36.24 -30.89
N PHE B 141 -76.71 -36.70 -32.08
CA PHE B 141 -75.57 -36.14 -32.80
C PHE B 141 -76.01 -34.93 -33.61
N LEU B 142 -75.21 -33.86 -33.56
CA LEU B 142 -75.48 -32.71 -34.42
C LEU B 142 -74.16 -32.01 -34.77
N ASN B 143 -73.84 -32.03 -36.05
CA ASN B 143 -72.49 -31.79 -36.56
C ASN B 143 -72.45 -30.60 -37.49
N ASN B 144 -71.24 -30.03 -37.61
CA ASN B 144 -70.85 -29.08 -38.65
C ASN B 144 -71.69 -27.80 -38.63
N PHE B 145 -71.63 -27.09 -37.51
CA PHE B 145 -72.27 -25.79 -37.40
C PHE B 145 -71.23 -24.70 -37.17
N TYR B 146 -71.71 -23.45 -37.16
CA TYR B 146 -70.94 -22.28 -36.80
C TYR B 146 -71.91 -21.18 -36.41
N PRO B 147 -71.68 -20.44 -35.31
CA PRO B 147 -70.60 -20.45 -34.31
C PRO B 147 -70.87 -21.32 -33.09
N LYS B 148 -70.11 -21.10 -32.02
CA LYS B 148 -70.24 -21.88 -30.79
C LYS B 148 -71.29 -21.32 -29.84
N ASP B 149 -72.48 -21.02 -30.37
CA ASP B 149 -73.61 -20.57 -29.56
C ASP B 149 -74.80 -21.43 -29.97
N ILE B 150 -74.94 -22.57 -29.31
CA ILE B 150 -75.98 -23.53 -29.63
C ILE B 150 -76.60 -24.05 -28.35
N ASN B 151 -77.92 -24.18 -28.33
CA ASN B 151 -78.66 -24.65 -27.16
C ASN B 151 -79.50 -25.85 -27.55
N VAL B 152 -79.18 -26.99 -26.99
CA VAL B 152 -79.87 -28.23 -27.31
C VAL B 152 -81.08 -28.35 -26.39
N LYS B 153 -82.11 -29.03 -26.88
CA LYS B 153 -83.37 -29.15 -26.17
C LYS B 153 -83.79 -30.61 -26.14
N TRP B 154 -83.67 -31.24 -24.98
CA TRP B 154 -84.27 -32.55 -24.76
C TRP B 154 -85.69 -32.37 -24.29
N LYS B 155 -86.62 -33.09 -24.91
CA LYS B 155 -88.01 -33.01 -24.49
C LYS B 155 -88.64 -34.38 -24.70
N ILE B 156 -89.14 -34.96 -23.62
CA ILE B 156 -89.68 -36.31 -23.60
C ILE B 156 -91.20 -36.21 -23.53
N ASP B 157 -91.87 -36.74 -24.54
CA ASP B 157 -93.35 -36.72 -24.67
C ASP B 157 -93.89 -35.29 -24.68
N GLY B 158 -93.11 -34.33 -25.15
CA GLY B 158 -93.51 -32.95 -25.02
C GLY B 158 -93.36 -32.37 -23.64
N SER B 159 -92.55 -32.99 -22.78
CA SER B 159 -92.35 -32.53 -21.42
C SER B 159 -90.87 -32.29 -21.14
N GLU B 160 -90.62 -31.39 -20.20
CA GLU B 160 -89.28 -30.90 -19.93
C GLU B 160 -88.46 -31.92 -19.14
N ARG B 161 -87.17 -31.97 -19.43
CA ARG B 161 -86.22 -32.67 -18.56
C ARG B 161 -84.90 -31.91 -18.59
N GLN B 162 -84.42 -31.57 -17.40
CA GLN B 162 -83.25 -30.69 -17.26
C GLN B 162 -82.13 -31.33 -16.47
N ASN B 163 -82.22 -32.62 -16.17
CA ASN B 163 -81.23 -33.31 -15.36
C ASN B 163 -80.88 -34.66 -15.97
N GLY B 164 -79.67 -35.12 -15.69
CA GLY B 164 -79.16 -36.31 -16.34
C GLY B 164 -78.81 -36.10 -17.80
N VAL B 165 -78.35 -34.91 -18.15
CA VAL B 165 -78.05 -34.56 -19.54
C VAL B 165 -76.54 -34.56 -19.72
N LEU B 166 -76.09 -34.91 -20.93
CA LEU B 166 -74.66 -35.05 -21.22
C LEU B 166 -74.36 -34.31 -22.52
N ASN B 167 -73.79 -33.12 -22.41
CA ASN B 167 -73.39 -32.35 -23.58
C ASN B 167 -71.91 -32.52 -23.82
N SER B 168 -71.52 -32.65 -25.09
CA SER B 168 -70.11 -32.77 -25.45
C SER B 168 -69.86 -32.04 -26.75
N TRP B 169 -68.98 -31.04 -26.73
CA TRP B 169 -68.61 -30.24 -27.89
C TRP B 169 -67.20 -30.61 -28.34
N THR B 170 -66.93 -30.41 -29.62
CA THR B 170 -65.59 -30.58 -30.15
C THR B 170 -65.00 -29.22 -30.51
N ASP B 171 -63.71 -29.20 -30.81
CA ASP B 171 -62.99 -27.94 -30.97
C ASP B 171 -63.01 -27.49 -32.42
N GLN B 172 -62.17 -26.50 -32.73
CA GLN B 172 -62.11 -25.90 -34.06
C GLN B 172 -61.44 -26.88 -35.01
N ASP B 173 -62.20 -27.42 -35.95
CA ASP B 173 -61.65 -28.36 -36.91
C ASP B 173 -60.80 -27.61 -37.92
N SER B 174 -59.51 -27.92 -37.96
CA SER B 174 -58.52 -27.13 -38.68
C SER B 174 -58.44 -27.46 -40.17
N LYS B 175 -59.49 -28.02 -40.74
CA LYS B 175 -59.62 -28.15 -42.18
C LYS B 175 -60.92 -27.58 -42.69
N ASP B 176 -62.00 -27.71 -41.91
CA ASP B 176 -63.34 -27.35 -42.36
C ASP B 176 -63.90 -26.15 -41.60
N SER B 177 -63.28 -25.79 -40.47
CA SER B 177 -63.59 -24.59 -39.70
C SER B 177 -65.01 -24.61 -39.14
N THR B 178 -65.52 -25.79 -38.79
CA THR B 178 -66.80 -25.93 -38.11
C THR B 178 -66.61 -26.59 -36.75
N TYR B 179 -67.72 -26.77 -36.07
CA TYR B 179 -67.83 -27.35 -34.74
C TYR B 179 -68.74 -28.56 -34.81
N SER B 180 -68.95 -29.21 -33.67
CA SER B 180 -69.94 -30.28 -33.56
C SER B 180 -70.23 -30.52 -32.08
N MET B 181 -71.43 -31.02 -31.80
CA MET B 181 -71.71 -31.46 -30.44
C MET B 181 -72.69 -32.62 -30.47
N SER B 182 -72.76 -33.30 -29.34
CA SER B 182 -73.73 -34.36 -29.19
C SER B 182 -74.14 -34.46 -27.73
N SER B 183 -75.38 -34.86 -27.53
CA SER B 183 -75.94 -34.96 -26.21
C SER B 183 -76.40 -36.39 -25.95
N THR B 184 -76.52 -36.72 -24.67
CA THR B 184 -76.72 -38.10 -24.25
C THR B 184 -77.51 -38.11 -22.95
N LEU B 185 -78.57 -38.91 -22.92
CA LEU B 185 -79.26 -39.26 -21.68
C LEU B 185 -79.14 -40.76 -21.45
N THR B 186 -78.49 -41.13 -20.36
CA THR B 186 -78.54 -42.48 -19.82
C THR B 186 -79.52 -42.46 -18.65
N LEU B 187 -80.61 -43.17 -18.80
CA LEU B 187 -81.57 -43.33 -17.72
C LEU B 187 -81.70 -44.81 -17.37
N THR B 188 -82.42 -45.05 -16.28
CA THR B 188 -82.70 -46.41 -15.83
C THR B 188 -83.55 -47.14 -16.87
N LYS B 189 -83.44 -48.47 -16.86
CA LYS B 189 -84.08 -49.29 -17.88
C LYS B 189 -85.59 -49.14 -17.85
N ASP B 190 -86.18 -49.19 -16.65
CA ASP B 190 -87.63 -49.20 -16.49
C ASP B 190 -88.30 -47.98 -17.10
N GLU B 191 -87.61 -46.83 -17.11
CA GLU B 191 -88.18 -45.60 -17.64
C GLU B 191 -88.42 -45.69 -19.14
N TYR B 192 -87.68 -46.55 -19.84
CA TYR B 192 -87.93 -46.73 -21.27
C TYR B 192 -89.26 -47.42 -21.51
N GLU B 193 -89.79 -48.13 -20.51
CA GLU B 193 -91.13 -48.68 -20.59
C GLU B 193 -92.18 -47.71 -20.09
N ARG B 194 -91.88 -46.42 -20.01
CA ARG B 194 -92.85 -45.43 -19.54
C ARG B 194 -93.07 -44.28 -20.51
N HIS B 195 -92.36 -44.22 -21.63
CA HIS B 195 -92.51 -43.10 -22.55
C HIS B 195 -92.31 -43.59 -23.98
N ASN B 196 -92.80 -42.80 -24.93
CA ASN B 196 -92.59 -43.08 -26.35
C ASN B 196 -91.83 -41.98 -27.07
N SER B 197 -92.29 -40.74 -26.98
CA SER B 197 -91.76 -39.67 -27.83
C SER B 197 -90.52 -39.07 -27.19
N TYR B 198 -89.37 -39.22 -27.84
CA TYR B 198 -88.13 -38.61 -27.41
C TYR B 198 -87.70 -37.63 -28.50
N THR B 199 -87.49 -36.37 -28.13
CA THR B 199 -87.25 -35.31 -29.09
C THR B 199 -85.98 -34.56 -28.73
N CYS B 200 -85.08 -34.42 -29.70
CA CYS B 200 -83.90 -33.57 -29.60
CA CYS B 200 -83.91 -33.55 -29.57
C CYS B 200 -84.06 -32.39 -30.54
N GLU B 201 -83.80 -31.19 -30.04
CA GLU B 201 -83.98 -29.96 -30.82
C GLU B 201 -82.72 -29.11 -30.73
N ALA B 202 -82.53 -28.27 -31.75
CA ALA B 202 -81.37 -27.40 -31.83
C ALA B 202 -81.85 -25.97 -31.95
N THR B 203 -81.38 -25.12 -31.03
CA THR B 203 -81.66 -23.69 -30.99
C THR B 203 -80.36 -22.97 -31.31
N HIS B 204 -80.27 -22.45 -32.53
CA HIS B 204 -79.05 -21.82 -33.03
C HIS B 204 -79.47 -20.57 -33.79
N LYS B 205 -78.51 -19.65 -33.99
CA LYS B 205 -78.84 -18.35 -34.56
C LYS B 205 -79.16 -18.41 -36.05
N THR B 206 -78.68 -19.42 -36.77
CA THR B 206 -78.89 -19.47 -38.22
C THR B 206 -80.28 -19.92 -38.62
N SER B 207 -81.14 -20.24 -37.66
CA SER B 207 -82.53 -20.59 -37.96
C SER B 207 -83.39 -20.24 -36.75
N THR B 208 -84.40 -19.40 -36.95
CA THR B 208 -85.39 -19.19 -35.91
C THR B 208 -86.26 -20.42 -35.76
N SER B 209 -86.46 -21.16 -36.85
CA SER B 209 -87.10 -22.46 -36.80
C SER B 209 -86.20 -23.44 -36.07
N PRO B 210 -86.66 -24.09 -35.01
CA PRO B 210 -85.78 -25.02 -34.28
C PRO B 210 -85.55 -26.28 -35.09
N ILE B 211 -84.33 -26.81 -35.02
CA ILE B 211 -84.03 -28.06 -35.72
C ILE B 211 -84.54 -29.20 -34.84
N VAL B 212 -85.74 -29.68 -35.14
CA VAL B 212 -86.40 -30.70 -34.35
C VAL B 212 -86.14 -32.06 -35.00
N LYS B 213 -85.92 -33.07 -34.15
CA LYS B 213 -85.88 -34.46 -34.58
C LYS B 213 -86.51 -35.27 -33.45
N SER B 214 -87.20 -36.34 -33.81
CA SER B 214 -88.02 -37.05 -32.84
C SER B 214 -88.04 -38.53 -33.19
N PHE B 215 -88.39 -39.36 -32.20
CA PHE B 215 -88.82 -40.71 -32.50
C PHE B 215 -89.76 -41.20 -31.42
N ASN B 216 -90.72 -42.05 -31.80
CA ASN B 216 -91.54 -42.80 -30.88
C ASN B 216 -90.94 -44.20 -30.71
N ARG B 217 -91.43 -44.90 -29.69
CA ARG B 217 -90.76 -46.13 -29.26
C ARG B 217 -91.23 -47.35 -30.02
N ASN B 218 -92.52 -47.44 -30.34
CA ASN B 218 -93.09 -48.69 -30.80
C ASN B 218 -92.73 -49.02 -32.25
N GLU B 219 -92.64 -48.02 -33.11
CA GLU B 219 -92.45 -48.27 -34.53
C GLU B 219 -90.99 -48.62 -34.81
N CYS B 220 -90.75 -49.15 -36.01
CA CYS B 220 -89.41 -49.41 -36.49
C CYS B 220 -89.43 -49.49 -38.00
N GLU C 1 -32.32 -19.62 -24.45
CA GLU C 1 -32.86 -20.85 -23.87
C GLU C 1 -33.25 -20.67 -22.42
N VAL C 2 -34.54 -20.50 -22.17
CA VAL C 2 -35.11 -20.58 -20.84
C VAL C 2 -36.32 -21.49 -20.92
N GLN C 3 -36.34 -22.53 -20.10
CA GLN C 3 -37.41 -23.52 -20.17
C GLN C 3 -37.79 -23.96 -18.77
N LEU C 4 -39.09 -24.00 -18.51
CA LEU C 4 -39.67 -24.62 -17.33
C LEU C 4 -40.46 -25.81 -17.81
N GLN C 5 -39.97 -27.02 -17.60
CA GLN C 5 -40.74 -28.19 -17.97
C GLN C 5 -41.30 -28.84 -16.72
N GLU C 6 -42.48 -29.43 -16.85
CA GLU C 6 -43.16 -30.04 -15.71
C GLU C 6 -43.30 -31.53 -15.92
N SER C 7 -43.79 -32.21 -14.89
CA SER C 7 -43.94 -33.65 -14.92
C SER C 7 -45.15 -34.04 -15.76
N GLY C 8 -45.42 -35.34 -15.82
CA GLY C 8 -46.51 -35.85 -16.60
C GLY C 8 -47.80 -35.90 -15.84
N PRO C 9 -48.89 -36.26 -16.52
CA PRO C 9 -50.20 -36.26 -15.88
C PRO C 9 -50.32 -37.27 -14.75
N GLU C 10 -51.13 -36.92 -13.75
CA GLU C 10 -51.32 -37.75 -12.57
C GLU C 10 -52.75 -38.25 -12.52
N LEU C 11 -52.95 -39.38 -11.86
CA LEU C 11 -54.23 -40.08 -11.85
C LEU C 11 -54.55 -40.59 -10.45
N VAL C 12 -54.48 -39.71 -9.49
CA VAL C 12 -54.36 -40.11 -8.09
C VAL C 12 -55.74 -40.37 -7.49
N LYS C 13 -55.82 -41.41 -6.65
CA LYS C 13 -57.04 -41.70 -5.91
C LYS C 13 -57.29 -40.67 -4.83
N THR C 14 -58.54 -40.63 -4.36
CA THR C 14 -58.99 -39.63 -3.41
C THR C 14 -58.36 -39.84 -2.05
N GLY C 15 -57.82 -38.77 -1.47
CA GLY C 15 -57.32 -38.82 -0.11
C GLY C 15 -55.81 -38.87 -0.02
N ALA C 16 -55.19 -39.65 -0.89
CA ALA C 16 -53.74 -39.73 -0.87
C ALA C 16 -53.14 -38.48 -1.49
N SER C 17 -51.89 -38.21 -1.13
CA SER C 17 -51.24 -37.02 -1.63
C SER C 17 -50.69 -37.26 -3.03
N VAL C 18 -50.28 -36.18 -3.67
CA VAL C 18 -49.63 -36.21 -4.97
C VAL C 18 -48.56 -35.12 -4.98
N LYS C 19 -47.38 -35.46 -5.50
CA LYS C 19 -46.28 -34.51 -5.52
C LYS C 19 -45.94 -34.21 -6.96
N ILE C 20 -46.04 -32.94 -7.33
CA ILE C 20 -45.98 -32.47 -8.69
C ILE C 20 -44.85 -31.45 -8.82
N SER C 21 -44.13 -31.50 -9.93
CA SER C 21 -42.80 -30.91 -10.01
C SER C 21 -42.67 -29.96 -11.20
N CYS C 22 -41.88 -28.91 -11.01
CA CYS C 22 -41.59 -27.89 -12.02
C CYS C 22 -40.08 -27.78 -12.14
N LYS C 23 -39.50 -28.51 -13.09
CA LYS C 23 -38.06 -28.48 -13.31
C LYS C 23 -37.67 -27.29 -14.17
N ALA C 24 -36.70 -26.52 -13.70
CA ALA C 24 -36.25 -25.32 -14.37
C ALA C 24 -34.90 -25.55 -15.03
N SER C 25 -34.70 -24.97 -16.20
CA SER C 25 -33.43 -25.14 -16.90
C SER C 25 -33.20 -23.97 -17.83
N GLY C 26 -32.00 -23.41 -17.79
CA GLY C 26 -31.60 -22.38 -18.72
C GLY C 26 -31.41 -21.00 -18.14
N TYR C 27 -31.54 -20.82 -16.82
CA TYR C 27 -31.40 -19.51 -16.22
C TYR C 27 -30.85 -19.63 -14.82
N SER C 28 -30.65 -18.49 -14.17
CA SER C 28 -30.22 -18.46 -12.78
C SER C 28 -31.43 -18.79 -11.91
N PHE C 29 -31.47 -20.00 -11.38
CA PHE C 29 -32.65 -20.50 -10.69
C PHE C 29 -32.86 -19.80 -9.36
N SER C 30 -31.80 -19.27 -8.75
CA SER C 30 -31.88 -18.83 -7.36
C SER C 30 -32.47 -17.43 -7.21
N ASN C 31 -33.17 -16.90 -8.19
CA ASN C 31 -33.76 -15.57 -8.08
C ASN C 31 -35.28 -15.60 -8.07
N TYR C 32 -35.87 -16.22 -9.07
CA TYR C 32 -37.26 -16.03 -9.40
C TYR C 32 -38.19 -16.72 -8.41
N TYR C 33 -39.22 -16.02 -7.95
CA TYR C 33 -40.32 -16.69 -7.29
C TYR C 33 -40.95 -17.67 -8.26
N ILE C 34 -41.33 -18.84 -7.77
CA ILE C 34 -42.07 -19.80 -8.57
C ILE C 34 -43.52 -19.75 -8.09
N HIS C 35 -44.36 -19.12 -8.90
CA HIS C 35 -45.78 -19.06 -8.62
C HIS C 35 -46.44 -20.34 -9.11
N TRP C 36 -47.25 -20.96 -8.26
CA TRP C 36 -48.09 -22.06 -8.68
C TRP C 36 -49.48 -21.50 -8.87
N VAL C 37 -50.04 -21.69 -10.07
CA VAL C 37 -51.40 -21.25 -10.38
C VAL C 37 -52.21 -22.46 -10.83
N LYS C 38 -53.51 -22.39 -10.58
CA LYS C 38 -54.46 -23.46 -10.82
C LYS C 38 -55.40 -23.07 -11.93
N GLN C 39 -55.66 -23.98 -12.86
CA GLN C 39 -56.71 -23.76 -13.82
C GLN C 39 -57.64 -24.96 -13.82
N SER C 40 -58.92 -24.73 -13.57
CA SER C 40 -59.92 -25.79 -13.68
C SER C 40 -60.31 -25.93 -15.14
N HIS C 41 -61.41 -26.62 -15.42
CA HIS C 41 -61.86 -26.78 -16.79
C HIS C 41 -62.86 -25.66 -17.10
N GLY C 42 -62.44 -24.73 -17.97
CA GLY C 42 -63.32 -23.67 -18.39
C GLY C 42 -63.59 -22.61 -17.36
N LYS C 43 -62.61 -22.30 -16.52
CA LYS C 43 -62.74 -21.26 -15.51
C LYS C 43 -61.50 -20.38 -15.54
N SER C 44 -61.51 -19.34 -14.71
CA SER C 44 -60.41 -18.41 -14.64
C SER C 44 -59.19 -19.06 -14.00
N LEU C 45 -58.03 -18.45 -14.18
CA LEU C 45 -56.82 -18.99 -13.59
C LEU C 45 -56.79 -18.61 -12.12
N GLU C 46 -57.02 -19.59 -11.27
CA GLU C 46 -56.92 -19.39 -9.83
C GLU C 46 -55.44 -19.33 -9.45
N TRP C 47 -55.13 -18.66 -8.35
CA TRP C 47 -53.76 -18.48 -7.92
C TRP C 47 -53.56 -19.29 -6.66
N ILE C 48 -52.65 -20.26 -6.69
CA ILE C 48 -52.43 -21.13 -5.53
C ILE C 48 -51.47 -20.49 -4.55
N GLY C 49 -50.28 -20.09 -5.00
CA GLY C 49 -49.35 -19.44 -4.09
C GLY C 49 -48.02 -19.25 -4.77
N PHE C 50 -46.97 -19.01 -3.98
CA PHE C 50 -45.65 -19.02 -4.58
C PHE C 50 -44.62 -19.52 -3.59
N ILE C 51 -43.39 -19.66 -4.10
CA ILE C 51 -42.20 -19.92 -3.30
C ILE C 51 -41.08 -18.98 -3.69
N SER C 52 -40.27 -18.63 -2.72
CA SER C 52 -39.21 -17.68 -2.94
C SER C 52 -38.03 -18.26 -3.67
N CYS C 53 -37.86 -19.59 -3.63
CA CYS C 53 -36.98 -20.34 -4.52
C CYS C 53 -35.49 -20.03 -4.30
N TYR C 54 -35.21 -19.03 -3.49
CA TYR C 54 -33.92 -18.85 -2.84
C TYR C 54 -33.86 -19.62 -1.54
N ASN C 55 -34.94 -19.57 -0.75
CA ASN C 55 -34.99 -20.22 0.54
C ASN C 55 -36.32 -20.88 0.85
N GLY C 56 -37.22 -21.00 -0.13
CA GLY C 56 -38.45 -21.73 0.09
C GLY C 56 -39.49 -21.02 0.92
N ALA C 57 -39.38 -19.71 1.08
CA ALA C 57 -40.30 -18.95 1.91
C ALA C 57 -41.64 -18.83 1.19
N THR C 58 -42.58 -19.68 1.56
CA THR C 58 -43.84 -19.77 0.85
C THR C 58 -44.76 -18.61 1.19
N PHE C 59 -45.86 -18.53 0.44
CA PHE C 59 -47.01 -17.72 0.83
C PHE C 59 -48.23 -18.28 0.12
N TYR C 60 -49.20 -18.73 0.88
CA TYR C 60 -50.34 -19.46 0.36
C TYR C 60 -51.52 -18.53 0.18
N ASN C 61 -52.35 -18.83 -0.80
CA ASN C 61 -53.62 -18.15 -0.90
C ASN C 61 -54.50 -18.57 0.27
N GLN C 62 -55.49 -17.75 0.60
CA GLN C 62 -56.33 -18.04 1.77
C GLN C 62 -57.22 -19.25 1.54
N LYS C 63 -57.55 -19.56 0.29
CA LYS C 63 -58.38 -20.71 0.01
C LYS C 63 -57.56 -22.00 0.09
N PHE C 64 -56.38 -21.99 -0.51
CA PHE C 64 -55.49 -23.16 -0.56
C PHE C 64 -54.45 -23.11 0.54
N LYS C 65 -54.88 -22.96 1.79
CA LYS C 65 -53.96 -22.95 2.92
C LYS C 65 -54.13 -24.26 3.68
N GLY C 66 -53.04 -24.95 3.89
CA GLY C 66 -53.11 -26.25 4.55
C GLY C 66 -53.29 -27.41 3.62
N LYS C 67 -54.23 -27.32 2.70
CA LYS C 67 -54.44 -28.35 1.69
C LYS C 67 -53.66 -28.06 0.41
N ALA C 68 -52.39 -27.68 0.60
CA ALA C 68 -51.35 -27.51 -0.40
C ALA C 68 -50.06 -27.23 0.36
N THR C 69 -48.95 -27.78 -0.10
CA THR C 69 -47.70 -27.58 0.62
C THR C 69 -46.56 -27.55 -0.37
N PHE C 70 -45.82 -26.45 -0.40
CA PHE C 70 -44.80 -26.22 -1.40
C PHE C 70 -43.44 -26.63 -0.84
N THR C 71 -42.52 -26.99 -1.73
CA THR C 71 -41.13 -27.21 -1.34
C THR C 71 -40.25 -27.10 -2.58
N VAL C 72 -38.95 -26.96 -2.35
CA VAL C 72 -38.00 -26.79 -3.46
C VAL C 72 -37.00 -27.93 -3.48
N ASP C 73 -36.09 -27.87 -4.45
CA ASP C 73 -34.91 -28.75 -4.48
C ASP C 73 -33.84 -27.98 -5.26
N ASN C 74 -32.88 -27.41 -4.53
CA ASN C 74 -31.93 -26.50 -5.16
C ASN C 74 -30.89 -27.22 -6.02
N SER C 75 -30.52 -28.45 -5.63
CA SER C 75 -29.42 -29.12 -6.30
C SER C 75 -29.82 -29.56 -7.71
N SER C 76 -30.96 -30.22 -7.83
CA SER C 76 -31.46 -30.59 -9.16
C SER C 76 -32.23 -29.45 -9.83
N SER C 77 -32.37 -28.32 -9.14
CA SER C 77 -33.03 -27.11 -9.64
C SER C 77 -34.47 -27.38 -10.05
N THR C 78 -35.26 -27.88 -9.10
CA THR C 78 -36.66 -28.18 -9.33
C THR C 78 -37.50 -27.55 -8.23
N ALA C 79 -38.78 -27.36 -8.53
CA ALA C 79 -39.77 -26.98 -7.55
C ALA C 79 -40.79 -28.10 -7.41
N TYR C 80 -41.49 -28.12 -6.28
CA TYR C 80 -42.44 -29.19 -6.00
C TYR C 80 -43.61 -28.63 -5.22
N MET C 81 -44.76 -29.25 -5.36
CA MET C 81 -45.79 -29.11 -4.35
C MET C 81 -46.44 -30.46 -4.09
N LYS C 82 -46.57 -30.79 -2.81
CA LYS C 82 -47.36 -31.91 -2.35
C LYS C 82 -48.75 -31.40 -2.04
N PHE C 83 -49.76 -31.98 -2.70
CA PHE C 83 -51.10 -31.42 -2.68
C PHE C 83 -52.00 -32.47 -2.04
N ASN C 84 -52.00 -32.49 -0.70
CA ASN C 84 -52.53 -33.59 0.09
C ASN C 84 -54.02 -33.45 0.36
N SER C 85 -54.65 -34.59 0.69
CA SER C 85 -56.07 -34.70 1.01
C SER C 85 -56.94 -34.19 -0.15
N LEU C 86 -56.85 -34.93 -1.24
CA LEU C 86 -57.51 -34.56 -2.48
C LEU C 86 -59.02 -34.73 -2.37
N THR C 87 -59.74 -33.98 -3.21
CA THR C 87 -61.16 -34.20 -3.46
C THR C 87 -61.39 -34.17 -4.96
N PHE C 88 -62.64 -34.30 -5.38
CA PHE C 88 -62.97 -34.17 -6.79
C PHE C 88 -62.79 -32.74 -7.28
N GLU C 89 -62.89 -31.75 -6.41
CA GLU C 89 -62.72 -30.36 -6.79
C GLU C 89 -61.26 -29.95 -6.93
N ASP C 90 -60.35 -30.91 -6.98
CA ASP C 90 -58.92 -30.63 -7.14
C ASP C 90 -58.35 -31.33 -8.35
N SER C 91 -59.18 -31.75 -9.29
CA SER C 91 -58.71 -32.30 -10.56
C SER C 91 -58.65 -31.15 -11.55
N ALA C 92 -57.44 -30.77 -11.97
CA ALA C 92 -57.27 -29.53 -12.70
C ALA C 92 -55.98 -29.60 -13.49
N VAL C 93 -55.51 -28.44 -13.98
CA VAL C 93 -54.24 -28.30 -14.67
C VAL C 93 -53.42 -27.28 -13.91
N TYR C 94 -52.25 -27.68 -13.45
CA TYR C 94 -51.46 -26.84 -12.56
C TYR C 94 -50.26 -26.29 -13.31
N TYR C 95 -50.03 -24.99 -13.21
CA TYR C 95 -48.92 -24.31 -13.88
C TYR C 95 -47.97 -23.72 -12.87
N CYS C 96 -46.75 -23.49 -13.33
CA CYS C 96 -45.71 -22.81 -12.58
C CYS C 96 -45.17 -21.68 -13.44
N ALA C 97 -45.10 -20.49 -12.88
CA ALA C 97 -44.56 -19.34 -13.56
C ALA C 97 -43.38 -18.82 -12.77
N ARG C 98 -42.49 -18.07 -13.42
CA ARG C 98 -41.38 -17.48 -12.71
C ARG C 98 -41.53 -15.97 -12.71
N LEU C 99 -41.30 -15.36 -11.56
CA LEU C 99 -41.39 -13.92 -11.41
C LEU C 99 -40.06 -13.41 -10.86
N PRO C 100 -39.54 -12.30 -11.36
CA PRO C 100 -38.27 -11.81 -10.83
C PRO C 100 -38.44 -11.24 -9.42
N ILE C 101 -37.55 -11.65 -8.52
CA ILE C 101 -37.69 -11.24 -7.13
C ILE C 101 -37.29 -9.79 -6.96
N GLN C 102 -36.52 -9.26 -7.90
CA GLN C 102 -35.94 -7.94 -7.73
C GLN C 102 -36.99 -6.87 -7.92
N PHE C 103 -37.96 -7.15 -8.77
CA PHE C 103 -39.17 -6.36 -8.97
C PHE C 103 -40.36 -7.29 -9.19
N GLY C 104 -40.93 -7.78 -8.09
CA GLY C 104 -42.20 -8.46 -8.17
C GLY C 104 -43.32 -7.44 -8.16
N ASN C 105 -44.51 -7.87 -8.56
CA ASN C 105 -45.76 -7.11 -8.68
C ASN C 105 -45.71 -6.14 -9.86
N PHE C 106 -44.53 -5.79 -10.34
CA PHE C 106 -44.33 -4.68 -11.27
C PHE C 106 -43.80 -5.19 -12.60
N TYR C 107 -43.98 -6.47 -12.88
CA TYR C 107 -43.34 -7.11 -14.01
C TYR C 107 -44.15 -8.38 -14.26
N PRO C 108 -44.37 -8.78 -15.50
CA PRO C 108 -45.26 -9.92 -15.74
C PRO C 108 -44.61 -11.24 -15.40
N MET C 109 -45.45 -12.21 -15.09
CA MET C 109 -45.01 -13.61 -15.07
C MET C 109 -44.80 -14.04 -16.50
N ASP C 110 -43.54 -14.07 -16.91
CA ASP C 110 -43.15 -14.05 -18.31
C ASP C 110 -42.89 -15.42 -18.92
N TYR C 111 -42.40 -16.39 -18.16
CA TYR C 111 -42.18 -17.74 -18.65
C TYR C 111 -42.94 -18.74 -17.79
N TRP C 112 -43.46 -19.77 -18.43
CA TRP C 112 -44.50 -20.63 -17.86
C TRP C 112 -44.20 -22.08 -18.20
N GLY C 113 -44.61 -22.98 -17.32
CA GLY C 113 -44.54 -24.38 -17.64
C GLY C 113 -45.64 -24.77 -18.58
N GLN C 114 -45.59 -26.02 -19.07
CA GLN C 114 -46.60 -26.46 -20.01
C GLN C 114 -47.85 -27.02 -19.33
N GLY C 115 -47.86 -27.12 -18.01
CA GLY C 115 -49.06 -27.52 -17.33
C GLY C 115 -49.19 -29.00 -17.08
N THR C 116 -49.35 -29.39 -15.82
CA THR C 116 -49.50 -30.79 -15.44
C THR C 116 -50.91 -31.03 -14.96
N THR C 117 -51.62 -31.94 -15.60
CA THR C 117 -53.00 -32.22 -15.23
C THR C 117 -53.06 -33.30 -14.17
N VAL C 118 -53.78 -33.01 -13.09
CA VAL C 118 -53.96 -33.92 -11.98
C VAL C 118 -55.41 -34.35 -11.97
N THR C 119 -55.65 -35.64 -12.21
CA THR C 119 -57.00 -36.20 -12.23
C THR C 119 -57.20 -37.02 -10.97
N VAL C 120 -58.13 -36.58 -10.14
CA VAL C 120 -58.39 -37.17 -8.83
C VAL C 120 -59.63 -38.02 -8.93
N SER C 121 -59.51 -39.29 -8.60
CA SER C 121 -60.62 -40.21 -8.77
C SER C 121 -60.87 -40.97 -7.47
N SER C 122 -61.89 -41.82 -7.52
CA SER C 122 -62.18 -42.74 -6.44
C SER C 122 -62.53 -44.13 -6.95
N ALA C 123 -62.60 -44.34 -8.25
CA ALA C 123 -63.07 -45.59 -8.82
C ALA C 123 -61.89 -46.52 -9.11
N LYS C 124 -62.23 -47.73 -9.52
CA LYS C 124 -61.25 -48.75 -9.86
C LYS C 124 -61.14 -48.90 -11.36
N THR C 125 -60.04 -49.52 -11.78
CA THR C 125 -59.74 -49.71 -13.20
C THR C 125 -60.79 -50.62 -13.82
N THR C 126 -61.64 -50.04 -14.65
CA THR C 126 -62.88 -50.68 -15.08
C THR C 126 -62.83 -50.94 -16.58
N ALA C 127 -63.35 -52.09 -16.99
CA ALA C 127 -63.46 -52.37 -18.41
C ALA C 127 -64.54 -51.51 -19.04
N PRO C 128 -64.36 -51.08 -20.29
CA PRO C 128 -65.38 -50.25 -20.94
C PRO C 128 -66.61 -51.03 -21.35
N SER C 129 -67.58 -50.34 -21.95
CA SER C 129 -68.79 -50.97 -22.48
C SER C 129 -69.06 -50.35 -23.84
N VAL C 130 -68.57 -50.99 -24.90
CA VAL C 130 -68.63 -50.41 -26.23
C VAL C 130 -69.94 -50.82 -26.90
N TYR C 131 -70.73 -49.84 -27.30
CA TYR C 131 -72.05 -50.06 -27.84
C TYR C 131 -72.13 -49.47 -29.24
N PRO C 132 -72.65 -50.21 -30.21
CA PRO C 132 -72.87 -49.64 -31.55
C PRO C 132 -74.11 -48.77 -31.58
N LEU C 133 -74.10 -47.78 -32.47
CA LEU C 133 -75.20 -46.84 -32.65
C LEU C 133 -75.52 -46.84 -34.13
N ALA C 134 -76.47 -47.69 -34.51
CA ALA C 134 -77.01 -47.68 -35.84
C ALA C 134 -77.89 -46.46 -36.04
N PRO C 135 -78.17 -46.09 -37.29
CA PRO C 135 -79.24 -45.11 -37.53
C PRO C 135 -80.59 -45.65 -37.09
N VAL C 136 -81.52 -44.73 -36.85
CA VAL C 136 -82.85 -45.11 -36.41
C VAL C 136 -83.56 -45.85 -37.54
N CYS C 137 -84.20 -46.96 -37.20
CA CYS C 137 -84.78 -47.84 -38.21
C CYS C 137 -86.04 -47.23 -38.79
N GLY C 138 -86.29 -47.52 -40.06
CA GLY C 138 -87.39 -46.91 -40.77
C GLY C 138 -86.93 -46.26 -42.05
N ASP C 139 -87.02 -44.93 -42.12
CA ASP C 139 -86.55 -44.23 -43.30
C ASP C 139 -85.03 -44.14 -43.33
N THR C 140 -84.49 -44.11 -44.55
CA THR C 140 -83.11 -43.68 -44.80
C THR C 140 -83.19 -42.64 -45.92
N THR C 141 -83.52 -41.41 -45.55
CA THR C 141 -83.86 -40.41 -46.55
C THR C 141 -82.62 -39.77 -47.16
N GLY C 142 -81.57 -39.57 -46.38
CA GLY C 142 -80.40 -38.85 -46.84
C GLY C 142 -79.38 -39.80 -47.46
N SER C 143 -78.75 -39.34 -48.54
CA SER C 143 -77.71 -40.13 -49.16
C SER C 143 -76.44 -40.15 -48.32
N SER C 144 -76.25 -39.16 -47.47
CA SER C 144 -75.22 -39.23 -46.46
C SER C 144 -75.78 -39.93 -45.21
N VAL C 145 -74.91 -40.63 -44.50
CA VAL C 145 -75.30 -41.39 -43.32
C VAL C 145 -74.20 -41.26 -42.28
N THR C 146 -74.61 -41.19 -41.02
CA THR C 146 -73.73 -41.07 -39.87
C THR C 146 -73.86 -42.33 -39.03
N LEU C 147 -72.73 -42.94 -38.71
CA LEU C 147 -72.69 -44.14 -37.88
C LEU C 147 -72.03 -43.82 -36.56
N GLY C 148 -72.57 -44.34 -35.46
CA GLY C 148 -72.06 -44.03 -34.14
C GLY C 148 -71.53 -45.25 -33.43
N CYS C 149 -70.60 -45.02 -32.51
CA CYS C 149 -70.18 -46.02 -31.53
C CYS C 149 -69.85 -45.27 -30.25
N LEU C 150 -70.42 -45.68 -29.12
CA LEU C 150 -70.13 -45.00 -27.87
C LEU C 150 -69.49 -45.98 -26.90
N VAL C 151 -68.42 -45.53 -26.26
CA VAL C 151 -67.70 -46.31 -25.26
C VAL C 151 -68.16 -45.79 -23.91
N LYS C 152 -68.85 -46.62 -23.14
CA LYS C 152 -69.55 -46.17 -21.95
C LYS C 152 -68.92 -46.74 -20.68
N GLY C 153 -68.78 -45.87 -19.68
CA GLY C 153 -68.56 -46.31 -18.32
C GLY C 153 -67.16 -46.71 -17.96
N TYR C 154 -66.17 -46.41 -18.80
CA TYR C 154 -64.83 -46.92 -18.54
C TYR C 154 -64.11 -46.07 -17.50
N PHE C 155 -62.91 -46.49 -17.19
CA PHE C 155 -61.91 -45.80 -16.38
C PHE C 155 -60.64 -46.61 -16.54
N PRO C 156 -59.45 -46.00 -16.63
CA PRO C 156 -59.12 -44.58 -16.61
C PRO C 156 -58.83 -44.01 -17.98
N GLU C 157 -58.34 -42.78 -17.99
CA GLU C 157 -57.90 -42.14 -19.21
C GLU C 157 -56.65 -42.84 -19.74
N PRO C 158 -56.49 -42.96 -21.07
CA PRO C 158 -57.51 -42.72 -22.09
C PRO C 158 -58.00 -44.01 -22.74
N VAL C 159 -58.99 -43.88 -23.62
CA VAL C 159 -59.35 -44.92 -24.56
C VAL C 159 -58.89 -44.50 -25.94
N THR C 160 -58.10 -45.35 -26.58
CA THR C 160 -57.71 -45.13 -27.97
C THR C 160 -58.76 -45.80 -28.85
N LEU C 161 -59.69 -45.01 -29.36
CA LEU C 161 -60.69 -45.49 -30.29
C LEU C 161 -60.20 -45.26 -31.71
N THR C 162 -60.60 -46.14 -32.62
CA THR C 162 -60.21 -46.03 -34.01
C THR C 162 -61.27 -46.67 -34.87
N TRP C 163 -61.67 -45.96 -35.93
CA TRP C 163 -62.67 -46.44 -36.87
C TRP C 163 -62.06 -47.25 -38.01
N ASN C 164 -62.65 -48.42 -38.28
CA ASN C 164 -62.37 -49.24 -39.46
C ASN C 164 -60.89 -49.62 -39.53
N SER C 165 -60.30 -49.87 -38.36
CA SER C 165 -58.88 -50.22 -38.19
C SER C 165 -57.95 -49.16 -38.77
N GLY C 166 -58.37 -47.91 -38.78
CA GLY C 166 -57.54 -46.82 -39.24
C GLY C 166 -57.65 -46.48 -40.71
N SER C 167 -58.47 -47.21 -41.46
CA SER C 167 -58.57 -46.99 -42.90
C SER C 167 -59.61 -45.95 -43.29
N LEU C 168 -60.44 -45.50 -42.36
CA LEU C 168 -61.52 -44.56 -42.67
C LEU C 168 -61.35 -43.32 -41.81
N SER C 169 -61.10 -42.19 -42.46
CA SER C 169 -60.91 -40.91 -41.78
C SER C 169 -61.64 -39.80 -42.52
N SER C 170 -62.91 -40.05 -42.86
CA SER C 170 -63.67 -39.13 -43.68
C SER C 170 -64.88 -38.57 -42.93
N GLY C 171 -64.66 -38.10 -41.71
CA GLY C 171 -65.75 -37.68 -40.87
C GLY C 171 -65.65 -38.25 -39.48
N VAL C 172 -64.46 -38.69 -39.10
CA VAL C 172 -64.22 -39.20 -37.75
C VAL C 172 -64.27 -38.03 -36.79
N HIS C 173 -65.32 -37.96 -35.99
CA HIS C 173 -65.44 -37.01 -34.90
C HIS C 173 -65.38 -37.80 -33.60
N THR C 174 -64.40 -37.47 -32.76
CA THR C 174 -64.22 -38.15 -31.49
C THR C 174 -64.21 -37.11 -30.39
N PHE C 175 -65.20 -37.14 -29.55
CA PHE C 175 -65.50 -36.13 -28.56
C PHE C 175 -64.69 -36.36 -27.30
N PRO C 176 -64.51 -35.34 -26.47
CA PRO C 176 -63.85 -35.56 -25.18
C PRO C 176 -64.68 -36.45 -24.27
N ALA C 177 -64.00 -37.04 -23.29
CA ALA C 177 -64.63 -37.96 -22.36
C ALA C 177 -65.41 -37.18 -21.31
N VAL C 178 -66.72 -37.35 -21.33
CA VAL C 178 -67.61 -36.75 -20.35
C VAL C 178 -67.66 -37.64 -19.13
N LEU C 179 -67.65 -37.04 -17.95
CA LEU C 179 -67.62 -37.79 -16.70
C LEU C 179 -69.03 -37.91 -16.12
N GLN C 180 -69.42 -39.13 -15.73
CA GLN C 180 -70.69 -39.35 -15.06
C GLN C 180 -70.56 -40.48 -14.03
N SER C 181 -70.97 -40.18 -12.79
CA SER C 181 -70.92 -41.11 -11.66
C SER C 181 -69.53 -41.72 -11.52
N ASP C 182 -68.53 -40.84 -11.43
CA ASP C 182 -67.08 -41.03 -11.52
C ASP C 182 -66.71 -42.17 -12.48
N LEU C 183 -67.31 -42.18 -13.66
CA LEU C 183 -66.93 -43.09 -14.74
C LEU C 183 -67.02 -42.33 -16.06
N TYR C 184 -66.01 -42.47 -16.91
CA TYR C 184 -65.96 -41.71 -18.13
C TYR C 184 -66.98 -42.22 -19.15
N THR C 185 -67.11 -41.48 -20.25
CA THR C 185 -68.01 -41.81 -21.34
C THR C 185 -67.50 -41.10 -22.58
N LEU C 186 -67.33 -41.84 -23.67
CA LEU C 186 -66.83 -41.26 -24.90
C LEU C 186 -67.76 -41.67 -26.03
N SER C 187 -67.77 -40.88 -27.07
CA SER C 187 -68.65 -41.13 -28.20
C SER C 187 -67.86 -40.92 -29.48
N SER C 188 -68.37 -41.49 -30.57
CA SER C 188 -67.72 -41.27 -31.85
C SER C 188 -68.72 -41.49 -32.98
N SER C 189 -68.46 -40.84 -34.11
CA SER C 189 -69.33 -40.94 -35.27
C SER C 189 -68.51 -40.80 -36.54
N VAL C 190 -69.08 -41.25 -37.65
CA VAL C 190 -68.46 -41.14 -38.96
C VAL C 190 -69.58 -40.85 -39.95
N THR C 191 -69.20 -40.37 -41.13
CA THR C 191 -70.16 -40.09 -42.19
C THR C 191 -69.67 -40.72 -43.48
N VAL C 192 -70.47 -41.61 -44.04
CA VAL C 192 -70.21 -42.19 -45.36
C VAL C 192 -71.50 -42.05 -46.18
N THR C 193 -71.51 -42.61 -47.38
CA THR C 193 -72.68 -42.48 -48.24
C THR C 193 -73.69 -43.60 -47.97
N SER C 194 -74.88 -43.46 -48.56
CA SER C 194 -75.92 -44.48 -48.44
C SER C 194 -75.63 -45.70 -49.31
N SER C 195 -74.80 -45.56 -50.33
CA SER C 195 -74.37 -46.71 -51.12
C SER C 195 -73.11 -47.36 -50.57
N THR C 196 -72.43 -46.69 -49.63
CA THR C 196 -71.27 -47.31 -48.98
C THR C 196 -71.73 -48.37 -47.98
N TRP C 197 -72.44 -47.94 -46.95
CA TRP C 197 -73.07 -48.74 -45.91
C TRP C 197 -74.57 -48.83 -46.19
N PRO C 198 -75.25 -49.98 -45.97
CA PRO C 198 -74.77 -51.30 -45.55
C PRO C 198 -74.35 -52.19 -46.70
N SER C 199 -73.72 -51.62 -47.72
CA SER C 199 -73.16 -52.45 -48.78
C SER C 199 -71.74 -52.89 -48.45
N GLN C 200 -70.97 -52.05 -47.76
CA GLN C 200 -69.61 -52.36 -47.39
C GLN C 200 -69.54 -52.65 -45.89
N SER C 201 -68.33 -52.83 -45.39
CA SER C 201 -68.08 -53.16 -44.00
C SER C 201 -67.71 -51.92 -43.20
N ILE C 202 -68.00 -51.97 -41.90
CA ILE C 202 -67.67 -50.89 -40.97
C ILE C 202 -67.66 -51.45 -39.55
N THR C 203 -66.63 -51.06 -38.79
CA THR C 203 -66.48 -51.57 -37.43
C THR C 203 -65.77 -50.53 -36.59
N CYS C 204 -66.00 -50.58 -35.28
CA CYS C 204 -65.31 -49.70 -34.35
CA CYS C 204 -65.33 -49.71 -34.33
C CYS C 204 -64.33 -50.52 -33.53
N ASN C 205 -63.05 -50.18 -33.64
CA ASN C 205 -61.97 -50.85 -32.95
C ASN C 205 -61.59 -50.00 -31.74
N VAL C 206 -61.98 -50.46 -30.56
CA VAL C 206 -61.80 -49.73 -29.32
C VAL C 206 -60.69 -50.41 -28.53
N ALA C 207 -59.68 -49.65 -28.12
CA ALA C 207 -58.54 -50.23 -27.42
C ALA C 207 -58.33 -49.47 -26.11
N HIS C 208 -58.36 -50.20 -25.01
CA HIS C 208 -58.09 -49.66 -23.67
C HIS C 208 -56.86 -50.35 -23.12
N PRO C 209 -55.82 -49.60 -22.75
CA PRO C 209 -54.58 -50.21 -22.24
C PRO C 209 -54.70 -50.95 -20.91
N ALA C 210 -55.22 -50.30 -19.87
CA ALA C 210 -55.10 -50.82 -18.52
C ALA C 210 -55.97 -52.05 -18.27
N SER C 211 -57.05 -52.23 -19.04
CA SER C 211 -57.80 -53.47 -19.00
C SER C 211 -57.42 -54.42 -20.14
N SER C 212 -56.44 -54.02 -20.96
CA SER C 212 -55.87 -54.84 -22.04
C SER C 212 -56.94 -55.29 -23.03
N THR C 213 -57.80 -54.37 -23.42
CA THR C 213 -59.06 -54.71 -24.07
C THR C 213 -59.09 -54.12 -25.46
N LYS C 214 -59.44 -54.95 -26.45
CA LYS C 214 -59.61 -54.50 -27.84
C LYS C 214 -60.94 -55.06 -28.33
N VAL C 215 -61.99 -54.27 -28.19
CA VAL C 215 -63.31 -54.67 -28.63
C VAL C 215 -63.49 -54.24 -30.08
N ASP C 216 -64.04 -55.15 -30.90
CA ASP C 216 -64.26 -54.90 -32.31
C ASP C 216 -65.76 -55.00 -32.56
N LYS C 217 -66.45 -53.86 -32.53
CA LYS C 217 -67.90 -53.87 -32.73
C LYS C 217 -68.19 -53.53 -34.19
N LYS C 218 -68.46 -54.54 -34.98
CA LYS C 218 -68.99 -54.32 -36.32
C LYS C 218 -70.46 -53.96 -36.19
N ILE C 219 -70.82 -52.76 -36.64
CA ILE C 219 -72.16 -52.25 -36.38
C ILE C 219 -73.12 -52.89 -37.37
N GLU C 220 -74.31 -53.23 -36.88
CA GLU C 220 -75.34 -53.78 -37.72
C GLU C 220 -76.56 -52.88 -37.68
N PRO C 221 -77.36 -52.85 -38.74
CA PRO C 221 -78.56 -52.01 -38.72
C PRO C 221 -79.55 -52.50 -37.69
N ARG C 222 -80.38 -51.58 -37.21
CA ARG C 222 -81.50 -51.96 -36.36
C ARG C 222 -82.52 -52.70 -37.22
N GLY C 223 -82.82 -53.93 -36.87
CA GLY C 223 -83.64 -54.80 -37.69
C GLY C 223 -85.11 -54.62 -37.38
N PRO C 224 -85.75 -55.66 -36.86
CA PRO C 224 -87.15 -55.49 -36.42
C PRO C 224 -87.27 -54.66 -35.15
N THR C 225 -86.36 -54.85 -34.20
CA THR C 225 -86.35 -54.06 -32.98
C THR C 225 -84.93 -53.55 -32.67
#